data_1TE7
#
_entry.id   1TE7
#
_entity_poly.entity_id   1
_entity_poly.type   'polypeptide(L)'
_entity_poly.pdbx_seq_one_letter_code
;MQPNDITFFQRFQDDILAGRKTITIRDESESHFKTGDVLRVGRFEDDGYFCTIEVTATSTVTLDTLTEKHAEQENMTLTE
LKKVIADIYPGQTQFYVIEFKCL
;
_entity_poly.pdbx_strand_id   A
#
# COMPACT_ATOMS: atom_id res chain seq x y z
N MET A 1 22.74 -1.48 -7.08
CA MET A 1 21.58 -1.03 -6.33
C MET A 1 20.30 -1.20 -7.16
N GLN A 2 19.17 -1.13 -6.46
CA GLN A 2 17.88 -1.27 -7.12
C GLN A 2 16.82 -0.45 -6.37
N PRO A 3 15.87 0.12 -7.18
CA PRO A 3 14.81 0.92 -6.61
C PRO A 3 13.75 0.04 -5.93
N ASN A 4 12.84 0.70 -5.25
CA ASN A 4 11.77 -0.01 -4.55
C ASN A 4 10.60 -0.23 -5.51
N ASP A 5 9.76 -1.19 -5.17
CA ASP A 5 8.60 -1.50 -5.98
C ASP A 5 7.39 -0.76 -5.44
N ILE A 6 7.13 -0.94 -4.16
CA ILE A 6 6.01 -0.29 -3.51
C ILE A 6 6.35 -0.06 -2.03
N THR A 7 5.89 1.09 -1.53
CA THR A 7 6.14 1.44 -0.14
C THR A 7 4.86 1.26 0.69
N PHE A 8 5.00 1.49 1.99
CA PHE A 8 3.88 1.35 2.90
C PHE A 8 4.15 2.07 4.22
N PHE A 9 3.32 3.07 4.49
CA PHE A 9 3.46 3.84 5.71
C PHE A 9 3.87 2.94 6.88
N GLN A 10 4.50 3.56 7.88
CA GLN A 10 4.94 2.84 9.05
C GLN A 10 3.82 1.96 9.60
N ARG A 11 2.65 2.58 9.73
CA ARG A 11 1.48 1.87 10.24
C ARG A 11 1.15 0.68 9.35
N PHE A 12 1.13 0.93 8.05
CA PHE A 12 0.83 -0.12 7.08
C PHE A 12 1.92 -1.19 7.09
N GLN A 13 3.15 -0.73 7.24
CA GLN A 13 4.28 -1.65 7.28
C GLN A 13 4.20 -2.58 8.48
N ASP A 14 3.90 -1.98 9.62
CA ASP A 14 3.78 -2.74 10.86
C ASP A 14 2.68 -3.80 10.70
N ASP A 15 1.55 -3.35 10.19
CA ASP A 15 0.42 -4.23 9.98
C ASP A 15 0.83 -5.37 9.04
N ILE A 16 1.66 -5.00 8.06
CA ILE A 16 2.13 -5.97 7.09
C ILE A 16 2.98 -7.03 7.80
N LEU A 17 3.85 -6.56 8.67
CA LEU A 17 4.72 -7.45 9.42
C LEU A 17 3.86 -8.44 10.22
N ALA A 18 2.64 -8.02 10.50
CA ALA A 18 1.71 -8.85 11.25
C ALA A 18 1.00 -9.80 10.29
N GLY A 19 1.47 -9.81 9.06
CA GLY A 19 0.89 -10.67 8.03
C GLY A 19 -0.45 -10.10 7.54
N ARG A 20 -1.49 -10.90 7.72
CA ARG A 20 -2.83 -10.50 7.30
C ARG A 20 -2.77 -9.83 5.92
N LYS A 21 -2.99 -10.65 4.90
CA LYS A 21 -2.97 -10.16 3.53
C LYS A 21 -3.66 -8.80 3.47
N THR A 22 -3.19 -7.97 2.55
CA THR A 22 -3.76 -6.65 2.38
C THR A 22 -3.63 -6.19 0.93
N ILE A 23 -4.51 -5.28 0.54
CA ILE A 23 -4.51 -4.75 -0.81
C ILE A 23 -3.73 -3.44 -0.85
N THR A 24 -3.22 -3.11 -2.03
CA THR A 24 -2.45 -1.88 -2.20
C THR A 24 -3.08 -1.02 -3.30
N ILE A 25 -2.54 0.18 -3.44
CA ILE A 25 -3.03 1.11 -4.44
C ILE A 25 -1.84 1.76 -5.15
N ARG A 26 -1.90 1.72 -6.48
CA ARG A 26 -0.84 2.30 -7.28
C ARG A 26 -1.43 3.21 -8.37
N ASP A 27 -0.55 3.92 -9.05
CA ASP A 27 -0.97 4.81 -10.11
C ASP A 27 -0.56 4.22 -11.46
N GLU A 28 -1.52 4.17 -12.37
CA GLU A 28 -1.28 3.63 -13.70
C GLU A 28 -0.03 4.27 -14.30
N SER A 29 0.06 5.58 -14.16
CA SER A 29 1.20 6.32 -14.68
C SER A 29 2.49 5.83 -14.03
N GLU A 30 2.32 5.09 -12.95
CA GLU A 30 3.47 4.55 -12.22
C GLU A 30 3.36 3.02 -12.12
N SER A 31 2.52 2.47 -12.98
CA SER A 31 2.32 1.03 -13.00
C SER A 31 3.65 0.32 -12.76
N HIS A 32 3.79 -0.19 -11.54
CA HIS A 32 5.01 -0.90 -11.17
C HIS A 32 4.90 -2.38 -11.59
N PHE A 33 5.35 -3.24 -10.71
CA PHE A 33 5.30 -4.67 -10.97
C PHE A 33 3.89 -5.12 -11.33
N LYS A 34 3.69 -6.43 -11.34
CA LYS A 34 2.40 -7.00 -11.66
C LYS A 34 2.10 -8.16 -10.70
N THR A 35 1.02 -8.85 -10.98
CA THR A 35 0.62 -9.99 -10.17
C THR A 35 1.56 -11.17 -10.39
N GLY A 36 1.52 -12.11 -9.46
CA GLY A 36 2.36 -13.29 -9.54
C GLY A 36 3.84 -12.91 -9.52
N ASP A 37 4.09 -11.66 -9.14
CA ASP A 37 5.46 -11.16 -9.07
C ASP A 37 5.80 -10.81 -7.63
N VAL A 38 6.94 -10.16 -7.46
CA VAL A 38 7.39 -9.77 -6.14
C VAL A 38 7.18 -8.27 -5.96
N LEU A 39 6.82 -7.90 -4.74
CA LEU A 39 6.58 -6.49 -4.42
C LEU A 39 7.46 -6.09 -3.24
N ARG A 40 8.52 -5.35 -3.55
CA ARG A 40 9.44 -4.90 -2.52
C ARG A 40 8.72 -3.99 -1.54
N VAL A 41 8.73 -4.41 -0.28
CA VAL A 41 8.09 -3.64 0.78
C VAL A 41 9.15 -2.84 1.54
N GLY A 42 8.74 -1.67 2.01
CA GLY A 42 9.64 -0.82 2.76
C GLY A 42 8.89 0.38 3.34
N ARG A 43 9.35 0.82 4.51
CA ARG A 43 8.73 1.96 5.17
C ARG A 43 9.17 3.27 4.51
N PHE A 44 8.18 4.13 4.29
CA PHE A 44 8.44 5.42 3.67
C PHE A 44 9.20 6.35 4.62
N GLU A 45 8.97 6.14 5.90
CA GLU A 45 9.63 6.95 6.92
C GLU A 45 11.13 7.03 6.65
N ASP A 46 11.71 5.87 6.41
CA ASP A 46 13.14 5.79 6.13
C ASP A 46 13.61 4.34 6.27
N ASP A 47 12.80 3.44 5.72
CA ASP A 47 13.11 2.01 5.77
C ASP A 47 12.73 1.37 4.44
N GLY A 48 12.52 2.21 3.45
CA GLY A 48 12.15 1.74 2.12
C GLY A 48 12.92 0.47 1.76
N TYR A 49 12.35 -0.29 0.85
CA TYR A 49 12.96 -1.54 0.40
C TYR A 49 13.63 -2.26 1.58
N PHE A 50 12.80 -2.69 2.52
CA PHE A 50 13.29 -3.40 3.69
C PHE A 50 13.17 -4.92 3.51
N CYS A 51 12.02 -5.33 2.98
CA CYS A 51 11.77 -6.74 2.74
C CYS A 51 11.08 -6.89 1.39
N THR A 52 10.89 -8.14 1.00
CA THR A 52 10.26 -8.43 -0.28
C THR A 52 8.98 -9.25 -0.06
N ILE A 53 7.98 -8.95 -0.87
CA ILE A 53 6.71 -9.65 -0.78
C ILE A 53 6.29 -10.11 -2.18
N GLU A 54 5.22 -10.89 -2.21
CA GLU A 54 4.71 -11.42 -3.46
C GLU A 54 3.23 -11.04 -3.63
N VAL A 55 2.87 -10.74 -4.87
CA VAL A 55 1.49 -10.37 -5.18
C VAL A 55 0.61 -11.61 -5.14
N THR A 56 -0.68 -11.37 -5.00
CA THR A 56 -1.65 -12.46 -4.95
C THR A 56 -2.81 -12.19 -5.91
N ALA A 57 -3.25 -10.95 -5.91
CA ALA A 57 -4.35 -10.55 -6.77
C ALA A 57 -4.24 -9.05 -7.08
N THR A 58 -5.05 -8.61 -8.03
CA THR A 58 -5.05 -7.22 -8.43
C THR A 58 -6.46 -6.78 -8.83
N SER A 59 -6.73 -5.49 -8.63
CA SER A 59 -8.03 -4.94 -8.96
C SER A 59 -7.91 -3.43 -9.18
N THR A 60 -8.98 -2.85 -9.71
CA THR A 60 -9.01 -1.43 -9.97
C THR A 60 -10.07 -0.74 -9.09
N VAL A 61 -9.59 0.01 -8.12
CA VAL A 61 -10.47 0.72 -7.21
C VAL A 61 -9.73 1.91 -6.62
N THR A 62 -10.48 2.73 -5.89
CA THR A 62 -9.91 3.90 -5.25
C THR A 62 -8.98 3.50 -4.10
N LEU A 63 -8.85 4.40 -3.15
CA LEU A 63 -8.00 4.14 -1.99
C LEU A 63 -8.86 3.73 -0.81
N ASP A 64 -9.57 4.70 -0.26
CA ASP A 64 -10.43 4.45 0.88
C ASP A 64 -11.44 3.36 0.51
N THR A 65 -11.49 3.04 -0.77
CA THR A 65 -12.39 2.02 -1.26
C THR A 65 -11.96 0.64 -0.75
N LEU A 66 -10.79 0.61 -0.14
CA LEU A 66 -10.25 -0.63 0.40
C LEU A 66 -9.02 -0.33 1.24
N THR A 67 -8.22 0.61 0.75
CA THR A 67 -7.01 1.00 1.46
C THR A 67 -7.27 1.12 2.96
N GLU A 68 -6.22 0.93 3.73
CA GLU A 68 -6.32 1.00 5.19
C GLU A 68 -7.09 2.26 5.59
N LYS A 69 -7.07 3.25 4.70
CA LYS A 69 -7.75 4.49 4.96
C LYS A 69 -9.18 4.21 5.43
N HIS A 70 -9.72 3.10 4.94
CA HIS A 70 -11.07 2.70 5.29
C HIS A 70 -11.10 2.25 6.76
N ALA A 71 -10.24 1.29 7.07
CA ALA A 71 -10.15 0.77 8.42
C ALA A 71 -9.88 1.92 9.39
N GLU A 72 -9.08 2.88 8.93
CA GLU A 72 -8.74 4.03 9.74
C GLU A 72 -9.94 4.96 9.87
N GLN A 73 -10.60 5.20 8.74
CA GLN A 73 -11.76 6.07 8.72
C GLN A 73 -12.75 5.67 9.81
N GLU A 74 -12.85 4.35 10.02
CA GLU A 74 -13.75 3.82 11.03
C GLU A 74 -12.99 3.53 12.32
N ASN A 75 -11.91 4.27 12.52
CA ASN A 75 -11.09 4.10 13.71
C ASN A 75 -10.50 5.45 14.12
N MET A 76 -9.71 6.01 13.22
CA MET A 76 -9.07 7.29 13.48
C MET A 76 -9.96 8.44 12.98
N THR A 77 -9.49 9.66 13.23
CA THR A 77 -10.22 10.85 12.82
C THR A 77 -9.80 11.26 11.40
N LEU A 78 -10.34 12.39 10.97
CA LEU A 78 -10.04 12.91 9.65
C LEU A 78 -8.56 13.32 9.59
N THR A 79 -8.11 13.90 10.69
CA THR A 79 -6.73 14.35 10.78
C THR A 79 -5.77 13.19 10.50
N GLU A 80 -5.98 12.11 11.24
CA GLU A 80 -5.15 10.93 11.08
C GLU A 80 -5.23 10.41 9.65
N LEU A 81 -6.45 10.37 9.14
CA LEU A 81 -6.69 9.89 7.79
C LEU A 81 -5.89 10.76 6.81
N LYS A 82 -5.85 12.04 7.09
CA LYS A 82 -5.13 12.97 6.25
C LYS A 82 -3.62 12.76 6.44
N LYS A 83 -3.26 12.32 7.63
CA LYS A 83 -1.86 12.08 7.94
C LYS A 83 -1.36 10.89 7.12
N VAL A 84 -2.09 9.79 7.23
CA VAL A 84 -1.73 8.58 6.50
C VAL A 84 -1.82 8.85 4.99
N ILE A 85 -2.88 9.53 4.60
CA ILE A 85 -3.09 9.85 3.20
C ILE A 85 -1.90 10.66 2.69
N ALA A 86 -1.43 11.56 3.54
CA ALA A 86 -0.29 12.39 3.18
C ALA A 86 0.99 11.56 3.21
N ASP A 87 0.95 10.51 4.02
CA ASP A 87 2.09 9.62 4.15
C ASP A 87 2.11 8.64 2.97
N ILE A 88 0.92 8.37 2.45
CA ILE A 88 0.79 7.46 1.33
C ILE A 88 0.95 8.24 0.02
N TYR A 89 0.09 9.23 -0.13
CA TYR A 89 0.12 10.06 -1.34
C TYR A 89 -1.19 10.83 -1.50
N PRO A 90 -1.08 12.03 -2.14
CA PRO A 90 -2.25 12.87 -2.37
C PRO A 90 -3.12 12.30 -3.50
N GLY A 91 -4.29 12.91 -3.66
CA GLY A 91 -5.22 12.48 -4.69
C GLY A 91 -6.16 11.39 -4.16
N GLN A 92 -7.44 11.69 -4.20
CA GLN A 92 -8.45 10.76 -3.73
C GLN A 92 -9.35 10.33 -4.88
N THR A 93 -8.72 9.86 -5.95
CA THR A 93 -9.46 9.41 -7.12
C THR A 93 -9.13 7.96 -7.44
N GLN A 94 -10.08 7.29 -8.06
CA GLN A 94 -9.91 5.89 -8.42
C GLN A 94 -8.47 5.64 -8.87
N PHE A 95 -8.02 4.42 -8.64
CA PHE A 95 -6.66 4.04 -9.00
C PHE A 95 -6.53 2.51 -9.06
N TYR A 96 -5.30 2.07 -9.36
CA TYR A 96 -5.03 0.64 -9.44
C TYR A 96 -4.70 0.07 -8.07
N VAL A 97 -5.33 -1.05 -7.77
CA VAL A 97 -5.11 -1.72 -6.49
C VAL A 97 -4.52 -3.10 -6.74
N ILE A 98 -3.48 -3.40 -5.97
CA ILE A 98 -2.81 -4.69 -6.10
C ILE A 98 -2.77 -5.38 -4.73
N GLU A 99 -3.28 -6.60 -4.71
CA GLU A 99 -3.31 -7.38 -3.48
C GLU A 99 -2.09 -8.31 -3.41
N PHE A 100 -1.63 -8.52 -2.18
CA PHE A 100 -0.48 -9.38 -1.96
C PHE A 100 -0.58 -10.10 -0.61
N LYS A 101 0.26 -11.11 -0.45
CA LYS A 101 0.28 -11.88 0.78
C LYS A 101 1.72 -12.19 1.17
N CYS A 102 1.93 -12.35 2.47
CA CYS A 102 3.25 -12.65 2.98
C CYS A 102 3.41 -14.18 3.05
N LEU A 103 4.23 -14.69 2.16
CA LEU A 103 4.47 -16.12 2.10
C LEU A 103 4.61 -16.67 3.53
N MET A 1 20.79 -1.87 -9.21
CA MET A 1 20.54 -0.44 -9.24
C MET A 1 19.05 -0.14 -9.19
N GLN A 2 18.26 -1.15 -9.52
CA GLN A 2 16.81 -1.01 -9.51
C GLN A 2 16.32 -0.71 -8.10
N PRO A 3 15.57 0.42 -7.98
CA PRO A 3 15.03 0.83 -6.69
C PRO A 3 13.84 -0.04 -6.29
N ASN A 4 13.37 0.18 -5.08
CA ASN A 4 12.24 -0.58 -4.56
C ASN A 4 11.12 -0.60 -5.62
N ASP A 5 10.12 -1.42 -5.35
CA ASP A 5 9.00 -1.54 -6.26
C ASP A 5 7.87 -0.60 -5.82
N ILE A 6 7.60 -0.63 -4.52
CA ILE A 6 6.56 0.20 -3.95
C ILE A 6 6.74 0.28 -2.44
N THR A 7 6.54 1.47 -1.90
CA THR A 7 6.67 1.69 -0.47
C THR A 7 5.31 1.73 0.20
N PHE A 8 5.33 1.82 1.52
CA PHE A 8 4.09 1.88 2.28
C PHE A 8 4.32 2.55 3.63
N PHE A 9 3.44 3.51 3.94
CA PHE A 9 3.54 4.23 5.19
C PHE A 9 3.85 3.28 6.35
N GLN A 10 4.31 3.88 7.45
CA GLN A 10 4.64 3.10 8.64
C GLN A 10 3.46 2.20 9.02
N ARG A 11 2.30 2.83 9.17
CA ARG A 11 1.10 2.11 9.55
C ARG A 11 0.91 0.89 8.65
N PHE A 12 1.02 1.13 7.35
CA PHE A 12 0.86 0.06 6.37
C PHE A 12 1.96 -0.99 6.53
N GLN A 13 3.17 -0.50 6.78
CA GLN A 13 4.32 -1.37 6.95
C GLN A 13 4.05 -2.38 8.08
N ASP A 14 3.62 -1.83 9.21
CA ASP A 14 3.33 -2.65 10.37
C ASP A 14 2.25 -3.68 10.01
N ASP A 15 1.22 -3.19 9.35
CA ASP A 15 0.12 -4.04 8.94
C ASP A 15 0.66 -5.23 8.15
N ILE A 16 1.67 -4.95 7.33
CA ILE A 16 2.29 -5.98 6.52
C ILE A 16 3.04 -6.96 7.43
N LEU A 17 3.80 -6.39 8.35
CA LEU A 17 4.56 -7.20 9.28
C LEU A 17 3.61 -8.10 10.08
N ALA A 18 2.37 -7.65 10.17
CA ALA A 18 1.37 -8.41 10.89
C ALA A 18 0.92 -9.59 10.04
N GLY A 19 1.48 -9.68 8.85
CA GLY A 19 1.15 -10.76 7.94
C GLY A 19 -0.35 -10.83 7.69
N ARG A 20 -0.89 -9.73 7.14
CA ARG A 20 -2.31 -9.65 6.86
C ARG A 20 -2.53 -9.32 5.39
N LYS A 21 -2.76 -10.36 4.60
CA LYS A 21 -2.99 -10.18 3.17
C LYS A 21 -3.84 -8.93 2.95
N THR A 22 -3.17 -7.86 2.56
CA THR A 22 -3.84 -6.61 2.30
C THR A 22 -3.61 -6.16 0.85
N ILE A 23 -4.50 -5.30 0.39
CA ILE A 23 -4.40 -4.79 -0.97
C ILE A 23 -3.77 -3.39 -0.95
N THR A 24 -3.13 -3.05 -2.05
CA THR A 24 -2.47 -1.75 -2.17
C THR A 24 -3.09 -0.95 -3.31
N ILE A 25 -2.63 0.29 -3.43
CA ILE A 25 -3.13 1.17 -4.48
C ILE A 25 -1.94 1.74 -5.26
N ARG A 26 -2.12 1.82 -6.57
CA ARG A 26 -1.08 2.34 -7.44
C ARG A 26 -1.70 3.21 -8.55
N ASP A 27 -0.82 3.86 -9.29
CA ASP A 27 -1.26 4.73 -10.38
C ASP A 27 -0.92 4.06 -11.71
N GLU A 28 -1.91 4.08 -12.61
CA GLU A 28 -1.72 3.48 -13.92
C GLU A 28 -0.50 4.10 -14.62
N SER A 29 -0.37 5.41 -14.47
CA SER A 29 0.74 6.12 -15.08
C SER A 29 2.07 5.60 -14.51
N GLU A 30 1.96 4.87 -13.41
CA GLU A 30 3.14 4.31 -12.77
C GLU A 30 3.05 2.78 -12.75
N SER A 31 2.06 2.26 -13.46
CA SER A 31 1.86 0.83 -13.53
C SER A 31 3.22 0.11 -13.64
N HIS A 32 3.53 -0.65 -12.61
CA HIS A 32 4.79 -1.38 -12.57
C HIS A 32 4.51 -2.87 -12.72
N PHE A 33 5.18 -3.66 -11.89
CA PHE A 33 5.01 -5.10 -11.92
C PHE A 33 3.53 -5.48 -11.95
N LYS A 34 3.29 -6.78 -12.05
CA LYS A 34 1.93 -7.29 -12.10
C LYS A 34 1.79 -8.45 -11.10
N THR A 35 0.71 -9.20 -11.27
CA THR A 35 0.44 -10.33 -10.41
C THR A 35 1.43 -11.47 -10.71
N GLY A 36 1.74 -12.24 -9.67
CA GLY A 36 2.66 -13.35 -9.81
C GLY A 36 4.10 -12.89 -9.67
N ASP A 37 4.28 -11.58 -9.78
CA ASP A 37 5.61 -10.99 -9.66
C ASP A 37 5.94 -10.74 -8.19
N VAL A 38 7.01 -10.01 -7.97
CA VAL A 38 7.44 -9.68 -6.62
C VAL A 38 7.19 -8.20 -6.35
N LEU A 39 6.87 -7.90 -5.10
CA LEU A 39 6.61 -6.53 -4.70
C LEU A 39 7.47 -6.19 -3.49
N ARG A 40 8.46 -5.33 -3.73
CA ARG A 40 9.36 -4.91 -2.67
C ARG A 40 8.67 -3.90 -1.76
N VAL A 41 8.61 -4.24 -0.48
CA VAL A 41 7.99 -3.37 0.50
C VAL A 41 9.06 -2.51 1.17
N GLY A 42 8.85 -1.20 1.09
CA GLY A 42 9.78 -0.26 1.68
C GLY A 42 9.05 0.85 2.45
N ARG A 43 9.36 0.95 3.73
CA ARG A 43 8.74 1.95 4.58
C ARG A 43 9.08 3.35 4.09
N PHE A 44 8.23 4.30 4.45
CA PHE A 44 8.44 5.69 4.05
C PHE A 44 9.48 6.36 4.95
N GLU A 45 9.31 6.18 6.25
CA GLU A 45 10.23 6.77 7.22
C GLU A 45 11.66 6.69 6.70
N ASP A 46 11.93 5.65 5.93
CA ASP A 46 13.26 5.45 5.37
C ASP A 46 13.28 4.14 4.59
N ASP A 47 12.56 3.16 5.11
CA ASP A 47 12.50 1.86 4.48
C ASP A 47 11.91 0.85 5.46
N GLY A 48 12.01 1.18 6.74
CA GLY A 48 11.50 0.32 7.78
C GLY A 48 11.85 -1.14 7.50
N TYR A 49 10.85 -2.00 7.67
CA TYR A 49 11.04 -3.43 7.45
C TYR A 49 11.22 -3.72 5.95
N PHE A 50 12.21 -3.08 5.37
CA PHE A 50 12.50 -3.26 3.96
C PHE A 50 12.67 -4.75 3.61
N CYS A 51 11.71 -5.26 2.87
CA CYS A 51 11.74 -6.67 2.47
C CYS A 51 11.02 -6.80 1.13
N THR A 52 10.87 -8.04 0.70
CA THR A 52 10.20 -8.31 -0.56
C THR A 52 9.03 -9.28 -0.35
N ILE A 53 8.04 -9.16 -1.22
CA ILE A 53 6.87 -10.01 -1.14
C ILE A 53 6.38 -10.34 -2.55
N GLU A 54 5.41 -11.24 -2.61
CA GLU A 54 4.85 -11.65 -3.89
C GLU A 54 3.39 -11.21 -3.99
N VAL A 55 2.96 -10.97 -5.22
CA VAL A 55 1.59 -10.54 -5.48
C VAL A 55 0.66 -11.75 -5.35
N THR A 56 -0.59 -11.46 -5.02
CA THR A 56 -1.59 -12.51 -4.87
C THR A 56 -2.77 -12.24 -5.80
N ALA A 57 -3.16 -10.98 -5.87
CA ALA A 57 -4.28 -10.58 -6.71
C ALA A 57 -4.19 -9.09 -7.01
N THR A 58 -5.04 -8.65 -7.93
CA THR A 58 -5.06 -7.24 -8.31
C THR A 58 -6.47 -6.83 -8.73
N SER A 59 -6.78 -5.57 -8.49
CA SER A 59 -8.08 -5.03 -8.82
C SER A 59 -8.00 -3.51 -9.00
N THR A 60 -9.06 -2.96 -9.56
CA THR A 60 -9.12 -1.52 -9.78
C THR A 60 -10.18 -0.88 -8.87
N VAL A 61 -9.69 -0.11 -7.91
CA VAL A 61 -10.57 0.57 -6.98
C VAL A 61 -9.85 1.78 -6.39
N THR A 62 -10.61 2.58 -5.65
CA THR A 62 -10.06 3.76 -5.03
C THR A 62 -9.07 3.38 -3.92
N LEU A 63 -8.93 4.28 -2.96
CA LEU A 63 -8.02 4.06 -1.85
C LEU A 63 -8.81 3.59 -0.63
N ASP A 64 -9.55 4.54 -0.05
CA ASP A 64 -10.36 4.24 1.11
C ASP A 64 -11.34 3.11 0.78
N THR A 65 -11.39 2.78 -0.50
CA THR A 65 -12.27 1.71 -0.96
C THR A 65 -11.75 0.34 -0.51
N LEU A 66 -10.57 0.38 0.10
CA LEU A 66 -9.94 -0.85 0.58
C LEU A 66 -8.69 -0.50 1.39
N THR A 67 -7.96 0.48 0.88
CA THR A 67 -6.74 0.92 1.55
C THR A 67 -6.96 1.02 3.05
N GLU A 68 -5.88 0.86 3.79
CA GLU A 68 -5.94 0.94 5.24
C GLU A 68 -6.71 2.20 5.68
N LYS A 69 -6.72 3.17 4.79
CA LYS A 69 -7.41 4.43 5.07
C LYS A 69 -8.81 4.12 5.60
N HIS A 70 -9.37 3.02 5.12
CA HIS A 70 -10.70 2.61 5.54
C HIS A 70 -10.67 2.20 7.01
N ALA A 71 -9.77 1.26 7.30
CA ALA A 71 -9.63 0.76 8.67
C ALA A 71 -9.34 1.94 9.60
N GLU A 72 -8.53 2.87 9.10
CA GLU A 72 -8.17 4.04 9.88
C GLU A 72 -9.38 4.96 10.06
N GLN A 73 -10.09 5.16 8.96
CA GLN A 73 -11.27 6.01 8.98
C GLN A 73 -12.21 5.59 10.12
N GLU A 74 -12.24 4.30 10.37
CA GLU A 74 -13.09 3.76 11.41
C GLU A 74 -12.26 3.48 12.67
N ASN A 75 -11.21 4.26 12.82
CA ASN A 75 -10.33 4.11 13.98
C ASN A 75 -9.75 5.48 14.35
N MET A 76 -9.04 6.07 13.39
CA MET A 76 -8.44 7.37 13.61
C MET A 76 -9.39 8.50 13.19
N THR A 77 -8.93 9.72 13.40
CA THR A 77 -9.73 10.89 13.06
C THR A 77 -9.38 11.37 11.64
N LEU A 78 -10.18 12.32 11.18
CA LEU A 78 -9.98 12.86 9.84
C LEU A 78 -8.53 13.37 9.72
N THR A 79 -8.05 13.96 10.81
CA THR A 79 -6.70 14.48 10.83
C THR A 79 -5.69 13.39 10.47
N GLU A 80 -5.72 12.32 11.25
CA GLU A 80 -4.83 11.20 11.03
C GLU A 80 -4.99 10.67 9.60
N LEU A 81 -6.24 10.50 9.20
CA LEU A 81 -6.53 10.00 7.87
C LEU A 81 -5.84 10.89 6.83
N LYS A 82 -5.82 12.18 7.12
CA LYS A 82 -5.19 13.13 6.22
C LYS A 82 -3.67 12.97 6.30
N LYS A 83 -3.21 12.58 7.47
CA LYS A 83 -1.79 12.39 7.69
C LYS A 83 -1.30 11.22 6.84
N VAL A 84 -1.97 10.09 7.01
CA VAL A 84 -1.62 8.89 6.27
C VAL A 84 -1.81 9.15 4.77
N ILE A 85 -2.93 9.78 4.45
CA ILE A 85 -3.25 10.09 3.07
C ILE A 85 -2.12 10.92 2.47
N ALA A 86 -1.59 11.83 3.28
CA ALA A 86 -0.51 12.69 2.84
C ALA A 86 0.79 11.88 2.78
N ASP A 87 0.83 10.84 3.61
CA ASP A 87 2.01 9.98 3.66
C ASP A 87 1.97 8.99 2.49
N ILE A 88 0.75 8.70 2.05
CA ILE A 88 0.56 7.77 0.95
C ILE A 88 0.60 8.55 -0.37
N TYR A 89 -0.29 9.52 -0.48
CA TYR A 89 -0.37 10.33 -1.67
C TYR A 89 -1.68 11.13 -1.72
N PRO A 90 -1.61 12.34 -2.33
CA PRO A 90 -2.77 13.20 -2.44
C PRO A 90 -3.73 12.68 -3.51
N GLY A 91 -4.82 13.41 -3.70
CA GLY A 91 -5.81 13.05 -4.68
C GLY A 91 -6.53 11.75 -4.28
N GLN A 92 -7.82 11.89 -3.99
CA GLN A 92 -8.62 10.75 -3.60
C GLN A 92 -9.62 10.39 -4.70
N THR A 93 -9.17 9.55 -5.61
CA THR A 93 -10.01 9.12 -6.72
C THR A 93 -9.64 7.70 -7.16
N GLN A 94 -10.63 7.01 -7.72
CA GLN A 94 -10.43 5.64 -8.17
C GLN A 94 -9.01 5.48 -8.73
N PHE A 95 -8.45 4.30 -8.50
CA PHE A 95 -7.11 4.00 -8.98
C PHE A 95 -6.86 2.50 -9.00
N TYR A 96 -5.65 2.13 -9.39
CA TYR A 96 -5.27 0.74 -9.46
C TYR A 96 -4.93 0.19 -8.08
N VAL A 97 -5.33 -1.06 -7.86
CA VAL A 97 -5.07 -1.71 -6.59
C VAL A 97 -4.42 -3.08 -6.84
N ILE A 98 -3.38 -3.35 -6.06
CA ILE A 98 -2.66 -4.61 -6.19
C ILE A 98 -2.57 -5.28 -4.82
N GLU A 99 -2.96 -6.53 -4.78
CA GLU A 99 -2.93 -7.30 -3.54
C GLU A 99 -1.65 -8.13 -3.47
N PHE A 100 -1.23 -8.41 -2.24
CA PHE A 100 -0.03 -9.19 -2.02
C PHE A 100 -0.20 -10.12 -0.81
N LYS A 101 0.81 -10.96 -0.61
CA LYS A 101 0.80 -11.90 0.50
C LYS A 101 2.23 -12.22 0.91
N CYS A 102 2.39 -12.49 2.20
CA CYS A 102 3.70 -12.81 2.74
C CYS A 102 3.87 -14.34 2.71
N LEU A 103 5.00 -14.77 2.17
CA LEU A 103 5.30 -16.19 2.09
C LEU A 103 5.47 -16.75 3.50
N MET A 1 22.01 -2.79 -7.96
CA MET A 1 22.32 -3.34 -6.65
C MET A 1 21.11 -4.04 -6.04
N GLN A 2 20.07 -3.26 -5.79
CA GLN A 2 18.84 -3.79 -5.21
C GLN A 2 17.82 -2.68 -5.03
N PRO A 3 17.11 -2.36 -6.16
CA PRO A 3 16.10 -1.31 -6.13
C PRO A 3 14.83 -1.81 -5.44
N ASN A 4 13.93 -0.87 -5.20
CA ASN A 4 12.66 -1.19 -4.55
C ASN A 4 11.52 -1.08 -5.56
N ASP A 5 10.42 -1.74 -5.24
CA ASP A 5 9.26 -1.72 -6.11
C ASP A 5 8.32 -0.60 -5.67
N ILE A 6 7.97 -0.63 -4.39
CA ILE A 6 7.09 0.37 -3.83
C ILE A 6 7.18 0.34 -2.30
N THR A 7 6.67 1.40 -1.69
CA THR A 7 6.69 1.50 -0.24
C THR A 7 5.37 2.05 0.28
N PHE A 8 5.19 1.96 1.59
CA PHE A 8 3.97 2.45 2.22
C PHE A 8 4.22 2.82 3.68
N PHE A 9 3.31 3.60 4.22
CA PHE A 9 3.42 4.04 5.61
C PHE A 9 3.92 2.89 6.50
N GLN A 10 4.35 3.28 7.69
CA GLN A 10 4.85 2.30 8.64
C GLN A 10 3.72 1.38 9.10
N ARG A 11 2.56 1.96 9.25
CA ARG A 11 1.39 1.21 9.68
C ARG A 11 1.19 -0.02 8.79
N PHE A 12 1.79 0.03 7.62
CA PHE A 12 1.70 -1.06 6.66
C PHE A 12 2.66 -2.20 7.04
N GLN A 13 3.87 -1.80 7.43
CA GLN A 13 4.88 -2.77 7.80
C GLN A 13 4.45 -3.52 9.07
N ASP A 14 3.89 -2.77 10.00
CA ASP A 14 3.44 -3.35 11.26
C ASP A 14 2.21 -4.23 10.99
N ASP A 15 1.28 -3.67 10.23
CA ASP A 15 0.05 -4.39 9.90
C ASP A 15 0.40 -5.63 9.07
N ILE A 16 1.48 -5.50 8.30
CA ILE A 16 1.93 -6.60 7.46
C ILE A 16 2.43 -7.74 8.35
N LEU A 17 3.25 -7.37 9.33
CA LEU A 17 3.80 -8.35 10.25
C LEU A 17 2.66 -9.09 10.94
N ALA A 18 1.52 -8.43 11.00
CA ALA A 18 0.34 -9.02 11.62
C ALA A 18 -0.32 -10.01 10.65
N GLY A 19 0.31 -10.14 9.49
CA GLY A 19 -0.20 -11.05 8.47
C GLY A 19 -1.42 -10.45 7.78
N ARG A 20 -2.47 -11.27 7.68
CA ARG A 20 -3.70 -10.84 7.04
C ARG A 20 -3.39 -10.06 5.76
N LYS A 21 -3.39 -10.79 4.65
CA LYS A 21 -3.11 -10.19 3.36
C LYS A 21 -3.75 -8.79 3.31
N THR A 22 -3.15 -7.94 2.49
CA THR A 22 -3.64 -6.58 2.34
C THR A 22 -3.46 -6.11 0.90
N ILE A 23 -4.41 -5.30 0.45
CA ILE A 23 -4.37 -4.77 -0.91
C ILE A 23 -3.72 -3.38 -0.89
N THR A 24 -3.23 -2.98 -2.05
CA THR A 24 -2.59 -1.68 -2.18
C THR A 24 -3.19 -0.91 -3.35
N ILE A 25 -2.79 0.36 -3.45
CA ILE A 25 -3.29 1.21 -4.51
C ILE A 25 -2.11 1.86 -5.23
N ARG A 26 -2.13 1.74 -6.56
CA ARG A 26 -1.07 2.30 -7.38
C ARG A 26 -1.66 3.25 -8.43
N ASP A 27 -0.76 3.94 -9.12
CA ASP A 27 -1.18 4.87 -10.15
C ASP A 27 -1.12 4.18 -11.51
N GLU A 28 -2.21 4.29 -12.26
CA GLU A 28 -2.29 3.68 -13.58
C GLU A 28 -1.03 4.01 -14.38
N SER A 29 -0.66 5.29 -14.36
CA SER A 29 0.50 5.74 -15.09
C SER A 29 1.76 5.03 -14.57
N GLU A 30 1.66 4.57 -13.32
CA GLU A 30 2.77 3.88 -12.69
C GLU A 30 2.34 2.47 -12.27
N SER A 31 1.38 1.93 -13.02
CA SER A 31 0.87 0.59 -12.74
C SER A 31 1.21 -0.35 -13.89
N HIS A 32 2.34 -1.03 -13.75
CA HIS A 32 2.78 -1.97 -14.77
C HIS A 32 3.58 -3.10 -14.12
N PHE A 33 3.02 -4.30 -14.22
CA PHE A 33 3.66 -5.47 -13.65
C PHE A 33 2.87 -6.74 -13.96
N LYS A 34 2.92 -7.68 -13.03
CA LYS A 34 2.22 -8.94 -13.20
C LYS A 34 2.07 -9.62 -11.84
N THR A 35 0.99 -10.37 -11.70
CA THR A 35 0.71 -11.07 -10.46
C THR A 35 1.69 -12.23 -10.28
N GLY A 36 1.82 -12.67 -9.04
CA GLY A 36 2.71 -13.77 -8.72
C GLY A 36 4.15 -13.27 -8.51
N ASP A 37 4.37 -12.04 -8.95
CA ASP A 37 5.69 -11.44 -8.83
C ASP A 37 5.93 -11.05 -7.36
N VAL A 38 7.07 -10.41 -7.13
CA VAL A 38 7.43 -9.99 -5.79
C VAL A 38 7.24 -8.47 -5.67
N LEU A 39 6.67 -8.07 -4.55
CA LEU A 39 6.43 -6.66 -4.30
C LEU A 39 7.24 -6.21 -3.08
N ARG A 40 8.32 -5.51 -3.35
CA ARG A 40 9.19 -5.01 -2.29
C ARG A 40 8.45 -3.97 -1.45
N VAL A 41 8.47 -4.18 -0.14
CA VAL A 41 7.82 -3.26 0.77
C VAL A 41 8.87 -2.66 1.71
N GLY A 42 8.50 -1.53 2.31
CA GLY A 42 9.38 -0.84 3.24
C GLY A 42 8.63 0.21 4.05
N ARG A 43 9.09 1.43 3.94
CA ARG A 43 8.47 2.53 4.66
C ARG A 43 8.43 3.79 3.78
N PHE A 44 7.23 4.35 3.67
CA PHE A 44 7.04 5.54 2.86
C PHE A 44 7.61 6.78 3.57
N GLU A 45 7.66 6.69 4.89
CA GLU A 45 8.17 7.78 5.70
C GLU A 45 9.51 8.27 5.15
N ASP A 46 10.39 7.32 4.88
CA ASP A 46 11.70 7.64 4.35
C ASP A 46 12.58 6.39 4.39
N ASP A 47 12.38 5.59 5.42
CA ASP A 47 13.14 4.36 5.58
C ASP A 47 13.31 3.69 4.22
N GLY A 48 12.19 3.41 3.59
CA GLY A 48 12.21 2.77 2.27
C GLY A 48 12.28 1.24 2.42
N TYR A 49 12.74 0.61 1.35
CA TYR A 49 12.87 -0.84 1.33
C TYR A 49 13.19 -1.38 2.73
N PHE A 50 12.57 -2.50 3.06
CA PHE A 50 12.78 -3.12 4.35
C PHE A 50 12.49 -4.62 4.29
N CYS A 51 11.38 -4.95 3.65
CA CYS A 51 10.98 -6.34 3.52
C CYS A 51 10.49 -6.56 2.09
N THR A 52 10.05 -7.78 1.83
CA THR A 52 9.54 -8.14 0.52
C THR A 52 8.22 -8.91 0.63
N ILE A 53 7.43 -8.81 -0.41
CA ILE A 53 6.14 -9.49 -0.45
C ILE A 53 5.87 -10.01 -1.86
N GLU A 54 4.79 -10.76 -1.98
CA GLU A 54 4.41 -11.33 -3.26
C GLU A 54 2.97 -10.94 -3.61
N VAL A 55 2.75 -10.72 -4.90
CA VAL A 55 1.43 -10.35 -5.37
C VAL A 55 0.52 -11.58 -5.35
N THR A 56 -0.77 -11.30 -5.16
CA THR A 56 -1.75 -12.38 -5.11
C THR A 56 -2.90 -12.09 -6.10
N ALA A 57 -3.34 -10.85 -6.10
CA ALA A 57 -4.42 -10.44 -6.98
C ALA A 57 -4.31 -8.94 -7.25
N THR A 58 -5.10 -8.49 -8.22
CA THR A 58 -5.08 -7.09 -8.59
C THR A 58 -6.50 -6.63 -8.97
N SER A 59 -6.76 -5.35 -8.75
CA SER A 59 -8.06 -4.78 -9.06
C SER A 59 -7.94 -3.27 -9.25
N THR A 60 -9.01 -2.68 -9.77
CA THR A 60 -9.02 -1.25 -10.00
C THR A 60 -10.10 -0.59 -9.13
N VAL A 61 -9.64 0.17 -8.15
CA VAL A 61 -10.55 0.86 -7.24
C VAL A 61 -9.84 2.07 -6.63
N THR A 62 -10.61 2.85 -5.89
CA THR A 62 -10.07 4.04 -5.25
C THR A 62 -9.08 3.64 -4.15
N LEU A 63 -8.95 4.53 -3.17
CA LEU A 63 -8.06 4.29 -2.06
C LEU A 63 -8.86 3.79 -0.85
N ASP A 64 -9.62 4.71 -0.27
CA ASP A 64 -10.44 4.39 0.89
C ASP A 64 -11.40 3.25 0.52
N THR A 65 -11.44 2.95 -0.77
CA THR A 65 -12.31 1.89 -1.26
C THR A 65 -11.79 0.52 -0.82
N LEU A 66 -10.61 0.54 -0.21
CA LEU A 66 -10.00 -0.68 0.26
C LEU A 66 -8.75 -0.34 1.09
N THR A 67 -8.02 0.64 0.61
CA THR A 67 -6.81 1.08 1.30
C THR A 67 -7.05 1.15 2.81
N GLU A 68 -5.97 1.00 3.56
CA GLU A 68 -6.05 1.05 5.01
C GLU A 68 -6.88 2.26 5.46
N LYS A 69 -6.91 3.26 4.58
CA LYS A 69 -7.65 4.47 4.87
C LYS A 69 -9.06 4.12 5.35
N HIS A 70 -9.54 2.98 4.86
CA HIS A 70 -10.86 2.51 5.23
C HIS A 70 -10.85 2.01 6.68
N ALA A 71 -9.93 1.09 6.93
CA ALA A 71 -9.80 0.52 8.27
C ALA A 71 -9.56 1.65 9.28
N GLU A 72 -8.61 2.51 8.93
CA GLU A 72 -8.28 3.63 9.81
C GLU A 72 -9.47 4.59 9.91
N GLN A 73 -10.08 4.85 8.76
CA GLN A 73 -11.22 5.75 8.71
C GLN A 73 -12.26 5.36 9.78
N GLU A 74 -12.38 4.06 9.99
CA GLU A 74 -13.32 3.55 10.97
C GLU A 74 -12.59 3.19 12.26
N ASN A 75 -11.51 3.91 12.51
CA ASN A 75 -10.71 3.67 13.71
C ASN A 75 -10.08 4.99 14.17
N MET A 76 -9.30 5.58 13.28
CA MET A 76 -8.64 6.84 13.58
C MET A 76 -9.50 8.02 13.16
N THR A 77 -8.99 9.21 13.44
CA THR A 77 -9.70 10.43 13.09
C THR A 77 -9.39 10.85 11.65
N LEU A 78 -10.06 11.90 11.21
CA LEU A 78 -9.85 12.42 9.87
C LEU A 78 -8.43 12.95 9.74
N THR A 79 -7.97 13.58 10.81
CA THR A 79 -6.63 14.15 10.83
C THR A 79 -5.59 13.07 10.53
N GLU A 80 -5.68 11.98 11.27
CA GLU A 80 -4.76 10.87 11.08
C GLU A 80 -4.84 10.35 9.65
N LEU A 81 -6.06 10.14 9.20
CA LEU A 81 -6.29 9.63 7.85
C LEU A 81 -5.63 10.58 6.85
N LYS A 82 -5.73 11.87 7.14
CA LYS A 82 -5.14 12.88 6.27
C LYS A 82 -3.62 12.83 6.38
N LYS A 83 -3.16 12.40 7.55
CA LYS A 83 -1.73 12.29 7.79
C LYS A 83 -1.14 11.17 6.93
N VAL A 84 -1.75 10.01 7.03
CA VAL A 84 -1.31 8.86 6.27
C VAL A 84 -1.52 9.12 4.77
N ILE A 85 -2.70 9.67 4.47
CA ILE A 85 -3.04 9.98 3.08
C ILE A 85 -1.97 10.90 2.50
N ALA A 86 -1.54 11.86 3.31
CA ALA A 86 -0.53 12.81 2.89
C ALA A 86 0.82 12.11 2.81
N ASP A 87 0.98 11.10 3.65
CA ASP A 87 2.21 10.33 3.68
C ASP A 87 2.26 9.39 2.48
N ILE A 88 1.07 9.02 2.01
CA ILE A 88 0.96 8.13 0.87
C ILE A 88 0.86 8.96 -0.41
N TYR A 89 -0.15 9.81 -0.45
CA TYR A 89 -0.37 10.67 -1.61
C TYR A 89 -1.81 11.18 -1.64
N PRO A 90 -2.01 12.26 -2.45
CA PRO A 90 -3.33 12.87 -2.58
C PRO A 90 -4.24 12.00 -3.45
N GLY A 91 -4.22 12.29 -4.74
CA GLY A 91 -5.03 11.56 -5.68
C GLY A 91 -6.36 11.11 -5.05
N GLN A 92 -7.36 11.95 -5.19
CA GLN A 92 -8.67 11.66 -4.63
C GLN A 92 -9.61 11.15 -5.72
N THR A 93 -9.12 10.18 -6.47
CA THR A 93 -9.90 9.60 -7.55
C THR A 93 -9.51 8.14 -7.77
N GLN A 94 -10.46 7.37 -8.27
CA GLN A 94 -10.23 5.96 -8.53
C GLN A 94 -8.80 5.74 -9.03
N PHE A 95 -8.28 4.56 -8.73
CA PHE A 95 -6.92 4.23 -9.14
C PHE A 95 -6.73 2.70 -9.15
N TYR A 96 -5.51 2.30 -9.49
CA TYR A 96 -5.17 0.89 -9.54
C TYR A 96 -4.93 0.33 -8.13
N VAL A 97 -5.24 -0.95 -7.98
CA VAL A 97 -5.07 -1.61 -6.71
C VAL A 97 -4.46 -3.00 -6.93
N ILE A 98 -3.40 -3.27 -6.18
CA ILE A 98 -2.71 -4.54 -6.29
C ILE A 98 -2.68 -5.23 -4.92
N GLU A 99 -3.15 -6.47 -4.91
CA GLU A 99 -3.18 -7.24 -3.67
C GLU A 99 -1.93 -8.12 -3.56
N PHE A 100 -1.49 -8.32 -2.33
CA PHE A 100 -0.32 -9.14 -2.07
C PHE A 100 -0.43 -9.85 -0.73
N LYS A 101 0.42 -10.85 -0.55
CA LYS A 101 0.43 -11.62 0.68
C LYS A 101 1.86 -11.72 1.20
N CYS A 102 1.97 -11.92 2.51
CA CYS A 102 3.28 -12.04 3.15
C CYS A 102 3.66 -13.52 3.18
N LEU A 103 4.58 -13.89 2.31
CA LEU A 103 5.03 -15.27 2.23
C LEU A 103 3.83 -16.21 2.30
N MET A 1 20.76 2.17 -3.59
CA MET A 1 20.99 1.06 -4.48
C MET A 1 19.69 0.32 -4.80
N GLN A 2 19.44 0.16 -6.08
CA GLN A 2 18.23 -0.53 -6.54
C GLN A 2 16.99 0.25 -6.09
N PRO A 3 16.07 0.47 -7.07
CA PRO A 3 14.85 1.20 -6.78
C PRO A 3 13.85 0.31 -6.01
N ASN A 4 12.76 0.94 -5.60
CA ASN A 4 11.73 0.23 -4.86
C ASN A 4 10.57 -0.10 -5.80
N ASP A 5 9.80 -1.12 -5.40
CA ASP A 5 8.66 -1.54 -6.19
C ASP A 5 7.40 -0.85 -5.67
N ILE A 6 7.19 -0.97 -4.37
CA ILE A 6 6.03 -0.36 -3.74
C ILE A 6 6.36 -0.02 -2.28
N THR A 7 5.85 1.13 -1.85
CA THR A 7 6.09 1.58 -0.49
C THR A 7 4.87 1.29 0.38
N PHE A 8 5.05 1.52 1.68
CA PHE A 8 3.97 1.29 2.64
C PHE A 8 4.26 2.00 3.96
N PHE A 9 3.32 2.85 4.35
CA PHE A 9 3.45 3.60 5.58
C PHE A 9 3.74 2.67 6.76
N GLN A 10 4.25 3.26 7.83
CA GLN A 10 4.57 2.50 9.03
C GLN A 10 3.40 1.62 9.43
N ARG A 11 2.22 2.23 9.47
CA ARG A 11 1.01 1.53 9.84
C ARG A 11 0.83 0.29 8.96
N PHE A 12 0.96 0.50 7.66
CA PHE A 12 0.81 -0.58 6.71
C PHE A 12 1.90 -1.64 6.91
N GLN A 13 3.10 -1.17 7.20
CA GLN A 13 4.22 -2.06 7.43
C GLN A 13 3.93 -3.00 8.61
N ASP A 14 3.48 -2.40 9.70
CA ASP A 14 3.16 -3.17 10.90
C ASP A 14 2.10 -4.21 10.55
N ASP A 15 1.08 -3.76 9.83
CA ASP A 15 -0.01 -4.65 9.43
C ASP A 15 0.54 -5.74 8.52
N ILE A 16 1.60 -5.40 7.81
CA ILE A 16 2.23 -6.34 6.89
C ILE A 16 2.96 -7.41 7.70
N LEU A 17 3.71 -6.97 8.70
CA LEU A 17 4.45 -7.88 9.55
C LEU A 17 3.48 -8.86 10.21
N ALA A 18 2.24 -8.42 10.32
CA ALA A 18 1.20 -9.26 10.93
C ALA A 18 0.79 -10.34 9.94
N GLY A 19 1.33 -10.25 8.74
CA GLY A 19 1.02 -11.22 7.70
C GLY A 19 -0.47 -11.25 7.41
N ARG A 20 -1.04 -10.06 7.26
CA ARG A 20 -2.46 -9.93 6.98
C ARG A 20 -2.67 -9.49 5.53
N LYS A 21 -3.00 -10.45 4.68
CA LYS A 21 -3.23 -10.18 3.28
C LYS A 21 -3.97 -8.85 3.14
N THR A 22 -3.21 -7.83 2.77
CA THR A 22 -3.78 -6.50 2.59
C THR A 22 -3.57 -6.01 1.16
N ILE A 23 -4.50 -5.19 0.70
CA ILE A 23 -4.43 -4.65 -0.64
C ILE A 23 -3.77 -3.26 -0.60
N THR A 24 -3.28 -2.84 -1.75
CA THR A 24 -2.63 -1.55 -1.85
C THR A 24 -3.17 -0.77 -3.05
N ILE A 25 -2.74 0.48 -3.16
CA ILE A 25 -3.18 1.33 -4.24
C ILE A 25 -1.96 1.97 -4.92
N ARG A 26 -2.00 2.01 -6.25
CA ARG A 26 -0.92 2.57 -7.02
C ARG A 26 -1.46 3.47 -8.13
N ASP A 27 -0.55 4.18 -8.77
CA ASP A 27 -0.93 5.07 -9.85
C ASP A 27 -0.72 4.37 -11.19
N GLU A 28 -1.75 4.40 -12.02
CA GLU A 28 -1.69 3.78 -13.33
C GLU A 28 -0.41 4.21 -14.06
N SER A 29 -0.15 5.51 -14.02
CA SER A 29 1.01 6.06 -14.66
C SER A 29 2.29 5.38 -14.15
N GLU A 30 2.13 4.73 -13.01
CA GLU A 30 3.25 4.04 -12.38
C GLU A 30 2.86 2.60 -12.03
N SER A 31 1.77 2.16 -12.65
CA SER A 31 1.28 0.81 -12.41
C SER A 31 1.55 -0.07 -13.64
N HIS A 32 2.67 -0.79 -13.57
CA HIS A 32 3.05 -1.66 -14.66
C HIS A 32 3.82 -2.86 -14.11
N PHE A 33 3.22 -4.03 -14.25
CA PHE A 33 3.84 -5.25 -13.77
C PHE A 33 2.95 -6.47 -14.06
N LYS A 34 3.00 -7.43 -13.15
CA LYS A 34 2.21 -8.64 -13.30
C LYS A 34 2.02 -9.29 -11.93
N THR A 35 0.91 -10.01 -11.80
CA THR A 35 0.60 -10.68 -10.55
C THR A 35 1.49 -11.92 -10.37
N GLY A 36 1.51 -12.42 -9.15
CA GLY A 36 2.32 -13.60 -8.84
C GLY A 36 3.80 -13.26 -8.85
N ASP A 37 4.09 -11.96 -8.84
CA ASP A 37 5.46 -11.49 -8.85
C ASP A 37 5.84 -11.02 -7.44
N VAL A 38 7.00 -10.38 -7.36
CA VAL A 38 7.48 -9.87 -6.10
C VAL A 38 7.21 -8.36 -6.02
N LEU A 39 7.01 -7.89 -4.79
CA LEU A 39 6.74 -6.49 -4.56
C LEU A 39 7.57 -6.00 -3.38
N ARG A 40 8.64 -5.28 -3.69
CA ARG A 40 9.52 -4.75 -2.66
C ARG A 40 8.72 -3.94 -1.64
N VAL A 41 8.90 -4.28 -0.38
CA VAL A 41 8.21 -3.60 0.70
C VAL A 41 9.23 -2.90 1.60
N GLY A 42 8.82 -1.74 2.09
CA GLY A 42 9.69 -0.96 2.96
C GLY A 42 8.95 0.25 3.54
N ARG A 43 9.30 0.59 4.77
CA ARG A 43 8.67 1.71 5.45
C ARG A 43 9.22 3.04 4.89
N PHE A 44 8.29 3.89 4.48
CA PHE A 44 8.67 5.19 3.93
C PHE A 44 9.39 6.04 4.98
N GLU A 45 9.05 5.78 6.24
CA GLU A 45 9.66 6.51 7.33
C GLU A 45 11.17 6.64 7.13
N ASP A 46 11.79 5.51 6.81
CA ASP A 46 13.22 5.48 6.58
C ASP A 46 13.73 4.04 6.76
N ASP A 47 13.01 3.11 6.15
CA ASP A 47 13.37 1.71 6.22
C ASP A 47 14.10 1.30 4.94
N GLY A 48 13.48 1.64 3.81
CA GLY A 48 14.06 1.31 2.52
C GLY A 48 13.71 -0.12 2.11
N TYR A 49 14.57 -0.69 1.28
CA TYR A 49 14.37 -2.04 0.80
C TYR A 49 13.62 -2.87 1.83
N PHE A 50 14.06 -2.76 3.08
CA PHE A 50 13.44 -3.50 4.17
C PHE A 50 13.34 -5.00 3.83
N CYS A 51 12.25 -5.34 3.15
CA CYS A 51 12.03 -6.73 2.76
C CYS A 51 11.25 -6.73 1.44
N THR A 52 10.89 -7.93 1.01
CA THR A 52 10.15 -8.09 -0.22
C THR A 52 8.95 -9.02 -0.02
N ILE A 53 7.92 -8.80 -0.81
CA ILE A 53 6.72 -9.62 -0.73
C ILE A 53 6.30 -10.05 -2.14
N GLU A 54 5.30 -10.91 -2.19
CA GLU A 54 4.80 -11.42 -3.45
C GLU A 54 3.34 -11.00 -3.65
N VAL A 55 3.01 -10.72 -4.90
CA VAL A 55 1.66 -10.30 -5.24
C VAL A 55 0.72 -11.49 -5.11
N THR A 56 -0.55 -11.18 -4.90
CA THR A 56 -1.56 -12.22 -4.77
C THR A 56 -2.73 -11.96 -5.72
N ALA A 57 -3.12 -10.69 -5.80
CA ALA A 57 -4.22 -10.30 -6.67
C ALA A 57 -4.15 -8.79 -6.92
N THR A 58 -4.95 -8.36 -7.88
CA THR A 58 -4.99 -6.95 -8.23
C THR A 58 -6.39 -6.55 -8.71
N SER A 59 -6.71 -5.29 -8.51
CA SER A 59 -8.01 -4.77 -8.92
C SER A 59 -7.94 -3.26 -9.12
N THR A 60 -8.98 -2.71 -9.71
CA THR A 60 -9.05 -1.28 -9.97
C THR A 60 -10.13 -0.64 -9.11
N VAL A 61 -9.67 0.09 -8.09
CA VAL A 61 -10.59 0.77 -7.18
C VAL A 61 -9.87 1.94 -6.53
N THR A 62 -10.65 2.74 -5.81
CA THR A 62 -10.10 3.90 -5.13
C THR A 62 -9.16 3.48 -4.00
N LEU A 63 -9.04 4.34 -3.00
CA LEU A 63 -8.19 4.05 -1.86
C LEU A 63 -9.05 3.63 -0.67
N ASP A 64 -9.78 4.60 -0.13
CA ASP A 64 -10.64 4.34 1.01
C ASP A 64 -11.63 3.24 0.65
N THR A 65 -11.64 2.89 -0.63
CA THR A 65 -12.53 1.85 -1.12
C THR A 65 -12.02 0.47 -0.69
N LEU A 66 -10.86 0.47 -0.05
CA LEU A 66 -10.27 -0.77 0.41
C LEU A 66 -9.04 -0.45 1.28
N THR A 67 -8.29 0.54 0.83
CA THR A 67 -7.09 0.96 1.55
C THR A 67 -7.37 1.04 3.05
N GLU A 68 -6.31 0.89 3.82
CA GLU A 68 -6.42 0.94 5.27
C GLU A 68 -7.18 2.19 5.71
N LYS A 69 -7.17 3.18 4.82
CA LYS A 69 -7.85 4.43 5.10
C LYS A 69 -9.27 4.14 5.59
N HIS A 70 -9.83 3.06 5.06
CA HIS A 70 -11.17 2.66 5.44
C HIS A 70 -11.20 2.23 6.91
N ALA A 71 -10.33 1.28 7.22
CA ALA A 71 -10.23 0.77 8.58
C ALA A 71 -9.95 1.94 9.54
N GLU A 72 -9.14 2.88 9.05
CA GLU A 72 -8.78 4.04 9.85
C GLU A 72 -9.98 4.98 9.99
N GLN A 73 -10.65 5.21 8.87
CA GLN A 73 -11.82 6.07 8.86
C GLN A 73 -12.79 5.69 9.97
N GLU A 74 -12.87 4.38 10.21
CA GLU A 74 -13.76 3.87 11.25
C GLU A 74 -12.95 3.56 12.52
N ASN A 75 -11.88 4.31 12.70
CA ASN A 75 -11.02 4.12 13.86
C ASN A 75 -10.39 5.46 14.25
N MET A 76 -9.63 6.02 13.31
CA MET A 76 -8.97 7.28 13.53
C MET A 76 -9.85 8.45 13.07
N THR A 77 -9.34 9.65 13.29
CA THR A 77 -10.06 10.86 12.90
C THR A 77 -9.77 11.21 11.44
N LEU A 78 -10.30 12.36 11.04
CA LEU A 78 -10.10 12.83 9.68
C LEU A 78 -8.64 13.25 9.49
N THR A 79 -8.12 13.88 10.53
CA THR A 79 -6.73 14.34 10.49
C THR A 79 -5.79 13.18 10.20
N GLU A 80 -5.94 12.12 10.99
CA GLU A 80 -5.10 10.95 10.81
C GLU A 80 -5.24 10.40 9.39
N LEU A 81 -6.49 10.35 8.93
CA LEU A 81 -6.76 9.86 7.59
C LEU A 81 -5.99 10.68 6.57
N LYS A 82 -5.94 11.98 6.83
CA LYS A 82 -5.23 12.90 5.94
C LYS A 82 -3.73 12.65 6.05
N LYS A 83 -3.32 12.23 7.24
CA LYS A 83 -1.91 11.96 7.48
C LYS A 83 -1.47 10.76 6.64
N VAL A 84 -2.22 9.68 6.78
CA VAL A 84 -1.92 8.46 6.03
C VAL A 84 -2.04 8.74 4.54
N ILE A 85 -3.02 9.55 4.20
CA ILE A 85 -3.26 9.91 2.81
C ILE A 85 -2.03 10.63 2.27
N ALA A 86 -1.44 11.46 3.12
CA ALA A 86 -0.26 12.21 2.74
C ALA A 86 0.96 11.30 2.74
N ASP A 87 0.86 10.25 3.54
CA ASP A 87 1.95 9.28 3.65
C ASP A 87 1.88 8.32 2.45
N ILE A 88 0.66 8.10 1.97
CA ILE A 88 0.46 7.21 0.85
C ILE A 88 0.68 7.98 -0.45
N TYR A 89 -0.09 9.05 -0.61
CA TYR A 89 0.01 9.87 -1.80
C TYR A 89 -1.18 10.83 -1.91
N PRO A 90 -0.89 12.03 -2.46
CA PRO A 90 -1.94 13.04 -2.63
C PRO A 90 -2.85 12.68 -3.81
N GLY A 91 -4.15 12.75 -3.54
CA GLY A 91 -5.13 12.44 -4.56
C GLY A 91 -6.14 11.41 -4.05
N GLN A 92 -7.41 11.80 -4.07
CA GLN A 92 -8.47 10.92 -3.60
C GLN A 92 -9.42 10.60 -4.76
N THR A 93 -8.92 9.76 -5.67
CA THR A 93 -9.71 9.37 -6.82
C THR A 93 -9.35 7.93 -7.24
N GLN A 94 -10.34 7.27 -7.84
CA GLN A 94 -10.14 5.90 -8.29
C GLN A 94 -8.71 5.70 -8.77
N PHE A 95 -8.19 4.50 -8.51
CA PHE A 95 -6.83 4.17 -8.92
C PHE A 95 -6.63 2.66 -8.93
N TYR A 96 -5.40 2.27 -9.26
CA TYR A 96 -5.06 0.86 -9.31
C TYR A 96 -4.78 0.31 -7.91
N VAL A 97 -5.26 -0.91 -7.68
CA VAL A 97 -5.08 -1.55 -6.40
C VAL A 97 -4.42 -2.92 -6.61
N ILE A 98 -3.35 -3.15 -5.85
CA ILE A 98 -2.63 -4.40 -5.94
C ILE A 98 -2.59 -5.07 -4.56
N GLU A 99 -2.95 -6.35 -4.56
CA GLU A 99 -2.95 -7.11 -3.31
C GLU A 99 -1.65 -7.91 -3.18
N PHE A 100 -1.33 -8.23 -1.92
CA PHE A 100 -0.12 -8.98 -1.65
C PHE A 100 -0.31 -9.86 -0.40
N LYS A 101 0.50 -10.90 -0.32
CA LYS A 101 0.44 -11.82 0.80
C LYS A 101 1.84 -12.36 1.09
N CYS A 102 2.09 -12.59 2.37
CA CYS A 102 3.39 -13.10 2.81
C CYS A 102 3.31 -14.62 2.84
N LEU A 103 4.22 -15.24 2.10
CA LEU A 103 4.28 -16.69 2.03
C LEU A 103 4.77 -17.24 3.36
N MET A 1 20.30 -4.72 -7.67
CA MET A 1 19.47 -4.58 -6.48
C MET A 1 18.18 -3.82 -6.81
N GLN A 2 18.34 -2.71 -7.50
CA GLN A 2 17.20 -1.89 -7.89
C GLN A 2 16.53 -1.30 -6.64
N PRO A 3 15.81 -0.17 -6.85
CA PRO A 3 15.11 0.49 -5.76
C PRO A 3 13.86 -0.28 -5.37
N ASN A 4 13.23 0.19 -4.29
CA ASN A 4 12.02 -0.45 -3.80
C ASN A 4 10.98 -0.48 -4.91
N ASP A 5 10.02 -1.39 -4.75
CA ASP A 5 8.96 -1.54 -5.73
C ASP A 5 7.71 -0.81 -5.24
N ILE A 6 7.33 -1.11 -4.02
CA ILE A 6 6.16 -0.49 -3.41
C ILE A 6 6.45 -0.17 -1.95
N THR A 7 5.90 0.95 -1.50
CA THR A 7 6.10 1.38 -0.13
C THR A 7 4.80 1.21 0.67
N PHE A 8 4.95 1.31 1.99
CA PHE A 8 3.80 1.17 2.87
C PHE A 8 4.03 1.92 4.19
N PHE A 9 3.21 2.94 4.39
CA PHE A 9 3.31 3.75 5.60
C PHE A 9 3.65 2.88 6.81
N GLN A 10 4.23 3.53 7.80
CA GLN A 10 4.61 2.82 9.02
C GLN A 10 3.45 1.95 9.52
N ARG A 11 2.29 2.58 9.64
CA ARG A 11 1.10 1.88 10.10
C ARG A 11 0.86 0.63 9.24
N PHE A 12 0.97 0.83 7.94
CA PHE A 12 0.77 -0.26 6.99
C PHE A 12 1.83 -1.34 7.17
N GLN A 13 3.05 -0.90 7.42
CA GLN A 13 4.16 -1.82 7.59
C GLN A 13 3.89 -2.74 8.78
N ASP A 14 3.48 -2.14 9.88
CA ASP A 14 3.18 -2.90 11.09
C ASP A 14 2.06 -3.90 10.79
N ASP A 15 1.01 -3.38 10.17
CA ASP A 15 -0.13 -4.21 9.83
C ASP A 15 0.35 -5.43 9.02
N ILE A 16 1.35 -5.18 8.18
CA ILE A 16 1.91 -6.23 7.36
C ILE A 16 2.62 -7.26 8.24
N LEU A 17 3.38 -6.74 9.19
CA LEU A 17 4.11 -7.59 10.11
C LEU A 17 3.14 -8.49 10.86
N ALA A 18 1.91 -8.00 10.99
CA ALA A 18 0.87 -8.75 11.68
C ALA A 18 0.23 -9.73 10.70
N GLY A 19 0.82 -9.82 9.52
CA GLY A 19 0.31 -10.72 8.50
C GLY A 19 -0.94 -10.14 7.84
N ARG A 20 -2.00 -10.95 7.84
CA ARG A 20 -3.25 -10.54 7.25
C ARG A 20 -3.01 -9.80 5.93
N LYS A 21 -3.06 -10.56 4.85
CA LYS A 21 -2.83 -10.00 3.53
C LYS A 21 -3.53 -8.64 3.43
N THR A 22 -2.93 -7.75 2.67
CA THR A 22 -3.49 -6.42 2.49
C THR A 22 -3.32 -5.96 1.04
N ILE A 23 -4.26 -5.14 0.60
CA ILE A 23 -4.23 -4.63 -0.76
C ILE A 23 -3.59 -3.24 -0.77
N THR A 24 -3.08 -2.87 -1.92
CA THR A 24 -2.42 -1.57 -2.08
C THR A 24 -3.05 -0.80 -3.24
N ILE A 25 -2.63 0.45 -3.37
CA ILE A 25 -3.13 1.30 -4.44
C ILE A 25 -1.95 2.00 -5.13
N ARG A 26 -2.02 2.00 -6.46
CA ARG A 26 -0.97 2.63 -7.24
C ARG A 26 -1.58 3.53 -8.31
N ASP A 27 -0.71 4.28 -8.99
CA ASP A 27 -1.15 5.18 -10.03
C ASP A 27 -0.82 4.57 -11.39
N GLU A 28 -1.84 4.50 -12.24
CA GLU A 28 -1.66 3.95 -13.57
C GLU A 28 -0.47 4.59 -14.27
N SER A 29 -0.35 5.89 -14.07
CA SER A 29 0.75 6.64 -14.66
C SER A 29 2.09 6.10 -14.17
N GLU A 30 2.03 5.37 -13.06
CA GLU A 30 3.22 4.79 -12.47
C GLU A 30 3.10 3.27 -12.43
N SER A 31 2.16 2.75 -13.21
CA SER A 31 1.94 1.33 -13.27
C SER A 31 3.28 0.58 -13.21
N HIS A 32 3.34 -0.41 -12.33
CA HIS A 32 4.55 -1.20 -12.17
C HIS A 32 4.28 -2.64 -12.60
N PHE A 33 4.81 -3.56 -11.82
CA PHE A 33 4.64 -4.98 -12.10
C PHE A 33 3.16 -5.38 -12.05
N LYS A 34 2.93 -6.68 -12.06
CA LYS A 34 1.58 -7.19 -12.01
C LYS A 34 1.50 -8.33 -10.99
N THR A 35 0.41 -9.09 -11.07
CA THR A 35 0.21 -10.21 -10.17
C THR A 35 1.13 -11.38 -10.53
N GLY A 36 1.52 -12.13 -9.52
CA GLY A 36 2.40 -13.26 -9.72
C GLY A 36 3.86 -12.85 -9.63
N ASP A 37 4.09 -11.55 -9.72
CA ASP A 37 5.43 -11.01 -9.66
C ASP A 37 5.83 -10.82 -8.18
N VAL A 38 6.95 -10.13 -8.00
CA VAL A 38 7.44 -9.87 -6.65
C VAL A 38 7.28 -8.38 -6.34
N LEU A 39 6.99 -8.11 -5.08
CA LEU A 39 6.80 -6.74 -4.62
C LEU A 39 7.71 -6.48 -3.42
N ARG A 40 8.73 -5.66 -3.66
CA ARG A 40 9.67 -5.32 -2.61
C ARG A 40 9.00 -4.42 -1.57
N VAL A 41 8.87 -4.96 -0.37
CA VAL A 41 8.26 -4.21 0.72
C VAL A 41 9.32 -3.36 1.42
N GLY A 42 8.88 -2.21 1.91
CA GLY A 42 9.79 -1.30 2.60
C GLY A 42 9.02 -0.37 3.54
N ARG A 43 9.37 0.90 3.48
CA ARG A 43 8.72 1.89 4.32
C ARG A 43 8.87 3.28 3.71
N PHE A 44 7.83 4.09 3.89
CA PHE A 44 7.83 5.44 3.36
C PHE A 44 8.71 6.37 4.21
N GLU A 45 8.71 6.09 5.51
CA GLU A 45 9.50 6.89 6.43
C GLU A 45 10.93 7.05 5.91
N ASP A 46 11.52 5.92 5.53
CA ASP A 46 12.87 5.94 5.01
C ASP A 46 13.37 4.49 4.92
N ASP A 47 12.97 3.69 5.89
CA ASP A 47 13.36 2.29 5.93
C ASP A 47 13.39 1.73 4.51
N GLY A 48 12.49 2.26 3.68
CA GLY A 48 12.41 1.82 2.30
C GLY A 48 12.49 0.30 2.20
N TYR A 49 12.91 -0.17 1.03
CA TYR A 49 13.03 -1.59 0.79
C TYR A 49 13.62 -2.30 2.01
N PHE A 50 12.82 -3.21 2.57
CA PHE A 50 13.24 -3.96 3.74
C PHE A 50 13.19 -5.47 3.47
N CYS A 51 12.17 -5.87 2.74
CA CYS A 51 11.99 -7.28 2.41
C CYS A 51 11.28 -7.36 1.06
N THR A 52 11.02 -8.59 0.64
CA THR A 52 10.35 -8.83 -0.63
C THR A 52 9.18 -9.79 -0.44
N ILE A 53 8.16 -9.60 -1.26
CA ILE A 53 6.98 -10.45 -1.20
C ILE A 53 6.44 -10.68 -2.62
N GLU A 54 5.50 -11.60 -2.72
CA GLU A 54 4.89 -11.92 -3.99
C GLU A 54 3.43 -11.47 -4.03
N VAL A 55 3.04 -10.89 -5.15
CA VAL A 55 1.68 -10.40 -5.31
C VAL A 55 0.71 -11.58 -5.15
N THR A 56 -0.53 -11.24 -4.87
CA THR A 56 -1.56 -12.25 -4.68
C THR A 56 -2.73 -12.00 -5.63
N ALA A 57 -3.08 -10.73 -5.78
CA ALA A 57 -4.17 -10.34 -6.66
C ALA A 57 -4.08 -8.84 -6.95
N THR A 58 -4.88 -8.41 -7.91
CA THR A 58 -4.90 -7.01 -8.29
C THR A 58 -6.32 -6.59 -8.71
N SER A 59 -6.61 -5.32 -8.49
CA SER A 59 -7.92 -4.78 -8.84
C SER A 59 -7.82 -3.27 -9.05
N THR A 60 -8.90 -2.71 -9.60
CA THR A 60 -8.95 -1.29 -9.87
C THR A 60 -10.00 -0.62 -8.98
N VAL A 61 -9.52 0.11 -7.99
CA VAL A 61 -10.41 0.80 -7.07
C VAL A 61 -9.64 1.94 -6.39
N THR A 62 -10.37 2.72 -5.62
CA THR A 62 -9.78 3.84 -4.91
C THR A 62 -8.86 3.34 -3.80
N LEU A 63 -8.70 4.18 -2.79
CA LEU A 63 -7.85 3.84 -1.66
C LEU A 63 -8.72 3.41 -0.48
N ASP A 64 -9.46 4.38 0.04
CA ASP A 64 -10.33 4.11 1.18
C ASP A 64 -11.42 3.12 0.75
N THR A 65 -11.45 2.85 -0.54
CA THR A 65 -12.44 1.93 -1.09
C THR A 65 -12.10 0.49 -0.71
N LEU A 66 -10.93 0.33 -0.09
CA LEU A 66 -10.48 -0.98 0.33
C LEU A 66 -9.27 -0.82 1.26
N THR A 67 -8.35 0.03 0.84
CA THR A 67 -7.15 0.27 1.63
C THR A 67 -7.51 0.43 3.11
N GLU A 68 -6.55 0.06 3.95
CA GLU A 68 -6.75 0.15 5.38
C GLU A 68 -7.37 1.50 5.76
N LYS A 69 -7.15 2.47 4.88
CA LYS A 69 -7.69 3.80 5.10
C LYS A 69 -9.16 3.70 5.52
N HIS A 70 -9.81 2.66 5.03
CA HIS A 70 -11.21 2.43 5.34
C HIS A 70 -11.36 2.19 6.84
N ALA A 71 -10.57 1.25 7.34
CA ALA A 71 -10.61 0.91 8.75
C ALA A 71 -10.31 2.16 9.58
N GLU A 72 -9.32 2.91 9.14
CA GLU A 72 -8.93 4.12 9.83
C GLU A 72 -10.07 5.14 9.78
N GLN A 73 -10.67 5.26 8.61
CA GLN A 73 -11.78 6.19 8.44
C GLN A 73 -12.86 5.95 9.49
N GLU A 74 -13.05 4.67 9.81
CA GLU A 74 -14.05 4.29 10.79
C GLU A 74 -13.39 4.05 12.15
N ASN A 75 -12.27 4.74 12.36
CA ASN A 75 -11.54 4.61 13.60
C ASN A 75 -10.93 5.97 13.97
N MET A 76 -10.08 6.46 13.08
CA MET A 76 -9.43 7.74 13.29
C MET A 76 -10.26 8.89 12.72
N THR A 77 -9.76 10.09 12.92
CA THR A 77 -10.45 11.28 12.42
C THR A 77 -9.92 11.65 11.03
N LEU A 78 -10.53 12.68 10.46
CA LEU A 78 -10.13 13.14 9.14
C LEU A 78 -8.68 13.61 9.18
N THR A 79 -8.31 14.20 10.30
CA THR A 79 -6.96 14.69 10.49
C THR A 79 -5.95 13.55 10.28
N GLU A 80 -6.21 12.44 10.96
CA GLU A 80 -5.33 11.28 10.86
C GLU A 80 -5.37 10.71 9.44
N LEU A 81 -6.59 10.51 8.94
CA LEU A 81 -6.78 9.97 7.62
C LEU A 81 -5.98 10.82 6.61
N LYS A 82 -5.99 12.13 6.86
CA LYS A 82 -5.29 13.05 5.98
C LYS A 82 -3.78 12.87 6.17
N LYS A 83 -3.39 12.61 7.41
CA LYS A 83 -1.99 12.42 7.72
C LYS A 83 -1.46 11.21 6.96
N VAL A 84 -2.17 10.10 7.12
CA VAL A 84 -1.78 8.87 6.45
C VAL A 84 -1.91 9.05 4.93
N ILE A 85 -2.93 9.79 4.55
CA ILE A 85 -3.17 10.05 3.13
C ILE A 85 -1.95 10.74 2.53
N ALA A 86 -1.35 11.61 3.34
CA ALA A 86 -0.17 12.35 2.90
C ALA A 86 1.04 11.41 2.91
N ASP A 87 1.03 10.50 3.88
CA ASP A 87 2.12 9.54 4.01
C ASP A 87 2.06 8.53 2.86
N ILE A 88 0.84 8.26 2.42
CA ILE A 88 0.63 7.32 1.32
C ILE A 88 0.83 8.05 -0.01
N TYR A 89 0.04 9.10 -0.19
CA TYR A 89 0.12 9.88 -1.42
C TYR A 89 -1.13 10.77 -1.58
N PRO A 90 -0.90 11.97 -2.17
CA PRO A 90 -1.99 12.91 -2.40
C PRO A 90 -2.88 12.46 -3.56
N GLY A 91 -4.17 12.67 -3.40
CA GLY A 91 -5.13 12.30 -4.43
C GLY A 91 -6.11 11.25 -3.90
N GLN A 92 -7.38 11.64 -3.89
CA GLN A 92 -8.43 10.75 -3.41
C GLN A 92 -9.39 10.41 -4.55
N THR A 93 -8.88 9.65 -5.51
CA THR A 93 -9.67 9.25 -6.65
C THR A 93 -9.34 7.81 -7.06
N GLN A 94 -10.32 7.15 -7.65
CA GLN A 94 -10.15 5.77 -8.09
C GLN A 94 -8.78 5.59 -8.73
N PHE A 95 -8.20 4.43 -8.49
CA PHE A 95 -6.89 4.11 -9.03
C PHE A 95 -6.63 2.60 -9.00
N TYR A 96 -5.43 2.23 -9.44
CA TYR A 96 -5.06 0.83 -9.46
C TYR A 96 -4.77 0.31 -8.05
N VAL A 97 -5.17 -0.94 -7.82
CA VAL A 97 -4.97 -1.56 -6.53
C VAL A 97 -4.32 -2.94 -6.73
N ILE A 98 -3.24 -3.16 -6.01
CA ILE A 98 -2.53 -4.43 -6.09
C ILE A 98 -2.47 -5.07 -4.71
N GLU A 99 -2.90 -6.33 -4.66
CA GLU A 99 -2.90 -7.07 -3.40
C GLU A 99 -1.62 -7.90 -3.27
N PHE A 100 -1.09 -7.90 -2.06
CA PHE A 100 0.13 -8.64 -1.79
C PHE A 100 0.04 -9.37 -0.44
N LYS A 101 0.78 -10.47 -0.35
CA LYS A 101 0.79 -11.27 0.86
C LYS A 101 2.06 -12.13 0.90
N CYS A 102 2.45 -12.50 2.11
CA CYS A 102 3.64 -13.32 2.29
C CYS A 102 3.21 -14.79 2.27
N LEU A 103 3.88 -15.56 1.43
CA LEU A 103 3.58 -16.97 1.31
C LEU A 103 4.42 -17.75 2.34
N MET A 1 18.85 1.38 -11.98
CA MET A 1 19.74 0.65 -11.09
C MET A 1 18.99 -0.45 -10.34
N GLN A 2 18.11 -0.02 -9.45
CA GLN A 2 17.32 -0.95 -8.66
C GLN A 2 16.44 -0.20 -7.67
N PRO A 3 15.50 0.60 -8.23
CA PRO A 3 14.59 1.39 -7.41
C PRO A 3 13.50 0.49 -6.79
N ASN A 4 12.72 1.09 -5.91
CA ASN A 4 11.64 0.37 -5.25
C ASN A 4 10.52 0.11 -6.25
N ASP A 5 9.52 -0.65 -5.79
CA ASP A 5 8.39 -0.98 -6.64
C ASP A 5 7.12 -0.38 -6.03
N ILE A 6 7.05 -0.41 -4.71
CA ILE A 6 5.91 0.13 -4.00
C ILE A 6 6.28 0.36 -2.54
N THR A 7 5.80 1.48 -2.01
CA THR A 7 6.08 1.83 -0.62
C THR A 7 4.82 1.64 0.23
N PHE A 8 5.02 1.70 1.54
CA PHE A 8 3.93 1.54 2.47
C PHE A 8 4.22 2.23 3.80
N PHE A 9 3.42 3.24 4.10
CA PHE A 9 3.58 3.99 5.34
C PHE A 9 3.88 3.05 6.51
N GLN A 10 4.41 3.65 7.57
CA GLN A 10 4.74 2.88 8.76
C GLN A 10 3.54 2.07 9.22
N ARG A 11 2.43 2.77 9.41
CA ARG A 11 1.21 2.11 9.85
C ARG A 11 0.91 0.89 8.97
N PHE A 12 0.95 1.11 7.67
CA PHE A 12 0.69 0.04 6.72
C PHE A 12 1.78 -1.03 6.79
N GLN A 13 2.98 -0.59 7.14
CA GLN A 13 4.11 -1.48 7.25
C GLN A 13 3.90 -2.47 8.39
N ASP A 14 3.51 -1.92 9.54
CA ASP A 14 3.28 -2.74 10.71
C ASP A 14 2.13 -3.72 10.42
N ASP A 15 1.07 -3.18 9.84
CA ASP A 15 -0.09 -3.99 9.51
C ASP A 15 0.35 -5.18 8.65
N ILE A 16 1.22 -4.89 7.70
CA ILE A 16 1.73 -5.93 6.81
C ILE A 16 2.62 -6.89 7.61
N LEU A 17 3.43 -6.31 8.48
CA LEU A 17 4.34 -7.09 9.31
C LEU A 17 3.52 -8.05 10.17
N ALA A 18 2.27 -7.68 10.41
CA ALA A 18 1.38 -8.50 11.21
C ALA A 18 0.92 -9.71 10.38
N GLY A 19 1.35 -9.72 9.13
CA GLY A 19 0.99 -10.80 8.23
C GLY A 19 -0.52 -10.84 7.99
N ARG A 20 -0.99 -9.91 7.17
CA ARG A 20 -2.40 -9.83 6.85
C ARG A 20 -2.60 -9.47 5.38
N LYS A 21 -2.76 -10.49 4.56
CA LYS A 21 -2.95 -10.29 3.13
C LYS A 21 -3.84 -9.06 2.92
N THR A 22 -3.20 -7.97 2.55
CA THR A 22 -3.92 -6.72 2.31
C THR A 22 -3.71 -6.26 0.87
N ILE A 23 -4.63 -5.42 0.41
CA ILE A 23 -4.55 -4.90 -0.94
C ILE A 23 -3.89 -3.52 -0.93
N THR A 24 -3.28 -3.18 -2.05
CA THR A 24 -2.59 -1.90 -2.18
C THR A 24 -3.22 -1.08 -3.30
N ILE A 25 -2.76 0.16 -3.40
CA ILE A 25 -3.26 1.06 -4.43
C ILE A 25 -2.08 1.72 -5.14
N ARG A 26 -2.21 1.83 -6.45
CA ARG A 26 -1.17 2.45 -7.25
C ARG A 26 -1.78 3.33 -8.34
N ASP A 27 -0.92 4.06 -9.02
CA ASP A 27 -1.36 4.95 -10.10
C ASP A 27 -1.14 4.27 -11.44
N GLU A 28 -2.19 4.27 -12.26
CA GLU A 28 -2.12 3.66 -13.57
C GLU A 28 -0.86 4.13 -14.31
N SER A 29 -0.62 5.43 -14.23
CA SER A 29 0.54 6.02 -14.88
C SER A 29 1.82 5.32 -14.41
N GLU A 30 1.70 4.68 -13.25
CA GLU A 30 2.85 3.97 -12.67
C GLU A 30 2.44 2.56 -12.28
N SER A 31 1.36 2.09 -12.88
CA SER A 31 0.85 0.75 -12.60
C SER A 31 1.13 -0.16 -13.80
N HIS A 32 2.16 -0.99 -13.64
CA HIS A 32 2.54 -1.92 -14.68
C HIS A 32 3.30 -3.10 -14.07
N PHE A 33 2.68 -4.27 -14.17
CA PHE A 33 3.29 -5.48 -13.63
C PHE A 33 2.40 -6.70 -13.88
N LYS A 34 2.64 -7.73 -13.10
CA LYS A 34 1.87 -8.96 -13.22
C LYS A 34 1.78 -9.64 -11.85
N THR A 35 0.76 -10.49 -11.71
CA THR A 35 0.55 -11.20 -10.46
C THR A 35 1.56 -12.34 -10.33
N GLY A 36 1.79 -12.75 -9.10
CA GLY A 36 2.72 -13.83 -8.82
C GLY A 36 4.16 -13.31 -8.75
N ASP A 37 4.33 -12.09 -9.23
CA ASP A 37 5.64 -11.46 -9.22
C ASP A 37 5.99 -10.99 -7.81
N VAL A 38 7.11 -10.30 -7.70
CA VAL A 38 7.56 -9.80 -6.42
C VAL A 38 7.28 -8.29 -6.35
N LEU A 39 6.99 -7.84 -5.13
CA LEU A 39 6.71 -6.42 -4.91
C LEU A 39 7.63 -5.89 -3.81
N ARG A 40 8.49 -4.96 -4.18
CA ARG A 40 9.42 -4.37 -3.24
C ARG A 40 8.67 -3.48 -2.25
N VAL A 41 8.72 -3.88 -0.99
CA VAL A 41 8.05 -3.13 0.06
C VAL A 41 9.10 -2.37 0.88
N GLY A 42 8.82 -1.10 1.12
CA GLY A 42 9.72 -0.27 1.89
C GLY A 42 8.96 0.53 2.95
N ARG A 43 9.58 1.62 3.39
CA ARG A 43 8.97 2.47 4.40
C ARG A 43 9.17 3.95 4.05
N PHE A 44 8.16 4.74 4.36
CA PHE A 44 8.21 6.16 4.08
C PHE A 44 9.11 6.88 5.07
N GLU A 45 9.18 6.35 6.27
CA GLU A 45 10.00 6.93 7.33
C GLU A 45 11.40 7.21 6.79
N ASP A 46 11.98 6.19 6.15
CA ASP A 46 13.32 6.31 5.60
C ASP A 46 13.70 4.99 4.92
N ASP A 47 13.75 3.94 5.72
CA ASP A 47 14.10 2.62 5.22
C ASP A 47 13.52 1.56 6.15
N GLY A 48 12.55 1.98 6.94
CA GLY A 48 11.90 1.07 7.87
C GLY A 48 11.74 -0.33 7.26
N TYR A 49 11.94 -1.34 8.09
CA TYR A 49 11.82 -2.71 7.65
C TYR A 49 12.40 -2.89 6.24
N PHE A 50 11.53 -2.73 5.25
CA PHE A 50 11.95 -2.86 3.87
C PHE A 50 12.30 -4.32 3.53
N CYS A 51 11.44 -4.94 2.74
CA CYS A 51 11.64 -6.33 2.36
C CYS A 51 10.98 -6.54 1.00
N THR A 52 10.89 -7.81 0.61
CA THR A 52 10.28 -8.17 -0.65
C THR A 52 9.06 -9.07 -0.42
N ILE A 53 8.04 -8.84 -1.22
CA ILE A 53 6.81 -9.63 -1.11
C ILE A 53 6.38 -10.09 -2.51
N GLU A 54 5.38 -10.95 -2.53
CA GLU A 54 4.86 -11.46 -3.78
C GLU A 54 3.40 -11.07 -3.97
N VAL A 55 3.03 -10.83 -5.22
CA VAL A 55 1.66 -10.45 -5.54
C VAL A 55 0.75 -11.67 -5.42
N THR A 56 -0.54 -11.39 -5.22
CA THR A 56 -1.51 -12.45 -5.10
C THR A 56 -2.69 -12.20 -6.05
N ALA A 57 -3.11 -10.95 -6.12
CA ALA A 57 -4.22 -10.57 -6.97
C ALA A 57 -4.14 -9.07 -7.25
N THR A 58 -4.97 -8.63 -8.19
CA THR A 58 -5.02 -7.23 -8.55
C THR A 58 -6.46 -6.81 -8.90
N SER A 59 -6.74 -5.54 -8.66
CA SER A 59 -8.07 -5.01 -8.95
C SER A 59 -7.99 -3.50 -9.15
N THR A 60 -9.10 -2.94 -9.63
CA THR A 60 -9.16 -1.51 -9.87
C THR A 60 -10.20 -0.86 -8.95
N VAL A 61 -9.68 -0.11 -7.98
CA VAL A 61 -10.55 0.56 -7.03
C VAL A 61 -9.80 1.77 -6.44
N THR A 62 -10.54 2.58 -5.70
CA THR A 62 -9.96 3.76 -5.08
C THR A 62 -9.02 3.35 -3.94
N LEU A 63 -8.84 4.27 -3.00
CA LEU A 63 -7.97 4.02 -1.86
C LEU A 63 -8.83 3.61 -0.66
N ASP A 64 -9.51 4.59 -0.10
CA ASP A 64 -10.37 4.34 1.06
C ASP A 64 -11.35 3.22 0.73
N THR A 65 -11.42 2.89 -0.55
CA THR A 65 -12.31 1.84 -1.01
C THR A 65 -11.83 0.49 -0.51
N LEU A 66 -10.66 0.50 0.11
CA LEU A 66 -10.08 -0.73 0.64
C LEU A 66 -8.82 -0.39 1.44
N THR A 67 -8.07 0.57 0.92
CA THR A 67 -6.85 1.00 1.57
C THR A 67 -7.06 1.09 3.09
N GLU A 68 -5.95 1.02 3.81
CA GLU A 68 -5.99 1.10 5.26
C GLU A 68 -6.78 2.35 5.70
N LYS A 69 -6.85 3.31 4.79
CA LYS A 69 -7.56 4.55 5.08
C LYS A 69 -8.92 4.21 5.72
N HIS A 70 -9.58 3.23 5.14
CA HIS A 70 -10.88 2.81 5.65
C HIS A 70 -10.73 2.26 7.06
N ALA A 71 -9.73 1.42 7.23
CA ALA A 71 -9.46 0.82 8.53
C ALA A 71 -9.32 1.93 9.58
N GLU A 72 -8.51 2.92 9.23
CA GLU A 72 -8.27 4.03 10.13
C GLU A 72 -9.56 4.84 10.32
N GLN A 73 -10.24 5.07 9.20
CA GLN A 73 -11.47 5.84 9.22
C GLN A 73 -12.40 5.32 10.32
N GLU A 74 -12.33 4.01 10.54
CA GLU A 74 -13.15 3.38 11.57
C GLU A 74 -12.34 3.16 12.84
N ASN A 75 -11.35 4.03 13.03
CA ASN A 75 -10.49 3.93 14.19
C ASN A 75 -9.94 5.33 14.52
N MET A 76 -9.17 5.86 13.58
CA MET A 76 -8.58 7.17 13.76
C MET A 76 -9.50 8.27 13.22
N THR A 77 -9.05 9.50 13.37
CA THR A 77 -9.81 10.64 12.90
C THR A 77 -9.48 10.95 11.44
N LEU A 78 -10.07 12.03 10.94
CA LEU A 78 -9.84 12.44 9.57
C LEU A 78 -8.42 13.00 9.44
N THR A 79 -8.00 13.72 10.46
CA THR A 79 -6.68 14.31 10.48
C THR A 79 -5.61 13.23 10.27
N GLU A 80 -5.67 12.21 11.12
CA GLU A 80 -4.73 11.11 11.05
C GLU A 80 -4.72 10.51 9.64
N LEU A 81 -5.92 10.31 9.12
CA LEU A 81 -6.07 9.74 7.78
C LEU A 81 -5.38 10.65 6.77
N LYS A 82 -5.42 11.95 7.06
CA LYS A 82 -4.80 12.93 6.18
C LYS A 82 -3.28 12.81 6.28
N LYS A 83 -2.82 12.46 7.48
CA LYS A 83 -1.40 12.32 7.71
C LYS A 83 -0.88 11.10 6.94
N VAL A 84 -1.54 9.97 7.16
CA VAL A 84 -1.16 8.74 6.50
C VAL A 84 -1.35 8.90 4.99
N ILE A 85 -2.48 9.50 4.63
CA ILE A 85 -2.79 9.71 3.22
C ILE A 85 -1.68 10.54 2.58
N ALA A 86 -1.20 11.52 3.33
CA ALA A 86 -0.13 12.38 2.84
C ALA A 86 1.19 11.61 2.88
N ASP A 87 1.24 10.62 3.76
CA ASP A 87 2.44 9.81 3.89
C ASP A 87 2.46 8.74 2.80
N ILE A 88 1.26 8.38 2.35
CA ILE A 88 1.13 7.38 1.31
C ILE A 88 1.16 8.05 -0.06
N TYR A 89 0.24 8.98 -0.25
CA TYR A 89 0.15 9.72 -1.49
C TYR A 89 -1.17 10.48 -1.60
N PRO A 90 -1.10 11.65 -2.29
CA PRO A 90 -2.28 12.49 -2.46
C PRO A 90 -3.22 11.89 -3.49
N GLY A 91 -4.24 12.66 -3.83
CA GLY A 91 -5.23 12.22 -4.80
C GLY A 91 -6.16 11.17 -4.20
N GLN A 92 -7.44 11.51 -4.14
CA GLN A 92 -8.43 10.61 -3.60
C GLN A 92 -9.43 10.20 -4.69
N THR A 93 -8.88 9.65 -5.77
CA THR A 93 -9.71 9.21 -6.88
C THR A 93 -9.38 7.77 -7.26
N GLN A 94 -10.36 7.09 -7.82
CA GLN A 94 -10.18 5.71 -8.23
C GLN A 94 -8.76 5.49 -8.75
N PHE A 95 -8.26 4.29 -8.53
CA PHE A 95 -6.92 3.94 -8.97
C PHE A 95 -6.73 2.43 -9.03
N TYR A 96 -5.53 2.02 -9.41
CA TYR A 96 -5.21 0.61 -9.51
C TYR A 96 -4.86 0.03 -8.14
N VAL A 97 -5.49 -1.09 -7.83
CA VAL A 97 -5.25 -1.76 -6.55
C VAL A 97 -4.63 -3.14 -6.81
N ILE A 98 -3.55 -3.40 -6.11
CA ILE A 98 -2.85 -4.67 -6.24
C ILE A 98 -2.80 -5.36 -4.88
N GLU A 99 -3.26 -6.60 -4.87
CA GLU A 99 -3.27 -7.39 -3.65
C GLU A 99 -2.04 -8.31 -3.59
N PHE A 100 -1.58 -8.53 -2.38
CA PHE A 100 -0.42 -9.38 -2.17
C PHE A 100 -0.50 -10.10 -0.82
N LYS A 101 0.35 -11.11 -0.67
CA LYS A 101 0.38 -11.88 0.55
C LYS A 101 1.84 -12.22 0.90
N CYS A 102 2.09 -12.35 2.20
CA CYS A 102 3.42 -12.66 2.68
C CYS A 102 3.53 -14.18 2.81
N LEU A 103 4.66 -14.61 3.36
CA LEU A 103 4.91 -16.03 3.55
C LEU A 103 5.66 -16.24 4.87
N MET A 1 14.85 -3.42 -9.57
CA MET A 1 16.28 -3.57 -9.78
C MET A 1 17.08 -2.93 -8.64
N GLN A 2 17.30 -1.63 -8.78
CA GLN A 2 18.04 -0.90 -7.77
C GLN A 2 17.09 -0.38 -6.68
N PRO A 3 16.09 0.41 -7.12
CA PRO A 3 15.11 0.97 -6.19
C PRO A 3 14.12 -0.10 -5.74
N ASN A 4 13.22 0.31 -4.86
CA ASN A 4 12.22 -0.60 -4.34
C ASN A 4 11.08 -0.73 -5.35
N ASP A 5 10.14 -1.61 -5.04
CA ASP A 5 9.01 -1.84 -5.91
C ASP A 5 7.81 -1.01 -5.43
N ILE A 6 7.58 -1.07 -4.12
CA ILE A 6 6.48 -0.33 -3.52
C ILE A 6 6.78 -0.11 -2.04
N THR A 7 6.46 1.09 -1.58
CA THR A 7 6.67 1.43 -0.18
C THR A 7 5.35 1.39 0.59
N PHE A 8 5.48 1.49 1.91
CA PHE A 8 4.30 1.46 2.77
C PHE A 8 4.56 2.25 4.06
N PHE A 9 3.62 3.12 4.37
CA PHE A 9 3.73 3.93 5.58
C PHE A 9 4.14 3.08 6.78
N GLN A 10 4.59 3.78 7.82
CA GLN A 10 5.02 3.10 9.04
C GLN A 10 3.91 2.17 9.55
N ARG A 11 2.79 2.77 9.90
CA ARG A 11 1.66 2.01 10.40
C ARG A 11 1.36 0.84 9.48
N PHE A 12 1.51 1.09 8.18
CA PHE A 12 1.26 0.05 7.18
C PHE A 12 2.22 -1.12 7.35
N GLN A 13 3.48 -0.79 7.61
CA GLN A 13 4.50 -1.80 7.80
C GLN A 13 4.18 -2.65 9.03
N ASP A 14 3.83 -1.96 10.10
CA ASP A 14 3.50 -2.63 11.35
C ASP A 14 2.37 -3.63 11.11
N ASP A 15 1.35 -3.16 10.40
CA ASP A 15 0.21 -4.00 10.09
C ASP A 15 0.68 -5.24 9.32
N ILE A 16 1.54 -5.00 8.34
CA ILE A 16 2.08 -6.08 7.53
C ILE A 16 2.80 -7.08 8.44
N LEU A 17 3.57 -6.54 9.38
CA LEU A 17 4.32 -7.37 10.30
C LEU A 17 3.35 -8.27 11.07
N ALA A 18 2.11 -7.81 11.16
CA ALA A 18 1.09 -8.56 11.87
C ALA A 18 0.47 -9.59 10.91
N GLY A 19 1.08 -9.70 9.74
CA GLY A 19 0.61 -10.63 8.73
C GLY A 19 -0.87 -10.38 8.41
N ARG A 20 -1.13 -9.22 7.84
CA ARG A 20 -2.50 -8.85 7.48
C ARG A 20 -2.56 -8.43 6.01
N LYS A 21 -2.95 -9.38 5.17
CA LYS A 21 -3.05 -9.11 3.75
C LYS A 21 -3.60 -7.70 3.53
N THR A 22 -2.72 -6.84 3.05
CA THR A 22 -3.10 -5.45 2.80
C THR A 22 -3.01 -5.14 1.30
N ILE A 23 -3.96 -4.35 0.84
CA ILE A 23 -4.01 -3.97 -0.57
C ILE A 23 -3.32 -2.61 -0.75
N THR A 24 -2.98 -2.32 -1.98
CA THR A 24 -2.32 -1.06 -2.31
C THR A 24 -2.95 -0.43 -3.55
N ILE A 25 -2.58 0.82 -3.79
CA ILE A 25 -3.09 1.55 -4.93
C ILE A 25 -1.93 2.16 -5.72
N ARG A 26 -2.02 2.07 -7.04
CA ARG A 26 -0.98 2.61 -7.90
C ARG A 26 -1.61 3.42 -9.03
N ASP A 27 -0.75 4.09 -9.77
CA ASP A 27 -1.19 4.91 -10.89
C ASP A 27 -0.91 4.18 -12.20
N GLU A 28 -1.95 4.07 -13.01
CA GLU A 28 -1.83 3.39 -14.29
C GLU A 28 -0.67 3.98 -15.10
N SER A 29 -0.55 5.30 -15.02
CA SER A 29 0.52 5.99 -15.73
C SER A 29 1.88 5.52 -15.23
N GLU A 30 1.85 4.83 -14.09
CA GLU A 30 3.07 4.31 -13.50
C GLU A 30 2.99 2.79 -13.35
N SER A 31 2.01 2.22 -14.03
CA SER A 31 1.81 0.77 -13.99
C SER A 31 3.16 0.06 -13.92
N HIS A 32 3.35 -0.68 -12.84
CA HIS A 32 4.59 -1.41 -12.64
C HIS A 32 4.31 -2.92 -12.73
N PHE A 33 4.83 -3.65 -11.76
CA PHE A 33 4.66 -5.09 -11.71
C PHE A 33 3.18 -5.46 -11.85
N LYS A 34 2.89 -6.73 -11.63
CA LYS A 34 1.53 -7.23 -11.71
C LYS A 34 1.33 -8.32 -10.67
N THR A 35 0.24 -9.07 -10.85
CA THR A 35 -0.08 -10.15 -9.93
C THR A 35 0.79 -11.37 -10.21
N GLY A 36 1.09 -12.10 -9.15
CA GLY A 36 1.91 -13.29 -9.27
C GLY A 36 3.40 -12.94 -9.20
N ASP A 37 3.67 -11.65 -9.34
CA ASP A 37 5.05 -11.17 -9.29
C ASP A 37 5.45 -10.93 -7.84
N VAL A 38 6.59 -10.27 -7.67
CA VAL A 38 7.09 -9.97 -6.35
C VAL A 38 6.91 -8.48 -6.06
N LEU A 39 6.69 -8.17 -4.79
CA LEU A 39 6.50 -6.79 -4.38
C LEU A 39 7.39 -6.50 -3.17
N ARG A 40 8.43 -5.72 -3.42
CA ARG A 40 9.37 -5.36 -2.36
C ARG A 40 8.73 -4.33 -1.42
N VAL A 41 8.64 -4.71 -0.15
CA VAL A 41 8.05 -3.85 0.85
C VAL A 41 9.17 -3.12 1.60
N GLY A 42 8.94 -1.84 1.84
CA GLY A 42 9.92 -1.02 2.54
C GLY A 42 9.23 -0.12 3.57
N ARG A 43 9.64 1.14 3.57
CA ARG A 43 9.08 2.12 4.49
C ARG A 43 9.31 3.54 3.97
N PHE A 44 8.24 4.31 3.98
CA PHE A 44 8.31 5.69 3.51
C PHE A 44 9.09 6.56 4.49
N GLU A 45 9.01 6.20 5.76
CA GLU A 45 9.71 6.93 6.80
C GLU A 45 11.17 7.18 6.39
N ASP A 46 11.81 6.12 5.93
CA ASP A 46 13.20 6.20 5.51
C ASP A 46 13.80 4.80 5.42
N ASP A 47 13.30 3.93 6.29
CA ASP A 47 13.77 2.55 6.34
C ASP A 47 13.92 2.04 4.90
N GLY A 48 12.88 2.25 4.11
CA GLY A 48 12.90 1.81 2.72
C GLY A 48 12.86 0.29 2.63
N TYR A 49 13.44 -0.23 1.55
CA TYR A 49 13.49 -1.66 1.32
C TYR A 49 13.68 -2.41 2.65
N PHE A 50 12.72 -3.27 2.95
CA PHE A 50 12.77 -4.06 4.17
C PHE A 50 12.75 -5.55 3.87
N CYS A 51 11.71 -5.97 3.16
CA CYS A 51 11.57 -7.37 2.79
C CYS A 51 10.83 -7.43 1.45
N THR A 52 10.66 -8.66 0.97
CA THR A 52 9.99 -8.88 -0.30
C THR A 52 8.79 -9.81 -0.11
N ILE A 53 7.78 -9.59 -0.94
CA ILE A 53 6.57 -10.40 -0.87
C ILE A 53 6.04 -10.63 -2.29
N GLU A 54 5.04 -11.49 -2.38
CA GLU A 54 4.43 -11.81 -3.66
C GLU A 54 2.99 -11.32 -3.69
N VAL A 55 2.61 -10.77 -4.84
CA VAL A 55 1.25 -10.27 -5.02
C VAL A 55 0.26 -11.40 -4.82
N THR A 56 -0.97 -11.03 -4.48
CA THR A 56 -2.01 -12.00 -4.27
C THR A 56 -3.19 -11.75 -5.22
N ALA A 57 -3.50 -10.47 -5.40
CA ALA A 57 -4.59 -10.09 -6.28
C ALA A 57 -4.38 -8.63 -6.72
N THR A 58 -5.18 -8.23 -7.70
CA THR A 58 -5.09 -6.88 -8.23
C THR A 58 -6.42 -6.49 -8.90
N SER A 59 -6.81 -5.24 -8.67
CA SER A 59 -8.05 -4.73 -9.23
C SER A 59 -8.01 -3.20 -9.27
N THR A 60 -8.94 -2.64 -10.03
CA THR A 60 -9.03 -1.19 -10.15
C THR A 60 -10.11 -0.64 -9.24
N VAL A 61 -9.68 0.16 -8.27
CA VAL A 61 -10.60 0.76 -7.33
C VAL A 61 -9.97 2.00 -6.71
N THR A 62 -10.75 2.69 -5.89
CA THR A 62 -10.28 3.90 -5.24
C THR A 62 -9.26 3.55 -4.14
N LEU A 63 -9.18 4.43 -3.16
CA LEU A 63 -8.26 4.22 -2.05
C LEU A 63 -9.02 3.68 -0.85
N ASP A 64 -9.85 4.55 -0.27
CA ASP A 64 -10.64 4.16 0.88
C ASP A 64 -11.56 2.99 0.50
N THR A 65 -11.57 2.69 -0.78
CA THR A 65 -12.39 1.60 -1.28
C THR A 65 -11.80 0.24 -0.88
N LEU A 66 -10.60 0.31 -0.30
CA LEU A 66 -9.92 -0.89 0.13
C LEU A 66 -8.69 -0.50 0.95
N THR A 67 -8.00 0.53 0.47
CA THR A 67 -6.80 1.01 1.15
C THR A 67 -7.03 1.03 2.67
N GLU A 68 -5.92 0.92 3.39
CA GLU A 68 -5.97 0.93 4.84
C GLU A 68 -6.84 2.09 5.34
N LYS A 69 -6.96 3.10 4.49
CA LYS A 69 -7.75 4.27 4.83
C LYS A 69 -9.13 3.81 5.32
N HIS A 70 -9.57 2.68 4.80
CA HIS A 70 -10.86 2.14 5.17
C HIS A 70 -10.79 1.61 6.61
N ALA A 71 -9.84 0.71 6.82
CA ALA A 71 -9.66 0.12 8.15
C ALA A 71 -9.44 1.23 9.17
N GLU A 72 -8.72 2.27 8.73
CA GLU A 72 -8.44 3.39 9.60
C GLU A 72 -9.69 4.23 9.81
N GLN A 73 -10.41 4.47 8.72
CA GLN A 73 -11.62 5.26 8.78
C GLN A 73 -12.54 4.74 9.89
N GLU A 74 -12.52 3.43 10.06
CA GLU A 74 -13.34 2.79 11.09
C GLU A 74 -12.49 2.49 12.33
N ASN A 75 -11.47 3.31 12.52
CA ASN A 75 -10.58 3.14 13.67
C ASN A 75 -10.07 4.51 14.12
N MET A 76 -9.34 5.15 13.22
CA MET A 76 -8.79 6.46 13.52
C MET A 76 -9.75 7.57 13.09
N THR A 77 -9.33 8.81 13.35
CA THR A 77 -10.15 9.95 13.00
C THR A 77 -9.87 10.39 11.56
N LEU A 78 -10.48 11.50 11.18
CA LEU A 78 -10.31 12.03 9.84
C LEU A 78 -8.89 12.60 9.70
N THR A 79 -8.43 13.23 10.77
CA THR A 79 -7.11 13.82 10.78
C THR A 79 -6.05 12.77 10.45
N GLU A 80 -6.04 11.72 11.26
CA GLU A 80 -5.09 10.64 11.07
C GLU A 80 -5.18 10.10 9.64
N LEU A 81 -6.40 9.95 9.16
CA LEU A 81 -6.64 9.45 7.81
C LEU A 81 -5.91 10.35 6.82
N LYS A 82 -5.96 11.65 7.07
CA LYS A 82 -5.31 12.61 6.20
C LYS A 82 -3.79 12.45 6.32
N LYS A 83 -3.36 12.10 7.53
CA LYS A 83 -1.94 11.92 7.79
C LYS A 83 -1.42 10.76 6.93
N VAL A 84 -2.09 9.62 7.07
CA VAL A 84 -1.71 8.44 6.33
C VAL A 84 -1.90 8.69 4.84
N ILE A 85 -3.01 9.34 4.51
CA ILE A 85 -3.33 9.65 3.13
C ILE A 85 -2.23 10.53 2.55
N ALA A 86 -1.70 11.41 3.38
CA ALA A 86 -0.64 12.31 2.97
C ALA A 86 0.69 11.55 2.92
N ASP A 87 0.75 10.49 3.71
CA ASP A 87 1.94 9.67 3.77
C ASP A 87 1.94 8.68 2.61
N ILE A 88 0.74 8.33 2.16
CA ILE A 88 0.59 7.40 1.07
C ILE A 88 0.67 8.17 -0.25
N TYR A 89 -0.23 9.14 -0.40
CA TYR A 89 -0.27 9.94 -1.61
C TYR A 89 -1.56 10.75 -1.68
N PRO A 90 -1.41 12.03 -2.12
CA PRO A 90 -2.56 12.92 -2.24
C PRO A 90 -3.41 12.55 -3.47
N GLY A 91 -4.52 13.25 -3.60
CA GLY A 91 -5.43 13.01 -4.72
C GLY A 91 -6.46 11.94 -4.37
N GLN A 92 -7.72 12.31 -4.51
CA GLN A 92 -8.81 11.39 -4.22
C GLN A 92 -9.49 10.95 -5.52
N THR A 93 -8.77 10.14 -6.27
CA THR A 93 -9.29 9.63 -7.53
C THR A 93 -9.08 8.11 -7.62
N GLN A 94 -9.96 7.47 -8.38
CA GLN A 94 -9.88 6.03 -8.56
C GLN A 94 -8.64 5.66 -9.37
N PHE A 95 -8.08 4.50 -9.05
CA PHE A 95 -6.89 4.02 -9.75
C PHE A 95 -6.69 2.53 -9.50
N TYR A 96 -5.60 2.01 -10.06
CA TYR A 96 -5.29 0.60 -9.93
C TYR A 96 -4.98 0.25 -8.47
N VAL A 97 -5.25 -1.00 -8.13
CA VAL A 97 -5.01 -1.46 -6.76
C VAL A 97 -4.40 -2.87 -6.82
N ILE A 98 -3.27 -3.01 -6.14
CA ILE A 98 -2.58 -4.28 -6.09
C ILE A 98 -2.56 -4.80 -4.66
N GLU A 99 -3.05 -6.03 -4.49
CA GLU A 99 -3.09 -6.64 -3.18
C GLU A 99 -1.88 -7.55 -2.98
N PHE A 100 -1.29 -7.46 -1.80
CA PHE A 100 -0.13 -8.26 -1.48
C PHE A 100 -0.31 -8.97 -0.13
N LYS A 101 0.36 -10.11 0.00
CA LYS A 101 0.28 -10.90 1.21
C LYS A 101 1.51 -11.80 1.32
N CYS A 102 1.85 -12.14 2.56
CA CYS A 102 3.00 -12.99 2.81
C CYS A 102 2.53 -14.45 2.81
N LEU A 103 3.18 -15.25 1.98
CA LEU A 103 2.84 -16.66 1.88
C LEU A 103 3.55 -17.43 2.99
N MET A 1 20.20 2.31 -10.77
CA MET A 1 20.16 0.92 -11.21
C MET A 1 18.73 0.41 -11.26
N GLN A 2 18.08 0.41 -10.11
CA GLN A 2 16.71 -0.06 -10.00
C GLN A 2 16.13 0.30 -8.63
N PRO A 3 15.11 1.20 -8.66
CA PRO A 3 14.45 1.62 -7.43
C PRO A 3 13.53 0.54 -6.89
N ASN A 4 12.98 0.80 -5.72
CA ASN A 4 12.08 -0.15 -5.09
C ASN A 4 10.87 -0.40 -6.00
N ASP A 5 10.06 -1.35 -5.60
CA ASP A 5 8.87 -1.70 -6.38
C ASP A 5 7.68 -0.90 -5.86
N ILE A 6 7.61 -0.79 -4.54
CA ILE A 6 6.54 -0.06 -3.90
C ILE A 6 6.92 0.25 -2.45
N THR A 7 6.40 1.37 -1.96
CA THR A 7 6.68 1.79 -0.58
C THR A 7 5.40 1.75 0.25
N PHE A 8 5.60 1.73 1.56
CA PHE A 8 4.47 1.70 2.48
C PHE A 8 4.84 2.36 3.81
N PHE A 9 3.96 3.26 4.25
CA PHE A 9 4.18 3.96 5.50
C PHE A 9 4.49 2.98 6.63
N GLN A 10 4.74 3.54 7.81
CA GLN A 10 5.05 2.73 8.97
C GLN A 10 3.86 1.86 9.35
N ARG A 11 2.68 2.47 9.34
CA ARG A 11 1.46 1.76 9.67
C ARG A 11 1.37 0.46 8.86
N PHE A 12 1.95 0.50 7.67
CA PHE A 12 1.94 -0.65 6.80
C PHE A 12 2.97 -1.69 7.24
N GLN A 13 4.10 -1.19 7.74
CA GLN A 13 5.17 -2.06 8.20
C GLN A 13 4.68 -2.92 9.37
N ASP A 14 3.97 -2.28 10.28
CA ASP A 14 3.44 -2.97 11.44
C ASP A 14 2.32 -3.91 11.02
N ASP A 15 1.34 -3.33 10.32
CA ASP A 15 0.21 -4.11 9.85
C ASP A 15 0.71 -5.34 9.09
N ILE A 16 1.59 -5.09 8.14
CA ILE A 16 2.16 -6.16 7.34
C ILE A 16 2.78 -7.21 8.26
N LEU A 17 3.53 -6.72 9.25
CA LEU A 17 4.17 -7.59 10.20
C LEU A 17 3.12 -8.45 10.91
N ALA A 18 1.90 -7.92 10.95
CA ALA A 18 0.80 -8.63 11.58
C ALA A 18 0.13 -9.53 10.55
N GLY A 19 0.83 -9.74 9.44
CA GLY A 19 0.30 -10.58 8.37
C GLY A 19 -0.98 -9.98 7.79
N ARG A 20 -2.02 -10.81 7.77
CA ARG A 20 -3.30 -10.38 7.24
C ARG A 20 -3.11 -9.60 5.93
N LYS A 21 -3.21 -10.33 4.83
CA LYS A 21 -3.06 -9.74 3.52
C LYS A 21 -3.70 -8.35 3.51
N THR A 22 -3.09 -7.46 2.74
CA THR A 22 -3.59 -6.09 2.64
C THR A 22 -3.53 -5.61 1.19
N ILE A 23 -4.50 -4.77 0.83
CA ILE A 23 -4.57 -4.24 -0.52
C ILE A 23 -3.89 -2.87 -0.54
N THR A 24 -3.56 -2.43 -1.76
CA THR A 24 -2.91 -1.15 -1.93
C THR A 24 -3.38 -0.49 -3.23
N ILE A 25 -2.99 0.76 -3.40
CA ILE A 25 -3.35 1.51 -4.59
C ILE A 25 -2.09 2.04 -5.27
N ARG A 26 -2.10 2.00 -6.60
CA ARG A 26 -0.96 2.47 -7.37
C ARG A 26 -1.45 3.31 -8.55
N ASP A 27 -0.49 3.93 -9.23
CA ASP A 27 -0.80 4.75 -10.39
C ASP A 27 -0.41 4.01 -11.66
N GLU A 28 -1.35 3.97 -12.60
CA GLU A 28 -1.11 3.29 -13.85
C GLU A 28 0.20 3.78 -14.49
N SER A 29 0.41 5.08 -14.37
CA SER A 29 1.61 5.69 -14.92
C SER A 29 2.86 5.14 -14.21
N GLU A 30 2.63 4.61 -13.01
CA GLU A 30 3.70 4.05 -12.22
C GLU A 30 3.50 2.55 -12.02
N SER A 31 2.63 1.99 -12.86
CA SER A 31 2.33 0.57 -12.78
C SER A 31 3.61 -0.22 -12.46
N HIS A 32 3.64 -0.76 -11.25
CA HIS A 32 4.78 -1.53 -10.81
C HIS A 32 4.73 -2.93 -11.41
N PHE A 33 5.00 -3.92 -10.58
CA PHE A 33 4.98 -5.31 -11.01
C PHE A 33 3.56 -5.78 -11.27
N LYS A 34 3.42 -7.08 -11.50
CA LYS A 34 2.12 -7.66 -11.76
C LYS A 34 1.81 -8.72 -10.70
N THR A 35 0.74 -9.45 -10.92
CA THR A 35 0.33 -10.49 -9.99
C THR A 35 1.24 -11.71 -10.12
N GLY A 36 1.44 -12.39 -9.01
CA GLY A 36 2.28 -13.57 -8.98
C GLY A 36 3.75 -13.19 -8.82
N ASP A 37 4.03 -11.92 -9.02
CA ASP A 37 5.39 -11.41 -8.90
C ASP A 37 5.66 -11.03 -7.45
N VAL A 38 6.79 -10.37 -7.25
CA VAL A 38 7.18 -9.93 -5.92
C VAL A 38 7.03 -8.41 -5.82
N LEU A 39 6.68 -7.96 -4.63
CA LEU A 39 6.51 -6.54 -4.38
C LEU A 39 7.35 -6.12 -3.18
N ARG A 40 8.44 -5.43 -3.47
CA ARG A 40 9.34 -4.96 -2.43
C ARG A 40 8.65 -3.90 -1.57
N VAL A 41 8.90 -3.98 -0.27
CA VAL A 41 8.31 -3.03 0.65
C VAL A 41 9.39 -2.58 1.66
N GLY A 42 9.00 -1.62 2.48
CA GLY A 42 9.91 -1.09 3.48
C GLY A 42 9.22 -0.02 4.34
N ARG A 43 9.72 1.20 4.23
CA ARG A 43 9.17 2.31 4.99
C ARG A 43 9.09 3.56 4.11
N PHE A 44 7.90 4.15 4.08
CA PHE A 44 7.68 5.35 3.29
C PHE A 44 8.33 6.57 3.95
N GLU A 45 8.50 6.47 5.26
CA GLU A 45 9.10 7.55 6.01
C GLU A 45 10.38 8.04 5.31
N ASP A 46 11.20 7.09 4.93
CA ASP A 46 12.46 7.40 4.25
C ASP A 46 13.30 6.13 4.13
N ASP A 47 13.18 5.28 5.14
CA ASP A 47 13.92 4.03 5.16
C ASP A 47 13.85 3.37 3.79
N GLY A 48 12.64 3.01 3.41
CA GLY A 48 12.41 2.37 2.12
C GLY A 48 13.23 1.09 2.00
N TYR A 49 12.75 0.20 1.14
CA TYR A 49 13.43 -1.07 0.92
C TYR A 49 13.87 -1.69 2.25
N PHE A 50 13.04 -2.59 2.75
CA PHE A 50 13.34 -3.27 4.00
C PHE A 50 13.05 -4.77 3.91
N CYS A 51 11.91 -5.08 3.30
CA CYS A 51 11.50 -6.46 3.13
C CYS A 51 10.83 -6.61 1.76
N THR A 52 10.45 -7.83 1.46
CA THR A 52 9.79 -8.12 0.19
C THR A 52 8.52 -8.95 0.42
N ILE A 53 7.60 -8.82 -0.52
CA ILE A 53 6.34 -9.55 -0.44
C ILE A 53 5.92 -9.99 -1.84
N GLU A 54 4.88 -10.81 -1.88
CA GLU A 54 4.38 -11.32 -3.15
C GLU A 54 2.94 -10.85 -3.36
N VAL A 55 2.55 -10.77 -4.63
CA VAL A 55 1.21 -10.35 -4.99
C VAL A 55 0.25 -11.51 -4.84
N THR A 56 -1.02 -11.18 -4.70
CA THR A 56 -2.05 -12.20 -4.56
C THR A 56 -3.23 -11.90 -5.49
N ALA A 57 -3.62 -10.64 -5.51
CA ALA A 57 -4.73 -10.22 -6.36
C ALA A 57 -4.51 -8.76 -6.78
N THR A 58 -5.33 -8.34 -7.74
CA THR A 58 -5.23 -6.97 -8.25
C THR A 58 -6.56 -6.54 -8.86
N SER A 59 -6.89 -5.28 -8.65
CA SER A 59 -8.13 -4.73 -9.19
C SER A 59 -8.02 -3.21 -9.30
N THR A 60 -8.97 -2.63 -10.03
CA THR A 60 -8.99 -1.20 -10.23
C THR A 60 -10.09 -0.56 -9.36
N VAL A 61 -9.64 0.19 -8.36
CA VAL A 61 -10.56 0.86 -7.47
C VAL A 61 -9.86 2.05 -6.82
N THR A 62 -10.64 2.85 -6.10
CA THR A 62 -10.11 4.02 -5.43
C THR A 62 -9.21 3.61 -4.27
N LEU A 63 -9.12 4.50 -3.29
CA LEU A 63 -8.30 4.24 -2.12
C LEU A 63 -9.19 3.77 -0.98
N ASP A 64 -9.95 4.71 -0.42
CA ASP A 64 -10.84 4.40 0.68
C ASP A 64 -11.80 3.28 0.25
N THR A 65 -11.77 2.98 -1.04
CA THR A 65 -12.62 1.94 -1.58
C THR A 65 -12.13 0.56 -1.13
N LEU A 66 -11.00 0.56 -0.45
CA LEU A 66 -10.42 -0.68 0.05
C LEU A 66 -9.21 -0.36 0.93
N THR A 67 -8.46 0.64 0.50
CA THR A 67 -7.28 1.06 1.25
C THR A 67 -7.58 1.11 2.74
N GLU A 68 -6.53 0.97 3.53
CA GLU A 68 -6.67 1.00 4.97
C GLU A 68 -7.50 2.21 5.40
N LYS A 69 -7.51 3.21 4.54
CA LYS A 69 -8.26 4.42 4.80
C LYS A 69 -9.66 4.05 5.31
N HIS A 70 -10.16 2.93 4.81
CA HIS A 70 -11.47 2.47 5.20
C HIS A 70 -11.42 1.87 6.61
N ALA A 71 -10.47 0.97 6.80
CA ALA A 71 -10.30 0.32 8.10
C ALA A 71 -10.10 1.39 9.17
N GLU A 72 -9.13 2.26 8.92
CA GLU A 72 -8.83 3.34 9.85
C GLU A 72 -10.02 4.28 9.98
N GLN A 73 -10.63 4.58 8.84
CA GLN A 73 -11.78 5.47 8.80
C GLN A 73 -12.80 5.05 9.86
N GLU A 74 -12.90 3.75 10.06
CA GLU A 74 -13.83 3.21 11.05
C GLU A 74 -13.09 2.83 12.33
N ASN A 75 -12.01 3.55 12.58
CA ASN A 75 -11.20 3.30 13.77
C ASN A 75 -10.53 4.59 14.21
N MET A 76 -9.69 5.12 13.33
CA MET A 76 -8.98 6.36 13.61
C MET A 76 -9.78 7.57 13.16
N THR A 77 -9.20 8.74 13.38
CA THR A 77 -9.85 9.98 12.99
C THR A 77 -9.46 10.36 11.56
N LEU A 78 -9.98 11.50 11.13
CA LEU A 78 -9.70 11.99 9.78
C LEU A 78 -8.25 12.46 9.71
N THR A 79 -7.80 13.03 10.81
CA THR A 79 -6.44 13.52 10.88
C THR A 79 -5.44 12.41 10.57
N GLU A 80 -5.59 11.30 11.29
CA GLU A 80 -4.71 10.16 11.09
C GLU A 80 -4.77 9.68 9.64
N LEU A 81 -6.00 9.56 9.14
CA LEU A 81 -6.21 9.11 7.77
C LEU A 81 -5.54 10.10 6.82
N LYS A 82 -5.52 11.35 7.22
CA LYS A 82 -4.90 12.40 6.42
C LYS A 82 -3.39 12.22 6.42
N LYS A 83 -2.88 11.74 7.55
CA LYS A 83 -1.45 11.53 7.69
C LYS A 83 -1.02 10.40 6.73
N VAL A 84 -1.71 9.27 6.85
CA VAL A 84 -1.40 8.13 6.01
C VAL A 84 -1.65 8.50 4.54
N ILE A 85 -2.75 9.20 4.32
CA ILE A 85 -3.11 9.61 2.98
C ILE A 85 -2.01 10.52 2.41
N ALA A 86 -1.46 11.33 3.29
CA ALA A 86 -0.39 12.25 2.91
C ALA A 86 0.92 11.48 2.78
N ASP A 87 0.96 10.34 3.45
CA ASP A 87 2.15 9.50 3.42
C ASP A 87 2.10 8.59 2.20
N ILE A 88 0.88 8.29 1.77
CA ILE A 88 0.69 7.43 0.61
C ILE A 88 0.78 8.28 -0.66
N TYR A 89 -0.09 9.29 -0.74
CA TYR A 89 -0.12 10.17 -1.88
C TYR A 89 -1.36 11.06 -1.87
N PRO A 90 -1.17 12.34 -2.28
CA PRO A 90 -2.27 13.29 -2.31
C PRO A 90 -3.19 13.02 -3.49
N GLY A 91 -4.45 13.41 -3.32
CA GLY A 91 -5.45 13.22 -4.36
C GLY A 91 -6.20 11.89 -4.15
N GLN A 92 -7.51 12.01 -4.03
CA GLN A 92 -8.35 10.84 -3.83
C GLN A 92 -9.22 10.60 -5.07
N THR A 93 -8.75 9.68 -5.91
CA THR A 93 -9.48 9.36 -7.12
C THR A 93 -9.20 7.91 -7.54
N GLN A 94 -10.18 7.31 -8.21
CA GLN A 94 -10.04 5.95 -8.67
C GLN A 94 -8.62 5.69 -9.20
N PHE A 95 -8.12 4.51 -8.90
CA PHE A 95 -6.79 4.13 -9.34
C PHE A 95 -6.59 2.61 -9.28
N TYR A 96 -5.40 2.19 -9.64
CA TYR A 96 -5.07 0.77 -9.64
C TYR A 96 -4.81 0.27 -8.21
N VAL A 97 -5.29 -0.93 -7.94
CA VAL A 97 -5.11 -1.53 -6.63
C VAL A 97 -4.47 -2.91 -6.78
N ILE A 98 -3.44 -3.13 -5.97
CA ILE A 98 -2.73 -4.40 -6.01
C ILE A 98 -2.70 -5.00 -4.60
N GLU A 99 -3.24 -6.21 -4.51
CA GLU A 99 -3.29 -6.91 -3.24
C GLU A 99 -2.13 -7.89 -3.12
N PHE A 100 -1.64 -8.05 -1.90
CA PHE A 100 -0.53 -8.96 -1.65
C PHE A 100 -0.63 -9.56 -0.25
N LYS A 101 0.15 -10.62 -0.04
CA LYS A 101 0.17 -11.30 1.25
C LYS A 101 1.61 -11.60 1.64
N CYS A 102 1.81 -11.74 2.95
CA CYS A 102 3.13 -12.02 3.47
C CYS A 102 3.30 -13.55 3.56
N LEU A 103 4.35 -14.04 2.91
CA LEU A 103 4.63 -15.46 2.90
C LEU A 103 6.11 -15.68 3.25
N MET A 1 19.60 -2.34 -9.23
CA MET A 1 19.73 -0.90 -9.17
C MET A 1 18.37 -0.22 -9.05
N GLN A 2 17.35 -0.94 -9.48
CA GLN A 2 15.99 -0.43 -9.42
C GLN A 2 15.61 -0.10 -7.97
N PRO A 3 14.91 1.06 -7.82
CA PRO A 3 14.48 1.50 -6.50
C PRO A 3 13.28 0.67 -6.02
N ASN A 4 12.92 0.90 -4.75
CA ASN A 4 11.81 0.17 -4.16
C ASN A 4 10.68 0.06 -5.18
N ASP A 5 9.85 -0.95 -4.98
CA ASP A 5 8.73 -1.19 -5.88
C ASP A 5 7.50 -0.43 -5.36
N ILE A 6 7.28 -0.55 -4.05
CA ILE A 6 6.15 0.11 -3.43
C ILE A 6 6.46 0.36 -1.95
N THR A 7 6.04 1.51 -1.47
CA THR A 7 6.26 1.88 -0.08
C THR A 7 5.00 1.65 0.75
N PHE A 8 5.20 1.48 2.05
CA PHE A 8 4.09 1.26 2.95
C PHE A 8 4.33 1.93 4.30
N PHE A 9 3.52 2.93 4.59
CA PHE A 9 3.65 3.65 5.85
C PHE A 9 3.97 2.70 7.00
N GLN A 10 4.50 3.28 8.07
CA GLN A 10 4.86 2.50 9.25
C GLN A 10 3.69 1.59 9.65
N ARG A 11 2.55 2.21 9.86
CA ARG A 11 1.35 1.48 10.25
C ARG A 11 1.13 0.30 9.30
N PHE A 12 1.33 0.57 8.02
CA PHE A 12 1.15 -0.46 7.01
C PHE A 12 2.26 -1.51 7.07
N GLN A 13 3.44 -1.04 7.47
CA GLN A 13 4.59 -1.92 7.57
C GLN A 13 4.38 -2.93 8.72
N ASP A 14 3.92 -2.43 9.84
CA ASP A 14 3.67 -3.26 11.00
C ASP A 14 2.53 -4.24 10.68
N ASP A 15 1.44 -3.68 10.18
CA ASP A 15 0.29 -4.49 9.84
C ASP A 15 0.72 -5.65 8.93
N ILE A 16 1.51 -5.30 7.93
CA ILE A 16 2.01 -6.29 6.99
C ILE A 16 2.89 -7.30 7.73
N LEU A 17 3.73 -6.77 8.59
CA LEU A 17 4.64 -7.60 9.37
C LEU A 17 3.81 -8.57 10.22
N ALA A 18 2.61 -8.14 10.55
CA ALA A 18 1.71 -8.97 11.36
C ALA A 18 0.91 -9.89 10.43
N GLY A 19 1.35 -9.94 9.18
CA GLY A 19 0.68 -10.78 8.20
C GLY A 19 -0.57 -10.09 7.65
N ARG A 20 -1.68 -10.80 7.73
CA ARG A 20 -2.95 -10.27 7.25
C ARG A 20 -2.74 -9.57 5.90
N LYS A 21 -2.97 -10.33 4.84
CA LYS A 21 -2.82 -9.79 3.50
C LYS A 21 -3.44 -8.40 3.43
N THR A 22 -3.00 -7.63 2.44
CA THR A 22 -3.50 -6.27 2.26
C THR A 22 -3.42 -5.87 0.78
N ILE A 23 -4.32 -4.98 0.40
CA ILE A 23 -4.37 -4.50 -0.97
C ILE A 23 -3.72 -3.12 -1.04
N THR A 24 -3.10 -2.84 -2.18
CA THR A 24 -2.43 -1.58 -2.39
C THR A 24 -3.13 -0.79 -3.51
N ILE A 25 -2.67 0.44 -3.70
CA ILE A 25 -3.23 1.30 -4.73
C ILE A 25 -2.10 1.99 -5.49
N ARG A 26 -2.09 1.79 -6.80
CA ARG A 26 -1.08 2.38 -7.65
C ARG A 26 -1.72 3.25 -8.73
N ASP A 27 -0.88 3.97 -9.45
CA ASP A 27 -1.36 4.84 -10.51
C ASP A 27 -1.21 4.12 -11.85
N GLU A 28 -2.30 4.09 -12.61
CA GLU A 28 -2.30 3.45 -13.90
C GLU A 28 -1.18 4.01 -14.77
N SER A 29 -1.02 5.32 -14.72
CA SER A 29 0.00 6.00 -15.49
C SER A 29 1.39 5.52 -15.05
N GLU A 30 1.41 4.84 -13.92
CA GLU A 30 2.66 4.32 -13.38
C GLU A 30 2.60 2.80 -13.25
N SER A 31 1.54 2.23 -13.81
CA SER A 31 1.35 0.79 -13.78
C SER A 31 2.69 0.08 -13.92
N HIS A 32 3.14 -0.49 -12.81
CA HIS A 32 4.41 -1.20 -12.80
C HIS A 32 4.15 -2.70 -12.70
N PHE A 33 4.88 -3.33 -11.79
CA PHE A 33 4.75 -4.77 -11.59
C PHE A 33 3.28 -5.19 -11.63
N LYS A 34 3.08 -6.49 -11.78
CA LYS A 34 1.73 -7.04 -11.84
C LYS A 34 1.62 -8.24 -10.89
N THR A 35 0.54 -8.97 -11.04
CA THR A 35 0.31 -10.14 -10.21
C THR A 35 1.32 -11.25 -10.55
N GLY A 36 1.77 -11.92 -9.52
CA GLY A 36 2.73 -13.00 -9.70
C GLY A 36 4.16 -12.49 -9.50
N ASP A 37 4.29 -11.17 -9.51
CA ASP A 37 5.59 -10.55 -9.33
C ASP A 37 5.87 -10.35 -7.84
N VAL A 38 6.94 -9.62 -7.57
CA VAL A 38 7.33 -9.35 -6.19
C VAL A 38 7.01 -7.89 -5.85
N LEU A 39 6.70 -7.65 -4.59
CA LEU A 39 6.38 -6.31 -4.13
C LEU A 39 7.32 -5.93 -2.98
N ARG A 40 8.29 -5.10 -3.33
CA ARG A 40 9.26 -4.64 -2.34
C ARG A 40 8.61 -3.67 -1.36
N VAL A 41 8.63 -4.06 -0.08
CA VAL A 41 8.05 -3.23 0.96
C VAL A 41 9.17 -2.57 1.77
N GLY A 42 8.98 -1.28 2.02
CA GLY A 42 9.96 -0.53 2.78
C GLY A 42 9.29 0.29 3.88
N ARG A 43 9.67 1.56 3.94
CA ARG A 43 9.11 2.46 4.95
C ARG A 43 9.25 3.92 4.49
N PHE A 44 8.13 4.62 4.52
CA PHE A 44 8.12 6.02 4.12
C PHE A 44 8.89 6.89 5.12
N GLU A 45 8.89 6.43 6.36
CA GLU A 45 9.58 7.15 7.42
C GLU A 45 11.00 7.51 6.98
N ASP A 46 11.69 6.51 6.46
CA ASP A 46 13.06 6.70 5.99
C ASP A 46 13.75 5.34 5.86
N ASP A 47 13.30 4.40 6.70
CA ASP A 47 13.86 3.07 6.70
C ASP A 47 13.96 2.57 5.26
N GLY A 48 12.89 2.82 4.50
CA GLY A 48 12.84 2.39 3.11
C GLY A 48 12.74 0.87 3.00
N TYR A 49 13.27 0.36 1.89
CA TYR A 49 13.24 -1.08 1.66
C TYR A 49 13.44 -1.85 2.96
N PHE A 50 12.47 -2.70 3.26
CA PHE A 50 12.52 -3.51 4.47
C PHE A 50 12.57 -5.00 4.14
N CYS A 51 11.57 -5.44 3.39
CA CYS A 51 11.49 -6.83 2.99
C CYS A 51 10.79 -6.90 1.62
N THR A 52 10.69 -8.12 1.11
CA THR A 52 10.05 -8.34 -0.17
C THR A 52 8.86 -9.29 -0.02
N ILE A 53 7.83 -9.01 -0.81
CA ILE A 53 6.63 -9.83 -0.78
C ILE A 53 6.20 -10.15 -2.21
N GLU A 54 5.19 -11.01 -2.31
CA GLU A 54 4.67 -11.39 -3.62
C GLU A 54 3.20 -10.99 -3.74
N VAL A 55 2.80 -10.71 -4.98
CA VAL A 55 1.43 -10.31 -5.24
C VAL A 55 0.52 -11.53 -5.11
N THR A 56 -0.76 -11.24 -4.87
CA THR A 56 -1.75 -12.30 -4.72
C THR A 56 -2.92 -12.08 -5.67
N ALA A 57 -3.35 -10.82 -5.76
CA ALA A 57 -4.46 -10.46 -6.61
C ALA A 57 -4.36 -8.98 -6.97
N THR A 58 -5.19 -8.57 -7.92
CA THR A 58 -5.20 -7.18 -8.37
C THR A 58 -6.61 -6.77 -8.78
N SER A 59 -6.89 -5.49 -8.61
CA SER A 59 -8.19 -4.95 -8.97
C SER A 59 -8.09 -3.45 -9.25
N THR A 60 -9.17 -2.90 -9.78
CA THR A 60 -9.22 -1.49 -10.09
C THR A 60 -10.23 -0.76 -9.20
N VAL A 61 -9.69 -0.05 -8.22
CA VAL A 61 -10.53 0.68 -7.29
C VAL A 61 -9.74 1.82 -6.67
N THR A 62 -10.44 2.66 -5.92
CA THR A 62 -9.80 3.80 -5.27
C THR A 62 -8.91 3.33 -4.12
N LEU A 63 -8.73 4.22 -3.16
CA LEU A 63 -7.92 3.91 -1.99
C LEU A 63 -8.82 3.57 -0.82
N ASP A 64 -9.52 4.58 -0.33
CA ASP A 64 -10.42 4.40 0.79
C ASP A 64 -11.46 3.33 0.44
N THR A 65 -11.46 2.95 -0.83
CA THR A 65 -12.39 1.94 -1.31
C THR A 65 -11.95 0.55 -0.85
N LEU A 66 -10.82 0.52 -0.16
CA LEU A 66 -10.28 -0.73 0.34
C LEU A 66 -9.06 -0.45 1.22
N THR A 67 -8.24 0.49 0.76
CA THR A 67 -7.05 0.86 1.49
C THR A 67 -7.36 0.98 2.98
N GLU A 68 -6.32 0.77 3.78
CA GLU A 68 -6.46 0.86 5.23
C GLU A 68 -7.20 2.14 5.62
N LYS A 69 -7.13 3.12 4.72
CA LYS A 69 -7.79 4.39 4.96
C LYS A 69 -9.23 4.15 5.39
N HIS A 70 -9.78 3.05 4.90
CA HIS A 70 -11.16 2.68 5.24
C HIS A 70 -11.24 2.26 6.70
N ALA A 71 -10.40 1.29 7.04
CA ALA A 71 -10.36 0.78 8.41
C ALA A 71 -10.06 1.94 9.37
N GLU A 72 -9.18 2.82 8.92
CA GLU A 72 -8.79 3.97 9.73
C GLU A 72 -9.94 4.97 9.81
N GLN A 73 -10.57 5.20 8.66
CA GLN A 73 -11.68 6.13 8.59
C GLN A 73 -12.71 5.80 9.68
N GLU A 74 -12.91 4.52 9.89
CA GLU A 74 -13.86 4.06 10.89
C GLU A 74 -13.14 3.75 12.20
N ASN A 75 -12.02 4.43 12.42
CA ASN A 75 -11.24 4.23 13.61
C ASN A 75 -10.62 5.56 14.04
N MET A 76 -9.77 6.09 13.16
CA MET A 76 -9.10 7.35 13.42
C MET A 76 -9.91 8.52 12.88
N THR A 77 -9.41 9.72 13.14
CA THR A 77 -10.08 10.93 12.69
C THR A 77 -9.66 11.27 11.26
N LEU A 78 -10.26 12.33 10.73
CA LEU A 78 -9.97 12.77 9.38
C LEU A 78 -8.51 13.22 9.31
N THR A 79 -8.08 13.89 10.37
CA THR A 79 -6.71 14.37 10.44
C THR A 79 -5.71 13.22 10.25
N GLU A 80 -5.84 12.22 11.12
CA GLU A 80 -4.97 11.07 11.06
C GLU A 80 -4.99 10.46 9.65
N LEU A 81 -6.20 10.34 9.11
CA LEU A 81 -6.37 9.77 7.79
C LEU A 81 -5.52 10.56 6.78
N LYS A 82 -5.50 11.88 6.98
CA LYS A 82 -4.73 12.75 6.11
C LYS A 82 -3.24 12.52 6.35
N LYS A 83 -2.92 12.20 7.59
CA LYS A 83 -1.54 11.95 7.97
C LYS A 83 -1.03 10.71 7.24
N VAL A 84 -1.79 9.62 7.38
CA VAL A 84 -1.42 8.37 6.74
C VAL A 84 -1.52 8.53 5.23
N ILE A 85 -2.56 9.22 4.80
CA ILE A 85 -2.79 9.44 3.38
C ILE A 85 -1.60 10.23 2.81
N ALA A 86 -1.12 11.17 3.60
CA ALA A 86 0.00 11.99 3.19
C ALA A 86 1.29 11.20 3.32
N ASP A 87 1.25 10.19 4.19
CA ASP A 87 2.41 9.35 4.42
C ASP A 87 2.46 8.25 3.34
N ILE A 88 1.29 7.93 2.82
CA ILE A 88 1.18 6.92 1.79
C ILE A 88 1.36 7.56 0.42
N TYR A 89 0.50 8.54 0.15
CA TYR A 89 0.54 9.24 -1.12
C TYR A 89 -0.71 10.11 -1.31
N PRO A 90 -0.50 11.27 -1.99
CA PRO A 90 -1.59 12.19 -2.25
C PRO A 90 -2.51 11.66 -3.36
N GLY A 91 -3.41 12.53 -3.80
CA GLY A 91 -4.35 12.17 -4.86
C GLY A 91 -5.33 11.10 -4.37
N GLN A 92 -6.58 11.50 -4.27
CA GLN A 92 -7.63 10.60 -3.81
C GLN A 92 -8.65 10.36 -4.93
N THR A 93 -8.28 9.45 -5.82
CA THR A 93 -9.14 9.11 -6.95
C THR A 93 -8.91 7.67 -7.40
N GLN A 94 -9.94 7.08 -7.98
CA GLN A 94 -9.86 5.71 -8.45
C GLN A 94 -8.45 5.43 -8.99
N PHE A 95 -8.01 4.20 -8.77
CA PHE A 95 -6.69 3.80 -9.23
C PHE A 95 -6.58 2.27 -9.26
N TYR A 96 -5.39 1.81 -9.65
CA TYR A 96 -5.14 0.38 -9.73
C TYR A 96 -4.70 -0.18 -8.37
N VAL A 97 -5.47 -1.14 -7.89
CA VAL A 97 -5.17 -1.77 -6.61
C VAL A 97 -4.49 -3.12 -6.85
N ILE A 98 -3.46 -3.38 -6.06
CA ILE A 98 -2.73 -4.62 -6.17
C ILE A 98 -2.63 -5.28 -4.79
N GLU A 99 -3.14 -6.50 -4.72
CA GLU A 99 -3.11 -7.25 -3.48
C GLU A 99 -1.90 -8.17 -3.43
N PHE A 100 -1.48 -8.50 -2.21
CA PHE A 100 -0.34 -9.38 -2.03
C PHE A 100 -0.52 -10.24 -0.78
N LYS A 101 0.25 -11.33 -0.74
CA LYS A 101 0.19 -12.24 0.38
C LYS A 101 1.60 -12.49 0.91
N CYS A 102 1.69 -12.71 2.21
CA CYS A 102 2.97 -12.97 2.85
C CYS A 102 3.20 -14.47 2.88
N LEU A 103 4.33 -14.88 2.33
CA LEU A 103 4.68 -16.30 2.28
C LEU A 103 5.49 -16.65 3.53
N MET A 1 11.23 7.30 -12.98
CA MET A 1 12.45 6.87 -13.64
C MET A 1 12.76 5.41 -13.32
N GLN A 2 12.77 5.10 -12.04
CA GLN A 2 13.04 3.74 -11.59
C GLN A 2 12.83 3.63 -10.08
N PRO A 3 11.58 3.92 -9.66
CA PRO A 3 11.22 3.85 -8.24
C PRO A 3 11.08 2.40 -7.79
N ASN A 4 10.89 2.23 -6.48
CA ASN A 4 10.73 0.91 -5.90
C ASN A 4 9.49 0.25 -6.49
N ASP A 5 9.25 -0.98 -6.05
CA ASP A 5 8.10 -1.73 -6.52
C ASP A 5 6.83 -1.16 -5.88
N ILE A 6 6.88 -1.02 -4.57
CA ILE A 6 5.74 -0.49 -3.83
C ILE A 6 6.21 -0.05 -2.43
N THR A 7 5.63 1.04 -1.97
CA THR A 7 5.97 1.56 -0.65
C THR A 7 4.78 1.42 0.31
N PHE A 8 5.05 1.66 1.58
CA PHE A 8 4.02 1.57 2.59
C PHE A 8 4.38 2.40 3.82
N PHE A 9 3.35 2.89 4.49
CA PHE A 9 3.55 3.70 5.68
C PHE A 9 3.91 2.82 6.89
N GLN A 10 4.50 3.47 7.89
CA GLN A 10 4.89 2.77 9.10
C GLN A 10 3.74 1.91 9.61
N ARG A 11 2.57 2.51 9.67
CA ARG A 11 1.39 1.80 10.13
C ARG A 11 1.07 0.62 9.22
N PHE A 12 1.13 0.89 7.92
CA PHE A 12 0.86 -0.15 6.93
C PHE A 12 1.86 -1.30 7.06
N GLN A 13 3.10 -0.94 7.38
CA GLN A 13 4.14 -1.94 7.53
C GLN A 13 3.85 -2.83 8.73
N ASP A 14 3.50 -2.20 9.84
CA ASP A 14 3.18 -2.93 11.06
C ASP A 14 2.06 -3.93 10.78
N ASP A 15 1.04 -3.44 10.08
CA ASP A 15 -0.10 -4.28 9.74
C ASP A 15 0.38 -5.47 8.90
N ILE A 16 1.25 -5.18 7.95
CA ILE A 16 1.79 -6.21 7.08
C ILE A 16 2.55 -7.23 7.93
N LEU A 17 3.32 -6.71 8.87
CA LEU A 17 4.11 -7.58 9.74
C LEU A 17 3.17 -8.52 10.49
N ALA A 18 1.92 -8.09 10.62
CA ALA A 18 0.93 -8.90 11.30
C ALA A 18 0.46 -10.02 10.38
N GLY A 19 1.02 -10.02 9.19
CA GLY A 19 0.66 -11.03 8.20
C GLY A 19 -0.83 -11.00 7.88
N ARG A 20 -1.24 -9.93 7.22
CA ARG A 20 -2.65 -9.78 6.85
C ARG A 20 -2.76 -9.27 5.41
N LYS A 21 -2.94 -10.21 4.50
CA LYS A 21 -3.06 -9.87 3.09
C LYS A 21 -3.86 -8.58 2.95
N THR A 22 -3.14 -7.49 2.71
CA THR A 22 -3.77 -6.19 2.55
C THR A 22 -3.68 -5.73 1.10
N ILE A 23 -4.61 -4.85 0.74
CA ILE A 23 -4.64 -4.32 -0.62
C ILE A 23 -3.92 -2.97 -0.65
N THR A 24 -3.56 -2.56 -1.86
CA THR A 24 -2.87 -1.30 -2.04
C THR A 24 -3.37 -0.59 -3.30
N ILE A 25 -2.93 0.65 -3.45
CA ILE A 25 -3.33 1.45 -4.59
C ILE A 25 -2.09 2.03 -5.27
N ARG A 26 -2.09 1.97 -6.59
CA ARG A 26 -0.97 2.48 -7.36
C ARG A 26 -1.48 3.36 -8.51
N ASP A 27 -0.52 4.02 -9.17
CA ASP A 27 -0.86 4.89 -10.28
C ASP A 27 -0.72 4.12 -11.60
N GLU A 28 -1.77 4.18 -12.39
CA GLU A 28 -1.77 3.49 -13.68
C GLU A 28 -0.50 3.83 -14.45
N SER A 29 -0.11 5.09 -14.38
CA SER A 29 1.08 5.56 -15.06
C SER A 29 2.31 4.80 -14.55
N GLU A 30 2.15 4.18 -13.40
CA GLU A 30 3.22 3.42 -12.79
C GLU A 30 2.73 2.05 -12.33
N SER A 31 1.59 1.66 -12.88
CA SER A 31 1.00 0.38 -12.53
C SER A 31 1.16 -0.60 -13.70
N HIS A 32 2.28 -1.32 -13.67
CA HIS A 32 2.56 -2.29 -14.71
C HIS A 32 3.34 -3.47 -14.12
N PHE A 33 2.69 -4.62 -14.12
CA PHE A 33 3.31 -5.84 -13.59
C PHE A 33 2.37 -7.04 -13.72
N LYS A 34 2.63 -8.04 -12.90
CA LYS A 34 1.82 -9.24 -12.92
C LYS A 34 1.71 -9.81 -11.50
N THR A 35 0.67 -10.59 -11.29
CA THR A 35 0.44 -11.19 -9.98
C THR A 35 1.38 -12.38 -9.77
N GLY A 36 1.55 -12.74 -8.50
CA GLY A 36 2.42 -13.84 -8.15
C GLY A 36 3.88 -13.38 -8.04
N ASP A 37 4.12 -12.20 -8.57
CA ASP A 37 5.47 -11.63 -8.54
C ASP A 37 5.78 -11.14 -7.13
N VAL A 38 6.93 -10.48 -7.01
CA VAL A 38 7.35 -9.96 -5.72
C VAL A 38 7.17 -8.44 -5.71
N LEU A 39 6.89 -7.91 -4.53
CA LEU A 39 6.69 -6.48 -4.37
C LEU A 39 7.59 -5.97 -3.24
N ARG A 40 8.65 -5.27 -3.65
CA ARG A 40 9.59 -4.72 -2.70
C ARG A 40 8.89 -3.72 -1.76
N VAL A 41 9.10 -3.93 -0.47
CA VAL A 41 8.49 -3.06 0.53
C VAL A 41 9.56 -2.64 1.54
N GLY A 42 9.13 -1.87 2.53
CA GLY A 42 10.03 -1.39 3.56
C GLY A 42 9.35 -0.32 4.43
N ARG A 43 9.33 0.89 3.90
CA ARG A 43 8.72 2.01 4.61
C ARG A 43 8.75 3.27 3.75
N PHE A 44 7.61 3.95 3.70
CA PHE A 44 7.50 5.17 2.93
C PHE A 44 8.28 6.31 3.59
N GLU A 45 8.43 6.21 4.89
CA GLU A 45 9.15 7.22 5.65
C GLU A 45 10.47 7.57 4.94
N ASP A 46 11.19 6.53 4.58
CA ASP A 46 12.46 6.72 3.90
C ASP A 46 13.23 5.38 3.88
N ASP A 47 12.99 4.59 4.92
CA ASP A 47 13.65 3.30 5.04
C ASP A 47 13.71 2.65 3.66
N GLY A 48 12.72 2.94 2.85
CA GLY A 48 12.65 2.39 1.51
C GLY A 48 12.94 0.88 1.52
N TYR A 49 13.48 0.40 0.41
CA TYR A 49 13.80 -1.00 0.27
C TYR A 49 14.28 -1.58 1.62
N PHE A 50 13.51 -2.55 2.11
CA PHE A 50 13.84 -3.19 3.37
C PHE A 50 13.46 -4.67 3.35
N CYS A 51 12.21 -4.92 3.00
CA CYS A 51 11.71 -6.28 2.95
C CYS A 51 11.09 -6.50 1.56
N THR A 52 10.55 -7.70 1.37
CA THR A 52 9.93 -8.05 0.11
C THR A 52 8.67 -8.89 0.35
N ILE A 53 7.69 -8.69 -0.52
CA ILE A 53 6.44 -9.42 -0.41
C ILE A 53 6.06 -9.98 -1.80
N GLU A 54 5.03 -10.80 -1.80
CA GLU A 54 4.55 -11.40 -3.04
C GLU A 54 3.10 -11.00 -3.29
N VAL A 55 2.82 -10.72 -4.56
CA VAL A 55 1.48 -10.32 -4.96
C VAL A 55 0.54 -11.52 -4.83
N THR A 56 -0.75 -11.23 -4.83
CA THR A 56 -1.76 -12.27 -4.73
C THR A 56 -2.93 -11.98 -5.67
N ALA A 57 -3.36 -10.72 -5.65
CA ALA A 57 -4.47 -10.30 -6.49
C ALA A 57 -4.26 -8.84 -6.90
N THR A 58 -5.09 -8.40 -7.85
CA THR A 58 -5.01 -7.03 -8.33
C THR A 58 -6.37 -6.58 -8.86
N SER A 59 -6.64 -5.30 -8.68
CA SER A 59 -7.90 -4.73 -9.14
C SER A 59 -7.75 -3.21 -9.34
N THR A 60 -8.76 -2.63 -9.97
CA THR A 60 -8.74 -1.21 -10.23
C THR A 60 -9.85 -0.51 -9.43
N VAL A 61 -9.42 0.18 -8.38
CA VAL A 61 -10.36 0.89 -7.52
C VAL A 61 -9.63 2.04 -6.81
N THR A 62 -10.40 2.84 -6.10
CA THR A 62 -9.85 3.97 -5.38
C THR A 62 -9.02 3.48 -4.19
N LEU A 63 -8.87 4.38 -3.22
CA LEU A 63 -8.10 4.05 -2.02
C LEU A 63 -9.07 3.69 -0.89
N ASP A 64 -9.75 4.72 -0.40
CA ASP A 64 -10.71 4.52 0.69
C ASP A 64 -11.72 3.46 0.28
N THR A 65 -11.65 3.07 -0.98
CA THR A 65 -12.55 2.07 -1.51
C THR A 65 -12.10 0.67 -1.10
N LEU A 66 -10.97 0.63 -0.39
CA LEU A 66 -10.41 -0.63 0.06
C LEU A 66 -9.17 -0.36 0.91
N THR A 67 -8.40 0.63 0.48
CA THR A 67 -7.18 1.00 1.18
C THR A 67 -7.43 0.98 2.69
N GLU A 68 -6.34 0.72 3.42
CA GLU A 68 -6.42 0.67 4.87
C GLU A 68 -7.06 1.94 5.42
N LYS A 69 -6.99 3.00 4.62
CA LYS A 69 -7.56 4.27 5.01
C LYS A 69 -8.99 4.06 5.50
N HIS A 70 -9.67 3.14 4.84
CA HIS A 70 -11.05 2.83 5.18
C HIS A 70 -11.09 2.20 6.57
N ALA A 71 -10.26 1.18 6.75
CA ALA A 71 -10.19 0.49 8.03
C ALA A 71 -9.94 1.49 9.15
N GLU A 72 -8.99 2.38 8.90
CA GLU A 72 -8.64 3.41 9.87
C GLU A 72 -9.80 4.38 10.06
N GLN A 73 -10.40 4.76 8.95
CA GLN A 73 -11.53 5.68 8.97
C GLN A 73 -12.55 5.22 10.00
N GLU A 74 -12.72 3.91 10.10
CA GLU A 74 -13.67 3.33 11.05
C GLU A 74 -12.99 3.08 12.39
N ASN A 75 -11.87 3.77 12.60
CA ASN A 75 -11.13 3.62 13.83
C ASN A 75 -10.55 4.97 14.25
N MET A 76 -9.70 5.50 13.39
CA MET A 76 -9.07 6.79 13.64
C MET A 76 -9.92 7.94 13.08
N THR A 77 -9.45 9.15 13.31
CA THR A 77 -10.14 10.34 12.84
C THR A 77 -9.73 10.66 11.40
N LEU A 78 -10.33 11.71 10.86
CA LEU A 78 -10.03 12.14 9.50
C LEU A 78 -8.61 12.71 9.46
N THR A 79 -8.24 13.40 10.53
CA THR A 79 -6.92 13.99 10.62
C THR A 79 -5.85 12.93 10.46
N GLU A 80 -5.91 11.93 11.32
CA GLU A 80 -4.95 10.84 11.29
C GLU A 80 -4.91 10.22 9.90
N LEU A 81 -6.09 9.99 9.34
CA LEU A 81 -6.20 9.41 8.02
C LEU A 81 -5.49 10.30 7.01
N LYS A 82 -5.53 11.59 7.28
CA LYS A 82 -4.89 12.57 6.40
C LYS A 82 -3.38 12.47 6.55
N LYS A 83 -2.96 12.16 7.77
CA LYS A 83 -1.54 12.02 8.06
C LYS A 83 -0.98 10.80 7.33
N VAL A 84 -1.64 9.67 7.55
CA VAL A 84 -1.22 8.43 6.91
C VAL A 84 -1.39 8.55 5.40
N ILE A 85 -2.52 9.11 4.99
CA ILE A 85 -2.81 9.29 3.59
C ILE A 85 -1.69 10.12 2.94
N ALA A 86 -1.26 11.14 3.67
CA ALA A 86 -0.22 12.02 3.19
C ALA A 86 1.12 11.27 3.23
N ASP A 87 1.19 10.30 4.13
CA ASP A 87 2.40 9.51 4.28
C ASP A 87 2.44 8.44 3.19
N ILE A 88 1.26 8.04 2.75
CA ILE A 88 1.14 7.03 1.72
C ILE A 88 1.19 7.70 0.35
N TYR A 89 0.27 8.62 0.14
CA TYR A 89 0.20 9.34 -1.12
C TYR A 89 -1.15 10.06 -1.27
N PRO A 90 -1.10 11.25 -1.92
CA PRO A 90 -2.30 12.03 -2.13
C PRO A 90 -3.15 11.43 -3.26
N GLY A 91 -4.07 12.24 -3.76
CA GLY A 91 -4.95 11.81 -4.84
C GLY A 91 -6.09 10.94 -4.29
N GLN A 92 -7.29 11.49 -4.37
CA GLN A 92 -8.47 10.79 -3.90
C GLN A 92 -9.41 10.48 -5.05
N THR A 93 -8.93 9.65 -5.97
CA THR A 93 -9.71 9.27 -7.12
C THR A 93 -9.37 7.84 -7.56
N GLN A 94 -10.35 7.19 -8.17
CA GLN A 94 -10.17 5.83 -8.64
C GLN A 94 -8.74 5.64 -9.18
N PHE A 95 -8.17 4.48 -8.88
CA PHE A 95 -6.83 4.16 -9.33
C PHE A 95 -6.58 2.66 -9.30
N TYR A 96 -5.36 2.28 -9.64
CA TYR A 96 -4.98 0.88 -9.65
C TYR A 96 -4.74 0.37 -8.23
N VAL A 97 -5.12 -0.89 -8.03
CA VAL A 97 -4.96 -1.51 -6.72
C VAL A 97 -4.31 -2.88 -6.89
N ILE A 98 -3.37 -3.17 -6.00
CA ILE A 98 -2.66 -4.43 -6.04
C ILE A 98 -2.69 -5.07 -4.65
N GLU A 99 -3.29 -6.26 -4.59
CA GLU A 99 -3.39 -6.98 -3.34
C GLU A 99 -2.26 -8.01 -3.22
N PHE A 100 -1.77 -8.17 -2.00
CA PHE A 100 -0.69 -9.10 -1.73
C PHE A 100 -0.82 -9.70 -0.33
N LYS A 101 0.03 -10.68 -0.07
CA LYS A 101 0.03 -11.35 1.23
C LYS A 101 1.46 -11.73 1.60
N CYS A 102 1.70 -11.81 2.90
CA CYS A 102 3.02 -12.17 3.40
C CYS A 102 3.06 -13.69 3.59
N LEU A 103 4.17 -14.15 4.14
CA LEU A 103 4.35 -15.58 4.39
C LEU A 103 5.11 -15.78 5.69
N MET A 1 20.31 1.96 -9.04
CA MET A 1 19.84 2.20 -10.40
C MET A 1 18.32 2.17 -10.47
N GLN A 2 17.74 1.28 -9.68
CA GLN A 2 16.29 1.14 -9.64
C GLN A 2 15.79 1.23 -8.20
N PRO A 3 14.77 2.12 -8.00
CA PRO A 3 14.20 2.31 -6.68
C PRO A 3 13.29 1.13 -6.31
N ASN A 4 12.74 1.22 -5.10
CA ASN A 4 11.85 0.17 -4.61
C ASN A 4 10.70 -0.02 -5.61
N ASP A 5 9.94 -1.07 -5.38
CA ASP A 5 8.81 -1.38 -6.25
C ASP A 5 7.58 -0.62 -5.76
N ILE A 6 7.42 -0.59 -4.45
CA ILE A 6 6.29 0.10 -3.85
C ILE A 6 6.56 0.32 -2.36
N THR A 7 6.14 1.49 -1.88
CA THR A 7 6.33 1.84 -0.49
C THR A 7 5.04 1.64 0.29
N PHE A 8 5.16 1.71 1.62
CA PHE A 8 4.01 1.54 2.49
C PHE A 8 4.27 2.17 3.86
N PHE A 9 3.30 2.94 4.31
CA PHE A 9 3.41 3.61 5.61
C PHE A 9 3.79 2.61 6.70
N GLN A 10 3.82 3.11 7.92
CA GLN A 10 4.17 2.28 9.07
C GLN A 10 3.04 1.28 9.35
N ARG A 11 1.83 1.80 9.36
CA ARG A 11 0.66 0.96 9.62
C ARG A 11 0.69 -0.27 8.72
N PHE A 12 1.37 -0.14 7.59
CA PHE A 12 1.48 -1.22 6.64
C PHE A 12 2.55 -2.23 7.08
N GLN A 13 3.60 -1.70 7.67
CA GLN A 13 4.70 -2.53 8.15
C GLN A 13 4.23 -3.43 9.28
N ASP A 14 3.45 -2.85 10.18
CA ASP A 14 2.93 -3.60 11.31
C ASP A 14 1.85 -4.57 10.83
N ASP A 15 0.89 -4.03 10.10
CA ASP A 15 -0.20 -4.83 9.56
C ASP A 15 0.38 -5.99 8.75
N ILE A 16 1.33 -5.66 7.89
CA ILE A 16 1.96 -6.66 7.05
C ILE A 16 2.59 -7.73 7.94
N LEU A 17 3.28 -7.27 8.98
CA LEU A 17 3.94 -8.17 9.91
C LEU A 17 2.89 -9.11 10.52
N ALA A 18 1.65 -8.65 10.53
CA ALA A 18 0.56 -9.43 11.07
C ALA A 18 0.16 -10.51 10.06
N GLY A 19 0.84 -10.50 8.94
CA GLY A 19 0.57 -11.47 7.89
C GLY A 19 -0.91 -11.46 7.49
N ARG A 20 -1.39 -10.26 7.20
CA ARG A 20 -2.78 -10.10 6.81
C ARG A 20 -2.88 -9.63 5.36
N LYS A 21 -3.14 -10.59 4.47
CA LYS A 21 -3.26 -10.28 3.06
C LYS A 21 -3.96 -8.94 2.88
N THR A 22 -3.16 -7.92 2.63
CA THR A 22 -3.69 -6.58 2.44
C THR A 22 -3.52 -6.14 0.98
N ILE A 23 -4.44 -5.29 0.54
CA ILE A 23 -4.40 -4.79 -0.82
C ILE A 23 -3.67 -3.44 -0.84
N THR A 24 -3.24 -3.06 -2.04
CA THR A 24 -2.53 -1.81 -2.21
C THR A 24 -3.13 -1.01 -3.38
N ILE A 25 -2.66 0.22 -3.51
CA ILE A 25 -3.14 1.09 -4.57
C ILE A 25 -1.94 1.70 -5.31
N ARG A 26 -1.97 1.61 -6.62
CA ARG A 26 -0.90 2.14 -7.44
C ARG A 26 -1.47 3.08 -8.51
N ASP A 27 -0.56 3.76 -9.20
CA ASP A 27 -0.96 4.69 -10.25
C ASP A 27 -0.62 4.09 -11.62
N GLU A 28 -1.63 4.08 -12.48
CA GLU A 28 -1.46 3.54 -13.81
C GLU A 28 -0.21 4.14 -14.48
N SER A 29 -0.07 5.45 -14.31
CA SER A 29 1.07 6.15 -14.87
C SER A 29 2.38 5.63 -14.26
N GLU A 30 2.22 4.89 -13.18
CA GLU A 30 3.38 4.33 -12.49
C GLU A 30 3.28 2.80 -12.47
N SER A 31 2.38 2.28 -13.29
CA SER A 31 2.17 0.85 -13.38
C SER A 31 3.52 0.13 -13.30
N HIS A 32 3.84 -0.34 -12.10
CA HIS A 32 5.09 -1.05 -11.87
C HIS A 32 4.90 -2.54 -12.16
N PHE A 33 5.42 -3.35 -11.26
CA PHE A 33 5.32 -4.80 -11.40
C PHE A 33 3.86 -5.22 -11.65
N LYS A 34 3.65 -6.52 -11.65
CA LYS A 34 2.32 -7.07 -11.88
C LYS A 34 2.08 -8.22 -10.91
N THR A 35 0.97 -8.93 -11.14
CA THR A 35 0.62 -10.06 -10.29
C THR A 35 1.55 -11.24 -10.55
N GLY A 36 1.55 -12.16 -9.61
CA GLY A 36 2.39 -13.34 -9.73
C GLY A 36 3.88 -12.97 -9.70
N ASP A 37 4.14 -11.77 -9.21
CA ASP A 37 5.50 -11.28 -9.11
C ASP A 37 5.81 -10.90 -7.66
N VAL A 38 6.93 -10.23 -7.49
CA VAL A 38 7.35 -9.80 -6.17
C VAL A 38 7.16 -8.29 -6.04
N LEU A 39 6.84 -7.87 -4.82
CA LEU A 39 6.62 -6.45 -4.55
C LEU A 39 7.44 -6.03 -3.34
N ARG A 40 8.54 -5.34 -3.62
CA ARG A 40 9.42 -4.88 -2.56
C ARG A 40 8.69 -3.88 -1.66
N VAL A 41 8.91 -4.03 -0.35
CA VAL A 41 8.28 -3.15 0.62
C VAL A 41 9.34 -2.64 1.60
N GLY A 42 8.94 -1.65 2.38
CA GLY A 42 9.84 -1.07 3.37
C GLY A 42 9.06 -0.21 4.38
N ARG A 43 9.20 1.09 4.21
CA ARG A 43 8.53 2.03 5.10
C ARG A 43 8.45 3.41 4.46
N PHE A 44 7.25 3.95 4.41
CA PHE A 44 7.03 5.27 3.83
C PHE A 44 7.56 6.36 4.75
N GLU A 45 7.63 6.04 6.03
CA GLU A 45 8.12 7.00 7.01
C GLU A 45 9.45 7.59 6.56
N ASP A 46 10.35 6.71 6.16
CA ASP A 46 11.66 7.13 5.70
C ASP A 46 12.65 5.97 5.84
N ASP A 47 12.33 4.87 5.16
CA ASP A 47 13.17 3.68 5.20
C ASP A 47 13.22 3.05 3.81
N GLY A 48 12.05 2.62 3.36
CA GLY A 48 11.95 1.99 2.05
C GLY A 48 12.92 0.81 1.93
N TYR A 49 12.66 -0.02 0.93
CA TYR A 49 13.48 -1.19 0.69
C TYR A 49 13.93 -1.82 2.02
N PHE A 50 13.11 -2.73 2.51
CA PHE A 50 13.40 -3.40 3.76
C PHE A 50 13.14 -4.91 3.64
N CYS A 51 12.02 -5.24 3.02
CA CYS A 51 11.64 -6.63 2.84
C CYS A 51 11.00 -6.77 1.45
N THR A 52 10.69 -8.01 1.11
CA THR A 52 10.08 -8.30 -0.18
C THR A 52 8.79 -9.10 0.01
N ILE A 53 7.82 -8.80 -0.83
CA ILE A 53 6.53 -9.48 -0.76
C ILE A 53 6.16 -9.98 -2.16
N GLU A 54 5.10 -10.77 -2.20
CA GLU A 54 4.62 -11.33 -3.46
C GLU A 54 3.15 -10.98 -3.68
N VAL A 55 2.82 -10.71 -4.94
CA VAL A 55 1.46 -10.36 -5.30
C VAL A 55 0.59 -11.62 -5.27
N THR A 56 -0.71 -11.39 -5.16
CA THR A 56 -1.65 -12.51 -5.13
C THR A 56 -2.82 -12.24 -6.09
N ALA A 57 -3.33 -11.02 -6.04
CA ALA A 57 -4.43 -10.62 -6.89
C ALA A 57 -4.29 -9.14 -7.23
N THR A 58 -5.11 -8.71 -8.20
CA THR A 58 -5.09 -7.32 -8.63
C THR A 58 -6.49 -6.88 -9.04
N SER A 59 -6.79 -5.62 -8.76
CA SER A 59 -8.08 -5.05 -9.09
C SER A 59 -7.98 -3.53 -9.19
N THR A 60 -9.03 -2.93 -9.75
CA THR A 60 -9.06 -1.49 -9.91
C THR A 60 -10.05 -0.88 -8.90
N VAL A 61 -9.51 -0.07 -8.00
CA VAL A 61 -10.32 0.58 -6.99
C VAL A 61 -9.59 1.81 -6.46
N THR A 62 -10.28 2.55 -5.60
CA THR A 62 -9.71 3.75 -5.02
C THR A 62 -8.76 3.38 -3.87
N LEU A 63 -8.62 4.32 -2.95
CA LEU A 63 -7.76 4.11 -1.80
C LEU A 63 -8.60 3.69 -0.59
N ASP A 64 -9.37 4.64 -0.09
CA ASP A 64 -10.24 4.39 1.05
C ASP A 64 -11.17 3.24 0.72
N THR A 65 -11.17 2.85 -0.54
CA THR A 65 -12.02 1.76 -0.99
C THR A 65 -11.46 0.41 -0.52
N LEU A 66 -10.31 0.48 0.14
CA LEU A 66 -9.67 -0.72 0.65
C LEU A 66 -8.47 -0.31 1.51
N THR A 67 -7.74 0.68 1.02
CA THR A 67 -6.57 1.17 1.72
C THR A 67 -6.85 1.28 3.22
N GLU A 68 -5.79 1.17 4.00
CA GLU A 68 -5.91 1.26 5.45
C GLU A 68 -6.75 2.48 5.84
N LYS A 69 -6.78 3.44 4.94
CA LYS A 69 -7.53 4.66 5.17
C LYS A 69 -8.94 4.31 5.64
N HIS A 70 -9.42 3.17 5.16
CA HIS A 70 -10.74 2.70 5.52
C HIS A 70 -10.77 2.32 7.00
N ALA A 71 -9.85 1.43 7.36
CA ALA A 71 -9.75 0.96 8.73
C ALA A 71 -9.55 2.16 9.65
N GLU A 72 -8.76 3.11 9.17
CA GLU A 72 -8.47 4.32 9.94
C GLU A 72 -9.73 5.20 10.04
N GLN A 73 -10.40 5.35 8.91
CA GLN A 73 -11.60 6.16 8.85
C GLN A 73 -12.57 5.73 9.95
N GLU A 74 -12.60 4.43 10.20
CA GLU A 74 -13.48 3.89 11.23
C GLU A 74 -12.70 3.67 12.53
N ASN A 75 -11.67 4.47 12.71
CA ASN A 75 -10.84 4.37 13.91
C ASN A 75 -10.33 5.76 14.28
N MET A 76 -9.55 6.34 13.36
CA MET A 76 -9.00 7.66 13.58
C MET A 76 -9.94 8.75 13.06
N THR A 77 -9.52 9.99 13.27
CA THR A 77 -10.31 11.13 12.83
C THR A 77 -9.93 11.52 11.41
N LEU A 78 -10.46 12.66 10.98
CA LEU A 78 -10.19 13.16 9.64
C LEU A 78 -8.74 13.64 9.57
N THR A 79 -8.30 14.25 10.66
CA THR A 79 -6.94 14.76 10.74
C THR A 79 -5.93 13.65 10.47
N GLU A 80 -6.05 12.59 11.25
CA GLU A 80 -5.16 11.45 11.11
C GLU A 80 -5.27 10.87 9.69
N LEU A 81 -6.51 10.74 9.23
CA LEU A 81 -6.75 10.20 7.90
C LEU A 81 -6.01 11.04 6.86
N LYS A 82 -5.93 12.33 7.15
CA LYS A 82 -5.25 13.25 6.25
C LYS A 82 -3.74 13.04 6.36
N LYS A 83 -3.30 12.78 7.58
CA LYS A 83 -1.89 12.55 7.84
C LYS A 83 -1.42 11.31 7.08
N VAL A 84 -2.13 10.21 7.33
CA VAL A 84 -1.80 8.96 6.68
C VAL A 84 -1.85 9.14 5.16
N ILE A 85 -2.96 9.73 4.71
CA ILE A 85 -3.14 9.96 3.28
C ILE A 85 -1.90 10.66 2.72
N ALA A 86 -1.39 11.61 3.48
CA ALA A 86 -0.21 12.35 3.08
C ALA A 86 1.01 11.44 3.16
N ASP A 87 0.90 10.42 4.00
CA ASP A 87 1.98 9.46 4.17
C ASP A 87 1.95 8.44 3.04
N ILE A 88 0.75 8.20 2.54
CA ILE A 88 0.56 7.25 1.45
C ILE A 88 0.74 7.97 0.12
N TYR A 89 -0.15 8.93 -0.12
CA TYR A 89 -0.11 9.70 -1.35
C TYR A 89 -1.36 10.56 -1.51
N PRO A 90 -1.16 11.76 -2.12
CA PRO A 90 -2.26 12.67 -2.35
C PRO A 90 -3.16 12.19 -3.49
N GLY A 91 -4.36 12.74 -3.53
CA GLY A 91 -5.32 12.38 -4.58
C GLY A 91 -6.29 11.31 -4.07
N GLN A 92 -7.57 11.63 -4.16
CA GLN A 92 -8.61 10.71 -3.72
C GLN A 92 -9.47 10.28 -4.90
N THR A 93 -8.80 9.78 -5.93
CA THR A 93 -9.50 9.33 -7.13
C THR A 93 -9.18 7.86 -7.41
N GLN A 94 -10.13 7.20 -8.05
CA GLN A 94 -9.96 5.80 -8.39
C GLN A 94 -8.57 5.55 -8.97
N PHE A 95 -8.07 4.35 -8.73
CA PHE A 95 -6.75 3.98 -9.22
C PHE A 95 -6.58 2.45 -9.21
N TYR A 96 -5.38 2.03 -9.60
CA TYR A 96 -5.07 0.61 -9.64
C TYR A 96 -4.77 0.07 -8.24
N VAL A 97 -5.26 -1.13 -7.98
CA VAL A 97 -5.07 -1.76 -6.69
C VAL A 97 -4.45 -3.15 -6.89
N ILE A 98 -3.42 -3.44 -6.13
CA ILE A 98 -2.75 -4.72 -6.22
C ILE A 98 -2.72 -5.38 -4.84
N GLU A 99 -3.19 -6.61 -4.80
CA GLU A 99 -3.23 -7.36 -3.55
C GLU A 99 -2.00 -8.26 -3.44
N PHE A 100 -1.60 -8.52 -2.20
CA PHE A 100 -0.45 -9.36 -1.93
C PHE A 100 -0.61 -10.12 -0.62
N LYS A 101 0.30 -11.06 -0.40
CA LYS A 101 0.27 -11.85 0.81
C LYS A 101 1.68 -12.32 1.15
N CYS A 102 1.94 -12.49 2.44
CA CYS A 102 3.23 -12.91 2.90
C CYS A 102 3.22 -14.45 3.03
N LEU A 103 4.20 -15.07 2.41
CA LEU A 103 4.30 -16.52 2.45
C LEU A 103 5.67 -16.92 3.02
N MET A 1 20.67 -0.29 -10.04
CA MET A 1 21.15 -1.53 -9.46
C MET A 1 19.99 -2.40 -8.97
N GLN A 2 19.14 -1.79 -8.16
CA GLN A 2 17.98 -2.49 -7.63
C GLN A 2 17.05 -1.50 -6.91
N PRO A 3 16.20 -0.83 -7.72
CA PRO A 3 15.25 0.14 -7.18
C PRO A 3 14.10 -0.56 -6.48
N ASN A 4 13.26 0.25 -5.84
CA ASN A 4 12.11 -0.28 -5.13
C ASN A 4 10.90 -0.30 -6.07
N ASP A 5 9.92 -1.12 -5.71
CA ASP A 5 8.71 -1.25 -6.51
C ASP A 5 7.65 -0.29 -5.97
N ILE A 6 7.41 -0.39 -4.66
CA ILE A 6 6.43 0.46 -4.02
C ILE A 6 6.63 0.41 -2.50
N THR A 7 6.40 1.54 -1.86
CA THR A 7 6.56 1.64 -0.42
C THR A 7 5.19 1.74 0.26
N PHE A 8 5.21 1.65 1.57
CA PHE A 8 3.99 1.73 2.35
C PHE A 8 4.28 2.21 3.77
N PHE A 9 3.46 3.15 4.23
CA PHE A 9 3.61 3.70 5.56
C PHE A 9 3.87 2.60 6.59
N GLN A 10 4.35 3.01 7.75
CA GLN A 10 4.65 2.08 8.82
C GLN A 10 3.40 1.25 9.15
N ARG A 11 2.27 1.94 9.24
CA ARG A 11 1.02 1.28 9.55
C ARG A 11 0.82 0.06 8.66
N PHE A 12 1.03 0.28 7.36
CA PHE A 12 0.88 -0.80 6.39
C PHE A 12 1.87 -1.93 6.67
N GLN A 13 3.03 -1.55 7.19
CA GLN A 13 4.06 -2.52 7.51
C GLN A 13 3.61 -3.43 8.65
N ASP A 14 3.05 -2.81 9.67
CA ASP A 14 2.58 -3.56 10.83
C ASP A 14 1.41 -4.45 10.41
N ASP A 15 0.39 -3.82 9.85
CA ASP A 15 -0.79 -4.54 9.40
C ASP A 15 -0.35 -5.70 8.51
N ILE A 16 0.59 -5.40 7.63
CA ILE A 16 1.10 -6.41 6.72
C ILE A 16 1.78 -7.53 7.52
N LEU A 17 2.60 -7.12 8.46
CA LEU A 17 3.31 -8.08 9.30
C LEU A 17 2.29 -8.95 10.04
N ALA A 18 1.13 -8.37 10.28
CA ALA A 18 0.07 -9.09 10.97
C ALA A 18 -0.83 -9.78 9.95
N GLY A 19 -0.28 -9.95 8.74
CA GLY A 19 -1.02 -10.59 7.67
C GLY A 19 -2.14 -9.69 7.15
N ARG A 20 -3.36 -10.16 7.33
CA ARG A 20 -4.52 -9.40 6.87
C ARG A 20 -4.29 -8.87 5.45
N LYS A 21 -4.81 -9.61 4.49
CA LYS A 21 -4.68 -9.23 3.09
C LYS A 21 -4.69 -7.70 2.99
N THR A 22 -3.51 -7.14 2.73
CA THR A 22 -3.36 -5.71 2.60
C THR A 22 -3.31 -5.31 1.13
N ILE A 23 -4.27 -4.48 0.73
CA ILE A 23 -4.33 -4.02 -0.65
C ILE A 23 -3.65 -2.65 -0.75
N THR A 24 -3.26 -2.32 -1.97
CA THR A 24 -2.60 -1.04 -2.22
C THR A 24 -3.11 -0.42 -3.52
N ILE A 25 -2.78 0.84 -3.71
CA ILE A 25 -3.21 1.57 -4.90
C ILE A 25 -1.97 2.10 -5.63
N ARG A 26 -2.01 2.01 -6.95
CA ARG A 26 -0.91 2.48 -7.77
C ARG A 26 -1.44 3.21 -9.00
N ASP A 27 -0.55 3.96 -9.64
CA ASP A 27 -0.92 4.71 -10.82
C ASP A 27 -0.63 3.85 -12.06
N GLU A 28 -1.64 3.78 -12.93
CA GLU A 28 -1.52 3.00 -14.15
C GLU A 28 -0.23 3.37 -14.88
N SER A 29 0.04 4.67 -14.94
CA SER A 29 1.24 5.16 -15.61
C SER A 29 2.48 4.50 -15.00
N GLU A 30 2.34 4.08 -13.75
CA GLU A 30 3.44 3.44 -13.06
C GLU A 30 3.03 2.05 -12.59
N SER A 31 1.94 1.56 -13.17
CA SER A 31 1.43 0.24 -12.83
C SER A 31 1.76 -0.75 -13.96
N HIS A 32 2.73 -1.60 -13.69
CA HIS A 32 3.15 -2.60 -14.67
C HIS A 32 3.88 -3.74 -13.95
N PHE A 33 3.26 -4.91 -14.01
CA PHE A 33 3.82 -6.09 -13.38
C PHE A 33 2.93 -7.32 -13.59
N LYS A 34 3.05 -8.26 -12.67
CA LYS A 34 2.26 -9.47 -12.74
C LYS A 34 1.95 -9.96 -11.32
N THR A 35 0.90 -10.76 -11.21
CA THR A 35 0.50 -11.29 -9.93
C THR A 35 1.35 -12.51 -9.56
N GLY A 36 1.27 -12.90 -8.30
CA GLY A 36 2.03 -14.05 -7.82
C GLY A 36 3.53 -13.75 -7.83
N ASP A 37 3.84 -12.47 -7.97
CA ASP A 37 5.23 -12.05 -8.00
C ASP A 37 5.60 -11.44 -6.65
N VAL A 38 6.80 -10.87 -6.60
CA VAL A 38 7.28 -10.26 -5.37
C VAL A 38 7.16 -8.74 -5.50
N LEU A 39 6.80 -8.11 -4.39
CA LEU A 39 6.64 -6.67 -4.36
C LEU A 39 7.54 -6.09 -3.26
N ARG A 40 8.58 -5.41 -3.70
CA ARG A 40 9.52 -4.80 -2.78
C ARG A 40 8.80 -3.80 -1.87
N VAL A 41 9.11 -3.89 -0.58
CA VAL A 41 8.49 -3.00 0.40
C VAL A 41 9.55 -2.55 1.41
N GLY A 42 9.14 -1.65 2.28
CA GLY A 42 10.05 -1.14 3.30
C GLY A 42 9.30 -0.25 4.30
N ARG A 43 9.53 1.05 4.19
CA ARG A 43 8.89 2.00 5.06
C ARG A 43 9.43 3.42 4.81
N PHE A 44 8.50 4.33 4.58
CA PHE A 44 8.86 5.71 4.32
C PHE A 44 9.54 6.34 5.53
N GLU A 45 9.17 5.84 6.71
CA GLU A 45 9.73 6.35 7.95
C GLU A 45 11.24 6.54 7.81
N ASP A 46 11.89 5.51 7.27
CA ASP A 46 13.32 5.55 7.08
C ASP A 46 13.64 6.17 5.72
N ASP A 47 12.93 5.68 4.70
CA ASP A 47 13.11 6.17 3.35
C ASP A 47 12.33 5.29 2.38
N GLY A 48 12.37 3.99 2.64
CA GLY A 48 11.67 3.03 1.79
C GLY A 48 12.48 1.76 1.62
N TYR A 49 11.81 0.73 1.13
CA TYR A 49 12.46 -0.56 0.92
C TYR A 49 13.09 -1.08 2.21
N PHE A 50 12.90 -2.37 2.44
CA PHE A 50 13.46 -3.00 3.62
C PHE A 50 13.11 -4.49 3.66
N CYS A 51 11.90 -4.79 3.22
CA CYS A 51 11.44 -6.17 3.19
C CYS A 51 10.83 -6.46 1.82
N THR A 52 10.43 -7.70 1.62
CA THR A 52 9.83 -8.11 0.36
C THR A 52 8.49 -8.80 0.61
N ILE A 53 7.58 -8.61 -0.34
CA ILE A 53 6.26 -9.21 -0.23
C ILE A 53 5.91 -9.89 -1.56
N GLU A 54 4.79 -10.59 -1.55
CA GLU A 54 4.33 -11.29 -2.73
C GLU A 54 2.89 -10.89 -3.07
N VAL A 55 2.64 -10.71 -4.35
CA VAL A 55 1.32 -10.33 -4.82
C VAL A 55 0.36 -11.52 -4.68
N THR A 56 -0.93 -11.21 -4.69
CA THR A 56 -1.94 -12.24 -4.57
C THR A 56 -3.13 -11.93 -5.48
N ALA A 57 -3.54 -10.67 -5.45
CA ALA A 57 -4.66 -10.23 -6.27
C ALA A 57 -4.41 -8.80 -6.75
N THR A 58 -5.25 -8.37 -7.68
CA THR A 58 -5.13 -7.02 -8.22
C THR A 58 -6.45 -6.59 -8.87
N SER A 59 -6.78 -5.33 -8.66
CA SER A 59 -8.01 -4.77 -9.22
C SER A 59 -7.90 -3.25 -9.34
N THR A 60 -8.85 -2.68 -10.05
CA THR A 60 -8.87 -1.24 -10.25
C THR A 60 -9.92 -0.58 -9.36
N VAL A 61 -9.44 0.15 -8.37
CA VAL A 61 -10.34 0.83 -7.44
C VAL A 61 -9.59 2.00 -6.78
N THR A 62 -10.33 2.77 -6.00
CA THR A 62 -9.76 3.91 -5.32
C THR A 62 -8.86 3.44 -4.16
N LEU A 63 -8.73 4.32 -3.17
CA LEU A 63 -7.92 4.01 -2.01
C LEU A 63 -8.82 3.56 -0.86
N ASP A 64 -9.55 4.53 -0.31
CA ASP A 64 -10.45 4.25 0.79
C ASP A 64 -11.41 3.13 0.38
N THR A 65 -11.37 2.79 -0.90
CA THR A 65 -12.23 1.74 -1.42
C THR A 65 -11.69 0.37 -1.04
N LEU A 66 -10.58 0.39 -0.30
CA LEU A 66 -9.95 -0.84 0.13
C LEU A 66 -8.72 -0.52 0.96
N THR A 67 -7.99 0.50 0.51
CA THR A 67 -6.79 0.92 1.20
C THR A 67 -7.00 0.92 2.71
N GLU A 68 -5.91 0.74 3.44
CA GLU A 68 -5.98 0.71 4.89
C GLU A 68 -6.69 1.96 5.41
N LYS A 69 -6.70 2.99 4.58
CA LYS A 69 -7.33 4.25 4.94
C LYS A 69 -8.75 3.96 5.46
N HIS A 70 -9.36 2.95 4.86
CA HIS A 70 -10.71 2.57 5.25
C HIS A 70 -10.68 1.95 6.66
N ALA A 71 -9.85 0.94 6.81
CA ALA A 71 -9.72 0.27 8.08
C ALA A 71 -9.39 1.29 9.18
N GLU A 72 -8.58 2.26 8.79
CA GLU A 72 -8.18 3.32 9.72
C GLU A 72 -9.36 4.26 9.97
N GLN A 73 -10.04 4.62 8.89
CA GLN A 73 -11.18 5.51 8.99
C GLN A 73 -12.13 5.05 10.11
N GLU A 74 -12.24 3.74 10.23
CA GLU A 74 -13.11 3.16 11.25
C GLU A 74 -12.29 2.80 12.49
N ASN A 75 -11.20 3.52 12.68
CA ASN A 75 -10.33 3.29 13.82
C ASN A 75 -9.75 4.62 14.29
N MET A 76 -9.00 5.25 13.39
CA MET A 76 -8.38 6.53 13.69
C MET A 76 -9.30 7.69 13.33
N THR A 77 -8.82 8.90 13.60
CA THR A 77 -9.59 10.09 13.31
C THR A 77 -9.31 10.56 11.88
N LEU A 78 -9.93 11.68 11.53
CA LEU A 78 -9.76 12.25 10.20
C LEU A 78 -8.35 12.83 10.08
N THR A 79 -7.90 13.44 11.17
CA THR A 79 -6.58 14.04 11.19
C THR A 79 -5.51 12.97 10.92
N GLU A 80 -5.65 11.84 11.59
CA GLU A 80 -4.70 10.75 11.43
C GLU A 80 -4.82 10.15 10.03
N LEU A 81 -6.06 10.09 9.55
CA LEU A 81 -6.32 9.55 8.23
C LEU A 81 -5.61 10.39 7.17
N LYS A 82 -5.60 11.69 7.43
CA LYS A 82 -4.95 12.62 6.51
C LYS A 82 -3.43 12.49 6.63
N LYS A 83 -2.99 12.30 7.87
CA LYS A 83 -1.57 12.15 8.14
C LYS A 83 -1.04 10.92 7.39
N VAL A 84 -1.70 9.80 7.60
CA VAL A 84 -1.31 8.56 6.96
C VAL A 84 -1.46 8.71 5.45
N ILE A 85 -2.63 9.19 5.04
CA ILE A 85 -2.92 9.39 3.64
C ILE A 85 -1.81 10.22 3.01
N ALA A 86 -1.37 11.22 3.75
CA ALA A 86 -0.32 12.10 3.26
C ALA A 86 1.03 11.37 3.34
N ASP A 87 1.07 10.36 4.21
CA ASP A 87 2.28 9.58 4.38
C ASP A 87 2.33 8.49 3.31
N ILE A 88 1.15 8.10 2.85
CA ILE A 88 1.05 7.07 1.83
C ILE A 88 0.95 7.73 0.45
N TYR A 89 -0.10 8.52 0.29
CA TYR A 89 -0.32 9.22 -0.96
C TYR A 89 -1.69 9.90 -0.97
N PRO A 90 -1.84 10.87 -1.92
CA PRO A 90 -3.09 11.61 -2.04
C PRO A 90 -4.17 10.74 -2.70
N GLY A 91 -3.76 10.01 -3.72
CA GLY A 91 -4.67 9.15 -4.44
C GLY A 91 -5.86 9.94 -4.99
N GLN A 92 -5.87 10.09 -6.31
CA GLN A 92 -6.94 10.82 -6.97
C GLN A 92 -8.11 9.89 -7.28
N THR A 93 -8.71 10.12 -8.43
CA THR A 93 -9.85 9.31 -8.85
C THR A 93 -9.45 7.84 -8.97
N GLN A 94 -10.45 6.97 -8.88
CA GLN A 94 -10.21 5.54 -8.96
C GLN A 94 -8.90 5.27 -9.70
N PHE A 95 -8.14 4.32 -9.15
CA PHE A 95 -6.87 3.96 -9.73
C PHE A 95 -6.61 2.46 -9.58
N TYR A 96 -5.44 2.04 -10.05
CA TYR A 96 -5.05 0.64 -9.97
C TYR A 96 -4.77 0.23 -8.53
N VAL A 97 -5.14 -1.00 -8.20
CA VAL A 97 -4.94 -1.53 -6.86
C VAL A 97 -4.34 -2.94 -6.96
N ILE A 98 -3.32 -3.15 -6.16
CA ILE A 98 -2.66 -4.45 -6.14
C ILE A 98 -2.68 -5.01 -4.72
N GLU A 99 -3.31 -6.16 -4.58
CA GLU A 99 -3.42 -6.81 -3.28
C GLU A 99 -2.31 -7.86 -3.12
N PHE A 100 -1.77 -7.92 -1.92
CA PHE A 100 -0.71 -8.88 -1.63
C PHE A 100 -0.75 -9.31 -0.17
N LYS A 101 0.04 -10.34 0.13
CA LYS A 101 0.09 -10.86 1.50
C LYS A 101 1.55 -10.87 1.97
N CYS A 102 1.70 -11.01 3.28
CA CYS A 102 3.03 -11.03 3.88
C CYS A 102 3.49 -12.49 3.97
N LEU A 103 4.40 -12.85 3.08
CA LEU A 103 4.93 -14.19 3.03
C LEU A 103 5.14 -14.70 4.47
N MET A 1 20.03 -6.30 -8.65
CA MET A 1 20.68 -5.01 -8.50
C MET A 1 19.76 -3.87 -8.95
N GLN A 2 18.93 -3.43 -8.02
CA GLN A 2 17.99 -2.35 -8.31
C GLN A 2 17.37 -1.83 -7.01
N PRO A 3 16.64 -0.69 -7.14
CA PRO A 3 15.99 -0.08 -6.00
C PRO A 3 14.75 -0.87 -5.58
N ASN A 4 14.16 -0.46 -4.47
CA ASN A 4 12.97 -1.11 -3.97
C ASN A 4 11.90 -1.16 -5.07
N ASP A 5 10.86 -1.94 -4.81
CA ASP A 5 9.78 -2.07 -5.77
C ASP A 5 8.67 -1.07 -5.44
N ILE A 6 8.32 -1.03 -4.16
CA ILE A 6 7.28 -0.13 -3.70
C ILE A 6 7.35 -0.02 -2.17
N THR A 7 7.17 1.21 -1.68
CA THR A 7 7.20 1.45 -0.26
C THR A 7 5.78 1.59 0.30
N PHE A 8 5.67 1.51 1.61
CA PHE A 8 4.39 1.61 2.27
C PHE A 8 4.53 2.24 3.66
N PHE A 9 3.63 3.17 3.96
CA PHE A 9 3.66 3.84 5.24
C PHE A 9 4.00 2.86 6.37
N GLN A 10 4.55 3.42 7.45
CA GLN A 10 4.91 2.60 8.60
C GLN A 10 3.75 1.70 9.01
N ARG A 11 2.59 2.33 9.18
CA ARG A 11 1.40 1.59 9.58
C ARG A 11 1.20 0.37 8.67
N PHE A 12 1.31 0.62 7.38
CA PHE A 12 1.15 -0.45 6.40
C PHE A 12 2.22 -1.53 6.58
N GLN A 13 3.41 -1.09 6.95
CA GLN A 13 4.52 -2.00 7.16
C GLN A 13 4.20 -2.95 8.32
N ASP A 14 3.74 -2.38 9.41
CA ASP A 14 3.40 -3.16 10.59
C ASP A 14 2.32 -4.17 10.22
N ASP A 15 1.30 -3.68 9.53
CA ASP A 15 0.20 -4.52 9.12
C ASP A 15 0.73 -5.66 8.25
N ILE A 16 1.75 -5.35 7.48
CA ILE A 16 2.35 -6.33 6.59
C ILE A 16 3.04 -7.40 7.44
N LEU A 17 3.77 -6.95 8.46
CA LEU A 17 4.48 -7.86 9.33
C LEU A 17 3.47 -8.81 9.99
N ALA A 18 2.24 -8.34 10.08
CA ALA A 18 1.17 -9.13 10.68
C ALA A 18 0.74 -10.22 9.70
N GLY A 19 1.33 -10.18 8.51
CA GLY A 19 1.01 -11.15 7.48
C GLY A 19 -0.48 -11.13 7.15
N ARG A 20 -1.04 -9.94 7.18
CA ARG A 20 -2.46 -9.77 6.89
C ARG A 20 -2.66 -9.31 5.44
N LYS A 21 -3.00 -10.27 4.59
CA LYS A 21 -3.22 -9.97 3.19
C LYS A 21 -3.91 -8.62 3.05
N THR A 22 -3.13 -7.63 2.62
CA THR A 22 -3.66 -6.29 2.45
C THR A 22 -3.51 -5.84 0.98
N ILE A 23 -4.45 -5.01 0.56
CA ILE A 23 -4.44 -4.51 -0.80
C ILE A 23 -3.82 -3.11 -0.83
N THR A 24 -3.27 -2.77 -1.97
CA THR A 24 -2.64 -1.47 -2.14
C THR A 24 -3.31 -0.69 -3.28
N ILE A 25 -2.88 0.56 -3.43
CA ILE A 25 -3.43 1.41 -4.47
C ILE A 25 -2.28 2.12 -5.19
N ARG A 26 -2.29 2.00 -6.52
CA ARG A 26 -1.26 2.62 -7.33
C ARG A 26 -1.91 3.47 -8.44
N ASP A 27 -1.05 4.22 -9.13
CA ASP A 27 -1.52 5.06 -10.21
C ASP A 27 -1.20 4.40 -11.55
N GLU A 28 -2.21 4.31 -12.39
CA GLU A 28 -2.04 3.70 -13.71
C GLU A 28 -0.89 4.37 -14.46
N SER A 29 -0.81 5.68 -14.32
CA SER A 29 0.24 6.45 -14.98
C SER A 29 1.61 5.99 -14.46
N GLU A 30 1.58 5.29 -13.34
CA GLU A 30 2.81 4.80 -12.74
C GLU A 30 2.79 3.27 -12.67
N SER A 31 1.82 2.69 -13.35
CA SER A 31 1.68 1.24 -13.38
C SER A 31 3.06 0.58 -13.44
N HIS A 32 3.33 -0.23 -12.44
CA HIS A 32 4.61 -0.93 -12.38
C HIS A 32 4.39 -2.43 -12.55
N PHE A 33 5.07 -3.20 -11.72
CA PHE A 33 4.96 -4.65 -11.76
C PHE A 33 3.50 -5.08 -11.82
N LYS A 34 3.30 -6.37 -11.96
CA LYS A 34 1.96 -6.93 -12.03
C LYS A 34 1.84 -8.11 -11.05
N THR A 35 0.74 -8.83 -11.17
CA THR A 35 0.49 -9.98 -10.32
C THR A 35 1.46 -11.12 -10.67
N GLY A 36 1.79 -11.89 -9.65
CA GLY A 36 2.70 -13.02 -9.84
C GLY A 36 4.15 -12.59 -9.62
N ASP A 37 4.36 -11.28 -9.60
CA ASP A 37 5.69 -10.74 -9.41
C ASP A 37 5.95 -10.59 -7.90
N VAL A 38 7.06 -9.93 -7.59
CA VAL A 38 7.43 -9.71 -6.21
C VAL A 38 7.22 -8.24 -5.85
N LEU A 39 6.88 -8.02 -4.59
CA LEU A 39 6.64 -6.67 -4.11
C LEU A 39 7.51 -6.40 -2.88
N ARG A 40 8.60 -5.68 -3.10
CA ARG A 40 9.52 -5.37 -2.03
C ARG A 40 8.96 -4.22 -1.17
N VAL A 41 8.89 -4.48 0.12
CA VAL A 41 8.38 -3.48 1.06
C VAL A 41 9.53 -2.93 1.90
N GLY A 42 9.29 -1.78 2.51
CA GLY A 42 10.29 -1.15 3.35
C GLY A 42 9.66 -0.12 4.28
N ARG A 43 9.53 1.10 3.77
CA ARG A 43 8.95 2.18 4.55
C ARG A 43 8.95 3.48 3.74
N PHE A 44 7.77 4.08 3.65
CA PHE A 44 7.62 5.32 2.91
C PHE A 44 8.38 6.46 3.60
N GLU A 45 8.57 6.30 4.90
CA GLU A 45 9.26 7.31 5.69
C GLU A 45 10.62 7.64 5.04
N ASP A 46 11.35 6.59 4.73
CA ASP A 46 12.66 6.76 4.12
C ASP A 46 13.42 5.42 4.17
N ASP A 47 13.11 4.65 5.19
CA ASP A 47 13.75 3.35 5.37
C ASP A 47 13.83 2.65 4.01
N GLY A 48 12.67 2.30 3.49
CA GLY A 48 12.60 1.62 2.21
C GLY A 48 13.43 0.34 2.22
N TYR A 49 13.17 -0.52 1.24
CA TYR A 49 13.89 -1.77 1.13
C TYR A 49 14.18 -2.36 2.51
N PHE A 50 13.26 -3.21 2.96
CA PHE A 50 13.40 -3.85 4.25
C PHE A 50 13.00 -5.33 4.18
N CYS A 51 11.82 -5.57 3.64
CA CYS A 51 11.32 -6.92 3.49
C CYS A 51 10.86 -7.12 2.06
N THR A 52 10.39 -8.33 1.78
CA THR A 52 9.92 -8.66 0.44
C THR A 52 8.60 -9.43 0.52
N ILE A 53 7.77 -9.22 -0.49
CA ILE A 53 6.48 -9.88 -0.54
C ILE A 53 6.14 -10.19 -2.00
N GLU A 54 5.05 -10.94 -2.18
CA GLU A 54 4.61 -11.32 -3.50
C GLU A 54 3.16 -10.89 -3.73
N VAL A 55 2.83 -10.64 -4.99
CA VAL A 55 1.49 -10.22 -5.34
C VAL A 55 0.55 -11.43 -5.26
N THR A 56 -0.65 -11.17 -4.76
CA THR A 56 -1.65 -12.22 -4.62
C THR A 56 -2.78 -12.01 -5.63
N ALA A 57 -3.25 -10.77 -5.70
CA ALA A 57 -4.33 -10.42 -6.61
C ALA A 57 -4.23 -8.94 -6.97
N THR A 58 -5.01 -8.55 -7.97
CA THR A 58 -5.02 -7.16 -8.42
C THR A 58 -6.43 -6.76 -8.85
N SER A 59 -6.73 -5.49 -8.65
CA SER A 59 -8.04 -4.96 -9.00
C SER A 59 -7.94 -3.45 -9.22
N THR A 60 -9.03 -2.90 -9.75
CA THR A 60 -9.09 -1.46 -10.00
C THR A 60 -10.14 -0.80 -9.11
N VAL A 61 -9.65 -0.04 -8.14
CA VAL A 61 -10.54 0.64 -7.22
C VAL A 61 -9.82 1.86 -6.63
N THR A 62 -10.57 2.64 -5.86
CA THR A 62 -10.01 3.83 -5.23
C THR A 62 -9.12 3.45 -4.05
N LEU A 63 -9.02 4.37 -3.11
CA LEU A 63 -8.20 4.14 -1.92
C LEU A 63 -9.11 3.73 -0.76
N ASP A 64 -9.84 4.71 -0.24
CA ASP A 64 -10.74 4.47 0.87
C ASP A 64 -11.71 3.34 0.50
N THR A 65 -11.69 2.98 -0.78
CA THR A 65 -12.55 1.92 -1.27
C THR A 65 -12.07 0.56 -0.75
N LEU A 66 -10.94 0.59 -0.08
CA LEU A 66 -10.36 -0.63 0.47
C LEU A 66 -9.13 -0.27 1.32
N THR A 67 -8.37 0.69 0.81
CA THR A 67 -7.17 1.13 1.51
C THR A 67 -7.43 1.23 3.01
N GLU A 68 -6.36 1.10 3.77
CA GLU A 68 -6.46 1.18 5.22
C GLU A 68 -7.26 2.41 5.63
N LYS A 69 -7.29 3.38 4.74
CA LYS A 69 -8.01 4.62 5.00
C LYS A 69 -9.43 4.29 5.48
N HIS A 70 -9.92 3.16 5.00
CA HIS A 70 -11.26 2.71 5.37
C HIS A 70 -11.25 2.24 6.82
N ALA A 71 -10.37 1.29 7.11
CA ALA A 71 -10.25 0.75 8.45
C ALA A 71 -9.98 1.89 9.43
N GLU A 72 -9.16 2.83 8.99
CA GLU A 72 -8.82 3.97 9.82
C GLU A 72 -10.02 4.92 9.95
N GLN A 73 -10.67 5.16 8.83
CA GLN A 73 -11.82 6.04 8.79
C GLN A 73 -12.82 5.65 9.89
N GLU A 74 -12.91 4.34 10.12
CA GLU A 74 -13.81 3.83 11.14
C GLU A 74 -13.04 3.55 12.43
N ASN A 75 -11.96 4.29 12.62
CA ASN A 75 -11.14 4.13 13.80
C ASN A 75 -10.55 5.48 14.20
N MET A 76 -9.76 6.04 13.29
CA MET A 76 -9.13 7.32 13.53
C MET A 76 -10.02 8.47 13.03
N THR A 77 -9.52 9.69 13.21
CA THR A 77 -10.26 10.86 12.78
C THR A 77 -9.86 11.26 11.35
N LEU A 78 -10.34 12.41 10.94
CA LEU A 78 -10.05 12.91 9.60
C LEU A 78 -8.57 13.34 9.53
N THR A 79 -8.11 13.92 10.62
CA THR A 79 -6.73 14.37 10.71
C THR A 79 -5.77 13.21 10.43
N GLU A 80 -5.91 12.17 11.24
CA GLU A 80 -5.07 11.00 11.09
C GLU A 80 -5.16 10.44 9.67
N LEU A 81 -6.38 10.38 9.17
CA LEU A 81 -6.63 9.88 7.83
C LEU A 81 -5.82 10.70 6.83
N LYS A 82 -5.80 12.01 7.06
CA LYS A 82 -5.08 12.92 6.19
C LYS A 82 -3.58 12.68 6.36
N LYS A 83 -3.21 12.25 7.56
CA LYS A 83 -1.81 11.99 7.85
C LYS A 83 -1.34 10.78 7.05
N VAL A 84 -2.08 9.69 7.19
CA VAL A 84 -1.75 8.46 6.49
C VAL A 84 -1.90 8.69 4.98
N ILE A 85 -2.96 9.41 4.62
CA ILE A 85 -3.22 9.70 3.22
C ILE A 85 -2.04 10.48 2.64
N ALA A 86 -1.50 11.37 3.46
CA ALA A 86 -0.37 12.18 3.04
C ALA A 86 0.90 11.34 3.07
N ASP A 87 0.87 10.30 3.90
CA ASP A 87 2.01 9.41 4.03
C ASP A 87 1.98 8.39 2.90
N ILE A 88 0.78 8.11 2.42
CA ILE A 88 0.61 7.15 1.34
C ILE A 88 0.78 7.87 -0.01
N TYR A 89 -0.04 8.88 -0.21
CA TYR A 89 0.00 9.66 -1.43
C TYR A 89 -1.22 10.56 -1.56
N PRO A 90 -0.98 11.79 -2.08
CA PRO A 90 -2.05 12.76 -2.26
C PRO A 90 -2.94 12.38 -3.46
N GLY A 91 -4.16 12.90 -3.42
CA GLY A 91 -5.10 12.63 -4.49
C GLY A 91 -6.06 11.50 -4.10
N GLN A 92 -7.35 11.82 -4.12
CA GLN A 92 -8.37 10.85 -3.78
C GLN A 92 -9.26 10.55 -4.99
N THR A 93 -8.77 9.65 -5.83
CA THR A 93 -9.50 9.27 -7.02
C THR A 93 -9.19 7.82 -7.40
N GLN A 94 -10.15 7.18 -8.06
CA GLN A 94 -9.99 5.81 -8.48
C GLN A 94 -8.54 5.55 -8.93
N PHE A 95 -8.10 4.33 -8.71
CA PHE A 95 -6.75 3.94 -9.07
C PHE A 95 -6.62 2.42 -9.14
N TYR A 96 -5.40 1.97 -9.45
CA TYR A 96 -5.12 0.55 -9.54
C TYR A 96 -4.73 -0.02 -8.18
N VAL A 97 -5.52 -0.99 -7.73
CA VAL A 97 -5.28 -1.63 -6.46
C VAL A 97 -4.58 -2.98 -6.69
N ILE A 98 -3.52 -3.20 -5.92
CA ILE A 98 -2.76 -4.43 -6.04
C ILE A 98 -2.67 -5.10 -4.66
N GLU A 99 -3.10 -6.35 -4.61
CA GLU A 99 -3.07 -7.10 -3.36
C GLU A 99 -1.81 -7.95 -3.29
N PHE A 100 -1.38 -8.22 -2.06
CA PHE A 100 -0.19 -9.02 -1.85
C PHE A 100 -0.32 -9.86 -0.56
N LYS A 101 0.44 -10.94 -0.53
CA LYS A 101 0.41 -11.83 0.63
C LYS A 101 1.84 -12.28 0.94
N CYS A 102 2.07 -12.58 2.21
CA CYS A 102 3.38 -13.02 2.64
C CYS A 102 3.42 -14.55 2.57
N LEU A 103 4.17 -15.05 1.60
CA LEU A 103 4.30 -16.49 1.41
C LEU A 103 4.43 -17.16 2.78
N MET A 1 19.78 2.91 -8.70
CA MET A 1 20.48 1.99 -7.80
C MET A 1 19.48 1.14 -7.01
N GLN A 2 19.18 -0.03 -7.55
CA GLN A 2 18.26 -0.94 -6.92
C GLN A 2 17.14 -0.16 -6.20
N PRO A 3 16.19 0.36 -7.03
CA PRO A 3 15.08 1.12 -6.49
C PRO A 3 14.05 0.22 -5.82
N ASN A 4 13.01 0.83 -5.27
CA ASN A 4 11.96 0.08 -4.60
C ASN A 4 10.81 -0.14 -5.57
N ASP A 5 9.98 -1.13 -5.25
CA ASP A 5 8.84 -1.45 -6.09
C ASP A 5 7.60 -0.72 -5.56
N ILE A 6 7.32 -0.94 -4.28
CA ILE A 6 6.17 -0.31 -3.66
C ILE A 6 6.51 -0.01 -2.19
N THR A 7 6.02 1.14 -1.73
CA THR A 7 6.27 1.55 -0.36
C THR A 7 4.98 1.45 0.46
N PHE A 8 5.14 1.54 1.78
CA PHE A 8 4.00 1.46 2.66
C PHE A 8 4.31 2.11 4.02
N PHE A 9 3.48 3.07 4.38
CA PHE A 9 3.67 3.78 5.64
C PHE A 9 4.13 2.83 6.75
N GLN A 10 4.74 3.42 7.77
CA GLN A 10 5.23 2.64 8.89
C GLN A 10 4.13 1.73 9.43
N ARG A 11 2.99 2.33 9.71
CA ARG A 11 1.85 1.59 10.24
C ARG A 11 1.50 0.44 9.29
N PHE A 12 1.42 0.77 8.01
CA PHE A 12 1.09 -0.23 7.00
C PHE A 12 2.15 -1.32 6.94
N GLN A 13 3.39 -0.91 7.15
CA GLN A 13 4.50 -1.85 7.13
C GLN A 13 4.36 -2.87 8.27
N ASP A 14 4.08 -2.36 9.45
CA ASP A 14 3.92 -3.21 10.62
C ASP A 14 2.79 -4.20 10.37
N ASP A 15 1.68 -3.67 9.85
CA ASP A 15 0.52 -4.49 9.57
C ASP A 15 0.93 -5.62 8.62
N ILE A 16 1.74 -5.26 7.64
CA ILE A 16 2.22 -6.23 6.66
C ILE A 16 3.08 -7.28 7.35
N LEU A 17 3.95 -6.79 8.24
CA LEU A 17 4.83 -7.67 8.98
C LEU A 17 4.00 -8.68 9.77
N ALA A 18 2.77 -8.28 10.07
CA ALA A 18 1.87 -9.14 10.81
C ALA A 18 1.31 -10.22 9.88
N GLY A 19 1.73 -10.16 8.63
CA GLY A 19 1.29 -11.11 7.63
C GLY A 19 -0.23 -11.08 7.48
N ARG A 20 -0.72 -9.95 6.96
CA ARG A 20 -2.14 -9.78 6.77
C ARG A 20 -2.42 -9.28 5.34
N LYS A 21 -2.73 -10.23 4.47
CA LYS A 21 -3.02 -9.91 3.08
C LYS A 21 -3.77 -8.57 3.02
N THR A 22 -3.03 -7.54 2.63
CA THR A 22 -3.60 -6.22 2.52
C THR A 22 -3.58 -5.74 1.06
N ILE A 23 -4.52 -4.85 0.75
CA ILE A 23 -4.62 -4.31 -0.59
C ILE A 23 -3.88 -2.97 -0.66
N THR A 24 -3.55 -2.58 -1.88
CA THR A 24 -2.83 -1.33 -2.10
C THR A 24 -3.33 -0.64 -3.38
N ILE A 25 -2.83 0.56 -3.59
CA ILE A 25 -3.21 1.33 -4.76
C ILE A 25 -1.97 1.93 -5.41
N ARG A 26 -1.97 1.92 -6.74
CA ARG A 26 -0.84 2.45 -7.49
C ARG A 26 -1.33 3.32 -8.65
N ASP A 27 -0.39 3.98 -9.30
CA ASP A 27 -0.72 4.84 -10.42
C ASP A 27 -0.41 4.11 -11.72
N GLU A 28 -1.40 4.05 -12.59
CA GLU A 28 -1.24 3.39 -13.88
C GLU A 28 0.00 3.91 -14.59
N SER A 29 0.16 5.23 -14.55
CA SER A 29 1.30 5.86 -15.19
C SER A 29 2.60 5.36 -14.56
N GLU A 30 2.45 4.71 -13.41
CA GLU A 30 3.61 4.19 -12.70
C GLU A 30 3.47 2.67 -12.52
N SER A 31 2.53 2.10 -13.27
CA SER A 31 2.29 0.67 -13.20
C SER A 31 3.63 -0.08 -13.06
N HIS A 32 3.92 -0.47 -11.83
CA HIS A 32 5.15 -1.19 -11.54
C HIS A 32 4.98 -2.67 -11.91
N PHE A 33 5.46 -3.52 -11.03
CA PHE A 33 5.36 -4.95 -11.24
C PHE A 33 3.92 -5.37 -11.55
N LYS A 34 3.71 -6.68 -11.57
CA LYS A 34 2.38 -7.22 -11.84
C LYS A 34 2.08 -8.33 -10.83
N THR A 35 0.98 -9.03 -11.10
CA THR A 35 0.56 -10.12 -10.22
C THR A 35 1.49 -11.33 -10.40
N GLY A 36 1.40 -12.25 -9.45
CA GLY A 36 2.21 -13.46 -9.50
C GLY A 36 3.70 -13.11 -9.45
N ASP A 37 3.98 -11.87 -9.08
CA ASP A 37 5.35 -11.40 -9.00
C ASP A 37 5.67 -11.01 -7.55
N VAL A 38 6.84 -10.42 -7.37
CA VAL A 38 7.27 -9.99 -6.05
C VAL A 38 7.12 -8.47 -5.94
N LEU A 39 6.87 -8.02 -4.73
CA LEU A 39 6.71 -6.60 -4.46
C LEU A 39 7.58 -6.19 -3.28
N ARG A 40 8.59 -5.38 -3.58
CA ARG A 40 9.51 -4.92 -2.56
C ARG A 40 8.79 -3.97 -1.59
N VAL A 41 8.72 -4.40 -0.33
CA VAL A 41 8.06 -3.60 0.69
C VAL A 41 9.12 -2.79 1.45
N GLY A 42 8.77 -1.55 1.74
CA GLY A 42 9.66 -0.67 2.45
C GLY A 42 8.88 0.39 3.25
N ARG A 43 9.62 1.31 3.83
CA ARG A 43 9.02 2.38 4.62
C ARG A 43 9.22 3.73 3.94
N PHE A 44 8.12 4.47 3.82
CA PHE A 44 8.17 5.78 3.20
C PHE A 44 8.90 6.79 4.08
N GLU A 45 8.87 6.52 5.38
CA GLU A 45 9.53 7.39 6.34
C GLU A 45 10.97 7.65 5.91
N ASP A 46 11.66 6.57 5.56
CA ASP A 46 13.04 6.68 5.14
C ASP A 46 13.65 5.28 5.03
N ASP A 47 13.24 4.42 5.95
CA ASP A 47 13.72 3.05 5.98
C ASP A 47 13.78 2.52 4.54
N GLY A 48 12.65 2.62 3.87
CA GLY A 48 12.56 2.15 2.50
C GLY A 48 12.64 0.62 2.43
N TYR A 49 13.27 0.13 1.38
CA TYR A 49 13.42 -1.30 1.19
C TYR A 49 13.64 -2.01 2.53
N PHE A 50 12.59 -2.69 2.98
CA PHE A 50 12.66 -3.42 4.24
C PHE A 50 12.64 -4.93 4.00
N CYS A 51 11.63 -5.37 3.28
CA CYS A 51 11.49 -6.79 2.96
C CYS A 51 10.82 -6.92 1.60
N THR A 52 10.52 -8.16 1.24
CA THR A 52 9.87 -8.44 -0.03
C THR A 52 8.59 -9.23 0.18
N ILE A 53 7.65 -9.03 -0.73
CA ILE A 53 6.37 -9.71 -0.66
C ILE A 53 5.96 -10.19 -2.05
N GLU A 54 4.91 -10.98 -2.10
CA GLU A 54 4.41 -11.51 -3.36
C GLU A 54 2.97 -11.07 -3.58
N VAL A 55 2.65 -10.78 -4.84
CA VAL A 55 1.31 -10.35 -5.20
C VAL A 55 0.37 -11.56 -5.20
N THR A 56 -0.92 -11.27 -5.09
CA THR A 56 -1.92 -12.32 -5.08
C THR A 56 -3.10 -11.94 -5.98
N ALA A 57 -3.53 -10.70 -5.86
CA ALA A 57 -4.63 -10.21 -6.65
C ALA A 57 -4.35 -8.77 -7.09
N THR A 58 -5.16 -8.29 -8.02
CA THR A 58 -5.00 -6.94 -8.53
C THR A 58 -6.26 -6.51 -9.30
N SER A 59 -6.72 -5.32 -8.97
CA SER A 59 -7.91 -4.78 -9.62
C SER A 59 -7.93 -3.25 -9.49
N THR A 60 -8.85 -2.64 -10.23
CA THR A 60 -8.98 -1.20 -10.20
C THR A 60 -9.95 -0.77 -9.10
N VAL A 61 -9.40 -0.08 -8.10
CA VAL A 61 -10.21 0.39 -6.99
C VAL A 61 -9.50 1.59 -6.34
N THR A 62 -10.25 2.27 -5.47
CA THR A 62 -9.72 3.43 -4.78
C THR A 62 -8.89 2.99 -3.57
N LEU A 63 -8.68 3.93 -2.66
CA LEU A 63 -7.92 3.66 -1.46
C LEU A 63 -8.87 3.24 -0.33
N ASP A 64 -9.58 4.22 0.20
CA ASP A 64 -10.53 3.97 1.27
C ASP A 64 -11.44 2.80 0.88
N THR A 65 -11.38 2.46 -0.40
CA THR A 65 -12.20 1.36 -0.91
C THR A 65 -11.59 0.02 -0.52
N LEU A 66 -10.50 0.09 0.25
CA LEU A 66 -9.82 -1.11 0.68
C LEU A 66 -8.68 -0.71 1.64
N THR A 67 -7.92 0.28 1.22
CA THR A 67 -6.80 0.76 2.03
C THR A 67 -7.24 0.93 3.49
N GLU A 68 -6.28 0.71 4.38
CA GLU A 68 -6.53 0.84 5.80
C GLU A 68 -7.37 2.09 6.08
N LYS A 69 -7.29 3.02 5.15
CA LYS A 69 -8.04 4.28 5.28
C LYS A 69 -9.47 3.97 5.71
N HIS A 70 -9.97 2.83 5.25
CA HIS A 70 -11.31 2.42 5.58
C HIS A 70 -11.41 2.13 7.08
N ALA A 71 -10.53 1.25 7.53
CA ALA A 71 -10.50 0.88 8.95
C ALA A 71 -10.27 2.13 9.79
N GLU A 72 -9.25 2.90 9.39
CA GLU A 72 -8.92 4.12 10.10
C GLU A 72 -10.10 5.09 10.09
N GLN A 73 -10.72 5.22 8.92
CA GLN A 73 -11.86 6.10 8.76
C GLN A 73 -12.91 5.81 9.84
N GLU A 74 -13.06 4.53 10.14
CA GLU A 74 -14.02 4.11 11.15
C GLU A 74 -13.32 3.85 12.48
N ASN A 75 -12.21 4.55 12.68
CA ASN A 75 -11.43 4.40 13.90
C ASN A 75 -10.82 5.75 14.28
N MET A 76 -9.97 6.25 13.38
CA MET A 76 -9.32 7.53 13.61
C MET A 76 -10.14 8.68 13.04
N THR A 77 -9.64 9.89 13.25
CA THR A 77 -10.32 11.07 12.76
C THR A 77 -9.84 11.42 11.35
N LEU A 78 -10.45 12.46 10.79
CA LEU A 78 -10.10 12.90 9.46
C LEU A 78 -8.63 13.33 9.44
N THR A 79 -8.22 13.95 10.53
CA THR A 79 -6.85 14.42 10.65
C THR A 79 -5.87 13.27 10.45
N GLU A 80 -6.11 12.19 11.17
CA GLU A 80 -5.26 11.02 11.09
C GLU A 80 -5.30 10.44 9.67
N LEU A 81 -6.50 10.32 9.15
CA LEU A 81 -6.69 9.79 7.81
C LEU A 81 -5.89 10.62 6.82
N LYS A 82 -5.85 11.93 7.08
CA LYS A 82 -5.11 12.84 6.22
C LYS A 82 -3.62 12.59 6.38
N LYS A 83 -3.23 12.29 7.61
CA LYS A 83 -1.82 12.03 7.90
C LYS A 83 -1.35 10.82 7.07
N VAL A 84 -2.10 9.74 7.18
CA VAL A 84 -1.77 8.52 6.46
C VAL A 84 -1.91 8.78 4.96
N ILE A 85 -2.94 9.54 4.62
CA ILE A 85 -3.20 9.87 3.22
C ILE A 85 -2.00 10.63 2.65
N ALA A 86 -1.44 11.48 3.49
CA ALA A 86 -0.29 12.27 3.08
C ALA A 86 0.96 11.40 3.09
N ASP A 87 0.93 10.38 3.92
CA ASP A 87 2.05 9.46 4.03
C ASP A 87 2.01 8.47 2.86
N ILE A 88 0.80 8.22 2.37
CA ILE A 88 0.61 7.31 1.25
C ILE A 88 0.78 8.07 -0.06
N TYR A 89 -0.04 9.10 -0.21
CA TYR A 89 0.00 9.92 -1.41
C TYR A 89 -1.25 10.78 -1.54
N PRO A 90 -1.06 11.99 -2.14
CA PRO A 90 -2.17 12.92 -2.32
C PRO A 90 -3.10 12.46 -3.44
N GLY A 91 -4.09 13.28 -3.72
CA GLY A 91 -5.05 12.97 -4.76
C GLY A 91 -6.14 12.03 -4.25
N GLN A 92 -7.37 12.51 -4.34
CA GLN A 92 -8.52 11.73 -3.89
C GLN A 92 -9.25 11.12 -5.08
N THR A 93 -8.59 10.16 -5.73
CA THR A 93 -9.17 9.50 -6.89
C THR A 93 -8.77 8.02 -6.91
N GLN A 94 -9.67 7.21 -7.44
CA GLN A 94 -9.43 5.78 -7.53
C GLN A 94 -8.27 5.50 -8.48
N PHE A 95 -7.70 4.31 -8.35
CA PHE A 95 -6.58 3.90 -9.17
C PHE A 95 -6.35 2.40 -9.08
N TYR A 96 -5.32 1.95 -9.79
CA TYR A 96 -4.97 0.54 -9.79
C TYR A 96 -4.65 0.05 -8.38
N VAL A 97 -5.23 -1.09 -8.03
CA VAL A 97 -5.01 -1.67 -6.72
C VAL A 97 -4.28 -3.01 -6.88
N ILE A 98 -3.32 -3.22 -5.99
CA ILE A 98 -2.53 -4.45 -6.02
C ILE A 98 -2.57 -5.11 -4.65
N GLU A 99 -3.24 -6.25 -4.60
CA GLU A 99 -3.36 -6.99 -3.35
C GLU A 99 -2.28 -8.08 -3.27
N PHE A 100 -1.77 -8.26 -2.07
CA PHE A 100 -0.73 -9.26 -1.84
C PHE A 100 -0.85 -9.86 -0.44
N LYS A 101 -0.04 -10.88 -0.21
CA LYS A 101 -0.05 -11.56 1.09
C LYS A 101 1.38 -12.02 1.42
N CYS A 102 1.63 -12.18 2.71
CA CYS A 102 2.93 -12.62 3.18
C CYS A 102 2.91 -14.15 3.28
N LEU A 103 3.86 -14.77 2.61
CA LEU A 103 3.96 -16.22 2.63
C LEU A 103 4.49 -16.67 4.00
N MET A 1 20.44 -1.45 -10.55
CA MET A 1 19.93 -1.75 -9.23
C MET A 1 18.42 -1.47 -9.15
N GLN A 2 18.04 -0.28 -9.57
CA GLN A 2 16.64 0.12 -9.55
C GLN A 2 16.16 0.28 -8.11
N PRO A 3 15.23 1.24 -7.91
CA PRO A 3 14.68 1.51 -6.60
C PRO A 3 13.68 0.42 -6.20
N ASN A 4 13.16 0.56 -4.99
CA ASN A 4 12.20 -0.40 -4.47
C ASN A 4 11.08 -0.59 -5.49
N ASP A 5 10.20 -1.54 -5.20
CA ASP A 5 9.08 -1.83 -6.07
C ASP A 5 7.88 -0.98 -5.65
N ILE A 6 7.67 -0.90 -4.35
CA ILE A 6 6.57 -0.14 -3.81
C ILE A 6 6.79 0.10 -2.32
N THR A 7 6.41 1.29 -1.87
CA THR A 7 6.57 1.65 -0.47
C THR A 7 5.21 1.77 0.20
N PHE A 8 5.24 1.80 1.53
CA PHE A 8 4.02 1.90 2.30
C PHE A 8 4.30 2.51 3.68
N PHE A 9 3.49 3.51 4.04
CA PHE A 9 3.64 4.17 5.31
C PHE A 9 4.03 3.18 6.41
N GLN A 10 4.63 3.71 7.47
CA GLN A 10 5.04 2.88 8.59
C GLN A 10 3.90 1.99 9.04
N ARG A 11 2.75 2.62 9.28
CA ARG A 11 1.57 1.89 9.73
C ARG A 11 1.33 0.68 8.82
N PHE A 12 1.41 0.92 7.52
CA PHE A 12 1.21 -0.14 6.55
C PHE A 12 2.26 -1.24 6.70
N GLN A 13 3.44 -0.83 7.11
CA GLN A 13 4.54 -1.77 7.30
C GLN A 13 4.21 -2.74 8.44
N ASP A 14 3.87 -2.16 9.59
CA ASP A 14 3.54 -2.96 10.75
C ASP A 14 2.40 -3.92 10.40
N ASP A 15 1.40 -3.39 9.72
CA ASP A 15 0.26 -4.18 9.32
C ASP A 15 0.73 -5.36 8.49
N ILE A 16 1.63 -5.08 7.57
CA ILE A 16 2.18 -6.11 6.70
C ILE A 16 2.91 -7.15 7.56
N LEU A 17 3.70 -6.65 8.49
CA LEU A 17 4.46 -7.52 9.37
C LEU A 17 3.49 -8.43 10.13
N ALA A 18 2.26 -7.95 10.29
CA ALA A 18 1.24 -8.70 10.99
C ALA A 18 0.52 -9.62 10.00
N GLY A 19 1.11 -9.74 8.82
CA GLY A 19 0.55 -10.59 7.78
C GLY A 19 -0.79 -10.01 7.28
N ARG A 20 -1.85 -10.77 7.52
CA ARG A 20 -3.17 -10.35 7.09
C ARG A 20 -3.12 -9.76 5.67
N LYS A 21 -3.38 -10.62 4.70
CA LYS A 21 -3.37 -10.20 3.31
C LYS A 21 -3.98 -8.80 3.20
N THR A 22 -3.30 -7.95 2.45
CA THR A 22 -3.75 -6.58 2.26
C THR A 22 -3.56 -6.16 0.80
N ILE A 23 -4.47 -5.30 0.34
CA ILE A 23 -4.40 -4.81 -1.02
C ILE A 23 -3.74 -3.43 -1.04
N THR A 24 -3.11 -3.12 -2.16
CA THR A 24 -2.43 -1.84 -2.31
C THR A 24 -3.06 -1.04 -3.45
N ILE A 25 -2.62 0.20 -3.57
CA ILE A 25 -3.13 1.08 -4.61
C ILE A 25 -1.96 1.73 -5.35
N ARG A 26 -2.00 1.62 -6.67
CA ARG A 26 -0.96 2.19 -7.49
C ARG A 26 -1.56 3.13 -8.54
N ASP A 27 -0.67 3.83 -9.24
CA ASP A 27 -1.10 4.77 -10.26
C ASP A 27 -0.73 4.21 -11.64
N GLU A 28 -1.72 4.20 -12.52
CA GLU A 28 -1.51 3.70 -13.87
C GLU A 28 -0.33 4.42 -14.53
N SER A 29 -0.20 5.70 -14.20
CA SER A 29 0.87 6.50 -14.75
C SER A 29 2.21 5.96 -14.31
N GLU A 30 2.16 5.06 -13.34
CA GLU A 30 3.37 4.44 -12.82
C GLU A 30 3.32 2.92 -13.00
N SER A 31 2.34 2.49 -13.78
CA SER A 31 2.18 1.07 -14.05
C SER A 31 3.54 0.39 -14.17
N HIS A 32 3.69 -0.72 -13.47
CA HIS A 32 4.94 -1.47 -13.49
C HIS A 32 4.64 -2.96 -13.32
N PHE A 33 5.25 -3.53 -12.28
CA PHE A 33 5.06 -4.94 -11.99
C PHE A 33 3.59 -5.32 -12.11
N LYS A 34 3.34 -6.62 -11.96
CA LYS A 34 1.99 -7.14 -12.04
C LYS A 34 1.82 -8.30 -11.05
N THR A 35 0.77 -9.06 -11.26
CA THR A 35 0.49 -10.20 -10.39
C THR A 35 1.44 -11.35 -10.72
N GLY A 36 1.58 -12.25 -9.74
CA GLY A 36 2.45 -13.40 -9.91
C GLY A 36 3.92 -12.99 -9.80
N ASP A 37 4.14 -11.80 -9.27
CA ASP A 37 5.48 -11.28 -9.10
C ASP A 37 5.73 -10.94 -7.63
N VAL A 38 6.86 -10.29 -7.38
CA VAL A 38 7.21 -9.91 -6.03
C VAL A 38 7.04 -8.40 -5.87
N LEU A 39 6.68 -7.99 -4.66
CA LEU A 39 6.48 -6.59 -4.37
C LEU A 39 7.26 -6.21 -3.11
N ARG A 40 8.36 -5.50 -3.32
CA ARG A 40 9.20 -5.07 -2.22
C ARG A 40 8.50 -3.98 -1.40
N VAL A 41 8.55 -4.16 -0.08
CA VAL A 41 7.92 -3.21 0.82
C VAL A 41 9.00 -2.52 1.65
N GLY A 42 8.82 -1.22 1.86
CA GLY A 42 9.76 -0.45 2.63
C GLY A 42 9.04 0.54 3.55
N ARG A 43 9.61 1.74 3.68
CA ARG A 43 9.04 2.76 4.52
C ARG A 43 9.32 4.15 3.94
N PHE A 44 8.31 4.99 3.97
CA PHE A 44 8.44 6.34 3.46
C PHE A 44 9.25 7.22 4.42
N GLU A 45 9.12 6.91 5.70
CA GLU A 45 9.83 7.66 6.73
C GLU A 45 11.30 7.80 6.35
N ASP A 46 11.90 6.68 5.98
CA ASP A 46 13.30 6.67 5.59
C ASP A 46 13.81 5.22 5.57
N ASP A 47 13.26 4.42 6.47
CA ASP A 47 13.65 3.02 6.56
C ASP A 47 13.83 2.46 5.16
N GLY A 48 12.84 2.71 4.31
CA GLY A 48 12.87 2.24 2.95
C GLY A 48 12.74 0.71 2.90
N TYR A 49 13.30 0.14 1.83
CA TYR A 49 13.25 -1.30 1.65
C TYR A 49 13.41 -2.03 2.98
N PHE A 50 12.33 -2.67 3.41
CA PHE A 50 12.33 -3.41 4.67
C PHE A 50 12.28 -4.92 4.41
N CYS A 51 11.25 -5.32 3.68
CA CYS A 51 11.06 -6.72 3.35
C CYS A 51 10.45 -6.82 1.96
N THR A 52 10.14 -8.05 1.57
CA THR A 52 9.56 -8.29 0.27
C THR A 52 8.28 -9.13 0.40
N ILE A 53 7.40 -8.98 -0.59
CA ILE A 53 6.15 -9.71 -0.58
C ILE A 53 5.82 -10.14 -2.02
N GLU A 54 4.78 -10.95 -2.13
CA GLU A 54 4.34 -11.44 -3.43
C GLU A 54 2.89 -11.05 -3.69
N VAL A 55 2.61 -10.77 -4.95
CA VAL A 55 1.27 -10.38 -5.35
C VAL A 55 0.36 -11.61 -5.36
N THR A 56 -0.92 -11.38 -5.13
CA THR A 56 -1.89 -12.45 -5.11
C THR A 56 -3.03 -12.16 -6.09
N ALA A 57 -3.52 -10.93 -6.02
CA ALA A 57 -4.61 -10.50 -6.89
C ALA A 57 -4.46 -9.01 -7.18
N THR A 58 -5.28 -8.55 -8.13
CA THR A 58 -5.25 -7.14 -8.50
C THR A 58 -6.65 -6.69 -8.95
N SER A 59 -6.92 -5.41 -8.70
CA SER A 59 -8.21 -4.85 -9.06
C SER A 59 -8.07 -3.33 -9.24
N THR A 60 -9.13 -2.73 -9.78
CA THR A 60 -9.14 -1.30 -10.02
C THR A 60 -10.15 -0.63 -9.08
N VAL A 61 -9.60 0.05 -8.07
CA VAL A 61 -10.43 0.74 -7.10
C VAL A 61 -9.62 1.86 -6.44
N THR A 62 -10.31 2.64 -5.63
CA THR A 62 -9.67 3.74 -4.93
C THR A 62 -8.77 3.21 -3.81
N LEU A 63 -8.60 4.04 -2.79
CA LEU A 63 -7.75 3.66 -1.66
C LEU A 63 -8.65 3.25 -0.49
N ASP A 64 -9.38 4.23 0.03
CA ASP A 64 -10.28 3.98 1.15
C ASP A 64 -11.34 2.95 0.73
N THR A 65 -11.31 2.62 -0.55
CA THR A 65 -12.26 1.66 -1.10
C THR A 65 -11.85 0.23 -0.71
N LEU A 66 -10.72 0.14 -0.03
CA LEU A 66 -10.20 -1.15 0.40
C LEU A 66 -8.97 -0.93 1.30
N THR A 67 -8.12 -0.01 0.87
CA THR A 67 -6.92 0.29 1.62
C THR A 67 -7.23 0.39 3.12
N GLU A 68 -6.24 0.04 3.92
CA GLU A 68 -6.40 0.08 5.37
C GLU A 68 -7.00 1.42 5.80
N LYS A 69 -6.82 2.41 4.94
CA LYS A 69 -7.33 3.75 5.22
C LYS A 69 -8.80 3.64 5.65
N HIS A 70 -9.47 2.63 5.10
CA HIS A 70 -10.86 2.41 5.41
C HIS A 70 -11.02 2.09 6.91
N ALA A 71 -10.26 1.10 7.33
CA ALA A 71 -10.30 0.68 8.73
C ALA A 71 -9.93 1.87 9.63
N GLU A 72 -8.91 2.60 9.19
CA GLU A 72 -8.45 3.76 9.94
C GLU A 72 -9.55 4.83 9.99
N GLN A 73 -10.17 5.06 8.85
CA GLN A 73 -11.23 6.04 8.76
C GLN A 73 -12.30 5.76 9.80
N GLU A 74 -12.58 4.48 10.01
CA GLU A 74 -13.58 4.07 10.98
C GLU A 74 -12.92 3.81 12.34
N ASN A 75 -11.74 4.39 12.51
CA ASN A 75 -11.01 4.24 13.76
C ASN A 75 -10.46 5.60 14.20
N MET A 76 -9.64 6.18 13.33
CA MET A 76 -9.05 7.48 13.61
C MET A 76 -9.92 8.62 13.07
N THR A 77 -9.48 9.83 13.34
CA THR A 77 -10.21 11.01 12.90
C THR A 77 -9.85 11.34 11.45
N LEU A 78 -10.46 12.41 10.95
CA LEU A 78 -10.20 12.85 9.59
C LEU A 78 -8.79 13.40 9.49
N THR A 79 -8.37 14.08 10.55
CA THR A 79 -7.04 14.67 10.59
C THR A 79 -5.98 13.59 10.39
N GLU A 80 -6.06 12.56 11.23
CA GLU A 80 -5.12 11.47 11.16
C GLU A 80 -5.15 10.82 9.77
N LEU A 81 -6.36 10.52 9.33
CA LEU A 81 -6.55 9.90 8.03
C LEU A 81 -5.79 10.71 6.97
N LYS A 82 -6.00 12.02 7.01
CA LYS A 82 -5.35 12.90 6.06
C LYS A 82 -3.83 12.84 6.28
N LYS A 83 -3.45 12.64 7.53
CA LYS A 83 -2.05 12.55 7.88
C LYS A 83 -1.41 11.36 7.16
N VAL A 84 -2.04 10.21 7.34
CA VAL A 84 -1.55 8.98 6.71
C VAL A 84 -1.67 9.12 5.19
N ILE A 85 -2.76 9.73 4.76
CA ILE A 85 -3.01 9.92 3.34
C ILE A 85 -1.83 10.68 2.73
N ALA A 86 -1.31 11.64 3.49
CA ALA A 86 -0.18 12.43 3.03
C ALA A 86 1.09 11.59 3.09
N ASP A 87 1.15 10.73 4.09
CA ASP A 87 2.30 9.86 4.26
C ASP A 87 2.30 8.79 3.17
N ILE A 88 1.10 8.47 2.70
CA ILE A 88 0.94 7.46 1.67
C ILE A 88 0.96 8.14 0.30
N TYR A 89 0.04 9.07 0.13
CA TYR A 89 -0.07 9.80 -1.13
C TYR A 89 -1.43 10.47 -1.27
N PRO A 90 -1.49 11.46 -2.20
CA PRO A 90 -2.73 12.18 -2.44
C PRO A 90 -3.73 11.33 -3.23
N GLY A 91 -3.66 11.48 -4.54
CA GLY A 91 -4.55 10.72 -5.42
C GLY A 91 -5.88 10.42 -4.73
N GLN A 92 -6.81 11.36 -4.88
CA GLN A 92 -8.12 11.21 -4.28
C GLN A 92 -9.14 10.78 -5.33
N THR A 93 -8.73 9.81 -6.15
CA THR A 93 -9.60 9.31 -7.19
C THR A 93 -9.26 7.84 -7.50
N GLN A 94 -10.27 7.12 -7.96
CA GLN A 94 -10.09 5.71 -8.29
C GLN A 94 -8.71 5.49 -8.91
N PHE A 95 -8.15 4.32 -8.62
CA PHE A 95 -6.85 3.96 -9.15
C PHE A 95 -6.64 2.44 -9.13
N TYR A 96 -5.46 2.04 -9.57
CA TYR A 96 -5.13 0.62 -9.61
C TYR A 96 -4.83 0.08 -8.22
N VAL A 97 -5.23 -1.16 -8.00
CA VAL A 97 -5.01 -1.80 -6.71
C VAL A 97 -4.39 -3.18 -6.94
N ILE A 98 -3.34 -3.45 -6.18
CA ILE A 98 -2.65 -4.73 -6.29
C ILE A 98 -2.59 -5.39 -4.91
N GLU A 99 -3.08 -6.62 -4.86
CA GLU A 99 -3.09 -7.38 -3.62
C GLU A 99 -1.85 -8.27 -3.53
N PHE A 100 -1.51 -8.62 -2.30
CA PHE A 100 -0.35 -9.48 -2.05
C PHE A 100 -0.58 -10.38 -0.85
N LYS A 101 0.30 -11.36 -0.70
CA LYS A 101 0.20 -12.30 0.40
C LYS A 101 1.60 -12.55 0.97
N CYS A 102 1.66 -12.60 2.30
CA CYS A 102 2.92 -12.84 2.98
C CYS A 102 3.08 -14.34 3.21
N LEU A 103 4.18 -14.88 2.71
CA LEU A 103 4.47 -16.29 2.86
C LEU A 103 4.94 -16.57 4.28
N MET A 1 21.29 0.10 -8.86
CA MET A 1 20.78 -1.03 -9.64
C MET A 1 19.94 -1.96 -8.76
N GLN A 2 18.97 -1.36 -8.07
CA GLN A 2 18.10 -2.12 -7.20
C GLN A 2 17.11 -1.19 -6.49
N PRO A 3 16.21 -0.58 -7.32
CA PRO A 3 15.21 0.33 -6.79
C PRO A 3 14.09 -0.44 -6.09
N ASN A 4 13.19 0.32 -5.47
CA ASN A 4 12.08 -0.27 -4.76
C ASN A 4 10.87 -0.34 -5.69
N ASP A 5 9.94 -1.22 -5.34
CA ASP A 5 8.73 -1.39 -6.14
C ASP A 5 7.64 -0.46 -5.60
N ILE A 6 7.39 -0.56 -4.31
CA ILE A 6 6.38 0.26 -3.67
C ILE A 6 6.62 0.28 -2.16
N THR A 7 6.37 1.44 -1.57
CA THR A 7 6.55 1.62 -0.14
C THR A 7 5.20 1.66 0.57
N PHE A 8 5.26 1.67 1.89
CA PHE A 8 4.05 1.70 2.70
C PHE A 8 4.33 2.32 4.06
N PHE A 9 3.48 3.25 4.45
CA PHE A 9 3.61 3.93 5.74
C PHE A 9 4.04 2.94 6.83
N GLN A 10 4.54 3.50 7.91
CA GLN A 10 4.98 2.69 9.03
C GLN A 10 3.81 1.84 9.57
N ARG A 11 2.68 2.51 9.74
CA ARG A 11 1.49 1.84 10.25
C ARG A 11 1.13 0.66 9.34
N PHE A 12 1.30 0.86 8.05
CA PHE A 12 1.00 -0.17 7.07
C PHE A 12 1.91 -1.39 7.27
N GLN A 13 3.16 -1.11 7.56
CA GLN A 13 4.14 -2.17 7.78
C GLN A 13 3.77 -2.98 9.02
N ASP A 14 3.60 -2.26 10.12
CA ASP A 14 3.24 -2.90 11.38
C ASP A 14 1.94 -3.69 11.21
N ASP A 15 0.98 -3.03 10.54
CA ASP A 15 -0.31 -3.65 10.31
C ASP A 15 -0.11 -5.00 9.61
N ILE A 16 0.75 -4.98 8.60
CA ILE A 16 1.04 -6.19 7.84
C ILE A 16 1.59 -7.26 8.80
N LEU A 17 2.49 -6.83 9.67
CA LEU A 17 3.09 -7.74 10.63
C LEU A 17 2.00 -8.35 11.49
N ALA A 18 0.97 -7.57 11.74
CA ALA A 18 -0.16 -8.02 12.55
C ALA A 18 -1.31 -8.43 11.64
N GLY A 19 -0.98 -8.63 10.37
CA GLY A 19 -1.97 -9.02 9.39
C GLY A 19 -1.39 -10.00 8.37
N ARG A 20 -0.65 -9.46 7.43
CA ARG A 20 -0.04 -10.27 6.39
C ARG A 20 -1.00 -10.48 5.23
N LYS A 21 -1.91 -9.53 5.08
CA LYS A 21 -2.90 -9.60 4.02
C LYS A 21 -3.55 -8.23 3.85
N THR A 22 -3.08 -7.51 2.84
CA THR A 22 -3.61 -6.18 2.56
C THR A 22 -3.41 -5.83 1.08
N ILE A 23 -4.25 -4.92 0.61
CA ILE A 23 -4.18 -4.50 -0.78
C ILE A 23 -3.50 -3.12 -0.86
N THR A 24 -2.98 -2.82 -2.04
CA THR A 24 -2.31 -1.55 -2.25
C THR A 24 -2.90 -0.84 -3.47
N ILE A 25 -2.45 0.39 -3.67
CA ILE A 25 -2.92 1.20 -4.79
C ILE A 25 -1.72 1.78 -5.53
N ARG A 26 -1.84 1.83 -6.85
CA ARG A 26 -0.77 2.36 -7.68
C ARG A 26 -1.37 3.21 -8.81
N ASP A 27 -0.47 3.89 -9.53
CA ASP A 27 -0.89 4.72 -10.64
C ASP A 27 -0.68 3.98 -11.95
N GLU A 28 -1.73 3.96 -12.76
CA GLU A 28 -1.67 3.27 -14.04
C GLU A 28 -0.52 3.83 -14.88
N SER A 29 -0.34 5.14 -14.80
CA SER A 29 0.71 5.80 -15.54
C SER A 29 2.08 5.27 -15.09
N GLU A 30 2.07 4.58 -13.97
CA GLU A 30 3.28 4.01 -13.42
C GLU A 30 3.18 2.49 -13.32
N SER A 31 2.11 1.97 -13.91
CA SER A 31 1.87 0.53 -13.90
C SER A 31 3.19 -0.21 -14.11
N HIS A 32 3.62 -0.89 -13.04
CA HIS A 32 4.86 -1.65 -13.10
C HIS A 32 4.55 -3.14 -13.05
N PHE A 33 5.24 -3.82 -12.14
CA PHE A 33 5.05 -5.25 -11.98
C PHE A 33 3.56 -5.62 -12.02
N LYS A 34 3.31 -6.91 -12.10
CA LYS A 34 1.94 -7.40 -12.15
C LYS A 34 1.75 -8.48 -11.08
N THR A 35 0.67 -9.23 -11.23
CA THR A 35 0.36 -10.30 -10.29
C THR A 35 1.30 -11.48 -10.51
N GLY A 36 1.53 -12.23 -9.43
CA GLY A 36 2.40 -13.38 -9.50
C GLY A 36 3.87 -12.97 -9.35
N ASP A 37 4.10 -11.68 -9.50
CA ASP A 37 5.45 -11.15 -9.38
C ASP A 37 5.76 -10.84 -7.91
N VAL A 38 6.89 -10.18 -7.70
CA VAL A 38 7.30 -9.83 -6.35
C VAL A 38 7.14 -8.31 -6.16
N LEU A 39 6.89 -7.92 -4.92
CA LEU A 39 6.72 -6.52 -4.59
C LEU A 39 7.65 -6.15 -3.43
N ARG A 40 8.63 -5.33 -3.74
CA ARG A 40 9.59 -4.89 -2.73
C ARG A 40 8.92 -3.92 -1.74
N VAL A 41 8.72 -4.42 -0.53
CA VAL A 41 8.09 -3.62 0.51
C VAL A 41 9.15 -2.72 1.15
N GLY A 42 8.74 -1.49 1.43
CA GLY A 42 9.64 -0.53 2.06
C GLY A 42 8.85 0.55 2.80
N ARG A 43 9.44 1.03 3.89
CA ARG A 43 8.81 2.06 4.69
C ARG A 43 8.90 3.41 3.98
N PHE A 44 7.75 4.06 3.85
CA PHE A 44 7.68 5.35 3.20
C PHE A 44 8.45 6.41 3.99
N GLU A 45 8.54 6.17 5.29
CA GLU A 45 9.24 7.09 6.17
C GLU A 45 10.58 7.51 5.56
N ASP A 46 11.31 6.51 5.09
CA ASP A 46 12.61 6.74 4.48
C ASP A 46 13.37 5.43 4.37
N ASP A 47 13.14 4.56 5.35
CA ASP A 47 13.80 3.27 5.37
C ASP A 47 13.84 2.70 3.95
N GLY A 48 12.67 2.57 3.36
CA GLY A 48 12.56 2.03 2.02
C GLY A 48 13.17 0.63 1.93
N TYR A 49 12.72 -0.11 0.93
CA TYR A 49 13.21 -1.46 0.72
C TYR A 49 13.46 -2.16 2.05
N PHE A 50 12.37 -2.67 2.62
CA PHE A 50 12.46 -3.37 3.90
C PHE A 50 12.53 -4.89 3.68
N CYS A 51 11.65 -5.37 2.82
CA CYS A 51 11.60 -6.79 2.51
C CYS A 51 10.93 -6.97 1.15
N THR A 52 10.71 -8.22 0.80
CA THR A 52 10.07 -8.55 -0.48
C THR A 52 8.85 -9.43 -0.26
N ILE A 53 7.83 -9.17 -1.06
CA ILE A 53 6.59 -9.94 -0.97
C ILE A 53 6.14 -10.33 -2.37
N GLU A 54 5.11 -11.17 -2.42
CA GLU A 54 4.57 -11.64 -3.69
C GLU A 54 3.13 -11.16 -3.85
N VAL A 55 2.79 -10.83 -5.08
CA VAL A 55 1.45 -10.36 -5.39
C VAL A 55 0.47 -11.53 -5.31
N THR A 56 -0.74 -11.22 -4.86
CA THR A 56 -1.77 -12.23 -4.74
C THR A 56 -2.91 -11.96 -5.72
N ALA A 57 -3.34 -10.70 -5.75
CA ALA A 57 -4.42 -10.30 -6.63
C ALA A 57 -4.25 -8.83 -7.00
N THR A 58 -5.04 -8.40 -7.97
CA THR A 58 -4.98 -7.02 -8.42
C THR A 58 -6.31 -6.62 -9.08
N SER A 59 -6.73 -5.40 -8.78
CA SER A 59 -7.98 -4.88 -9.32
C SER A 59 -7.98 -3.35 -9.27
N THR A 60 -8.91 -2.77 -10.02
CA THR A 60 -9.03 -1.32 -10.07
C THR A 60 -10.06 -0.83 -9.05
N VAL A 61 -9.59 0.01 -8.14
CA VAL A 61 -10.45 0.55 -7.11
C VAL A 61 -9.83 1.84 -6.55
N THR A 62 -10.58 2.50 -5.68
CA THR A 62 -10.12 3.72 -5.07
C THR A 62 -9.12 3.42 -3.95
N LEU A 63 -9.01 4.35 -3.02
CA LEU A 63 -8.10 4.20 -1.90
C LEU A 63 -8.88 3.69 -0.68
N ASP A 64 -9.76 4.55 -0.18
CA ASP A 64 -10.56 4.20 0.98
C ASP A 64 -11.43 2.98 0.64
N THR A 65 -11.41 2.62 -0.63
CA THR A 65 -12.18 1.48 -1.09
C THR A 65 -11.53 0.17 -0.65
N LEU A 66 -10.37 0.31 0.00
CA LEU A 66 -9.64 -0.85 0.48
C LEU A 66 -8.46 -0.37 1.35
N THR A 67 -7.80 0.67 0.88
CA THR A 67 -6.67 1.23 1.60
C THR A 67 -6.98 1.31 3.09
N GLU A 68 -5.91 1.28 3.88
CA GLU A 68 -6.06 1.35 5.33
C GLU A 68 -6.98 2.51 5.72
N LYS A 69 -7.07 3.47 4.81
CA LYS A 69 -7.91 4.64 5.05
C LYS A 69 -9.29 4.17 5.52
N HIS A 70 -9.68 2.99 5.06
CA HIS A 70 -10.97 2.44 5.43
C HIS A 70 -10.94 2.02 6.90
N ALA A 71 -9.98 1.17 7.23
CA ALA A 71 -9.83 0.69 8.60
C ALA A 71 -9.63 1.88 9.53
N GLU A 72 -8.68 2.72 9.16
CA GLU A 72 -8.39 3.91 9.95
C GLU A 72 -9.61 4.82 10.04
N GLN A 73 -10.26 4.98 8.91
CA GLN A 73 -11.45 5.82 8.83
C GLN A 73 -12.44 5.44 9.94
N GLU A 74 -12.54 4.14 10.18
CA GLU A 74 -13.43 3.63 11.21
C GLU A 74 -12.65 3.28 12.48
N ASN A 75 -11.58 4.04 12.70
CA ASN A 75 -10.74 3.82 13.86
C ASN A 75 -10.15 5.16 14.31
N MET A 76 -9.40 5.78 13.41
CA MET A 76 -8.78 7.06 13.70
C MET A 76 -9.69 8.22 13.29
N THR A 77 -9.21 9.42 13.56
CA THR A 77 -9.97 10.61 13.24
C THR A 77 -9.73 11.02 11.78
N LEU A 78 -10.28 12.17 11.41
CA LEU A 78 -10.13 12.68 10.07
C LEU A 78 -8.68 13.14 9.85
N THR A 79 -8.15 13.79 10.87
CA THR A 79 -6.78 14.28 10.81
C THR A 79 -5.81 13.13 10.54
N GLU A 80 -6.00 12.06 11.29
CA GLU A 80 -5.15 10.88 11.15
C GLU A 80 -5.24 10.34 9.71
N LEU A 81 -6.46 10.34 9.19
CA LEU A 81 -6.69 9.85 7.84
C LEU A 81 -5.91 10.70 6.85
N LYS A 82 -5.87 12.00 7.14
CA LYS A 82 -5.16 12.93 6.27
C LYS A 82 -3.65 12.72 6.44
N LYS A 83 -3.28 12.28 7.63
CA LYS A 83 -1.88 12.04 7.93
C LYS A 83 -1.41 10.80 7.16
N VAL A 84 -2.14 9.71 7.33
CA VAL A 84 -1.80 8.47 6.65
C VAL A 84 -1.95 8.65 5.15
N ILE A 85 -2.99 9.38 4.77
CA ILE A 85 -3.26 9.64 3.37
C ILE A 85 -2.11 10.44 2.77
N ALA A 86 -1.60 11.37 3.56
CA ALA A 86 -0.48 12.20 3.13
C ALA A 86 0.81 11.41 3.22
N ASP A 87 0.77 10.37 4.04
CA ASP A 87 1.94 9.52 4.23
C ASP A 87 1.96 8.44 3.13
N ILE A 88 0.78 8.10 2.66
CA ILE A 88 0.65 7.09 1.62
C ILE A 88 0.84 7.75 0.26
N TYR A 89 0.00 8.74 -0.02
CA TYR A 89 0.07 9.45 -1.28
C TYR A 89 -1.11 10.40 -1.43
N PRO A 90 -0.80 11.64 -1.90
CA PRO A 90 -1.82 12.65 -2.09
C PRO A 90 -2.65 12.35 -3.35
N GLY A 91 -3.82 12.96 -3.41
CA GLY A 91 -4.71 12.77 -4.54
C GLY A 91 -5.82 11.78 -4.22
N GLN A 92 -7.05 12.24 -4.36
CA GLN A 92 -8.20 11.39 -4.09
C GLN A 92 -8.89 11.00 -5.39
N THR A 93 -8.33 9.98 -6.04
CA THR A 93 -8.88 9.49 -7.29
C THR A 93 -8.72 7.97 -7.39
N GLN A 94 -9.61 7.37 -8.15
CA GLN A 94 -9.57 5.93 -8.34
C GLN A 94 -8.35 5.53 -9.15
N PHE A 95 -7.83 4.34 -8.85
CA PHE A 95 -6.66 3.84 -9.55
C PHE A 95 -6.51 2.32 -9.35
N TYR A 96 -5.45 1.78 -9.92
CA TYR A 96 -5.18 0.36 -9.81
C TYR A 96 -4.86 -0.03 -8.36
N VAL A 97 -5.21 -1.25 -8.01
CA VAL A 97 -4.96 -1.76 -6.67
C VAL A 97 -4.31 -3.14 -6.76
N ILE A 98 -3.14 -3.25 -6.14
CA ILE A 98 -2.41 -4.50 -6.13
C ILE A 98 -2.41 -5.08 -4.72
N GLU A 99 -2.80 -6.35 -4.63
CA GLU A 99 -2.84 -7.02 -3.34
C GLU A 99 -1.58 -7.87 -3.15
N PHE A 100 -1.23 -8.07 -1.89
CA PHE A 100 -0.06 -8.86 -1.57
C PHE A 100 -0.33 -9.78 -0.36
N LYS A 101 0.39 -10.89 -0.34
CA LYS A 101 0.24 -11.85 0.74
C LYS A 101 1.53 -12.66 0.89
N CYS A 102 1.83 -13.02 2.12
CA CYS A 102 3.03 -13.79 2.40
C CYS A 102 2.65 -15.28 2.39
N LEU A 103 3.41 -16.04 1.62
CA LEU A 103 3.17 -17.47 1.52
C LEU A 103 3.77 -18.18 2.74
N MET A 1 17.99 -6.67 -8.48
CA MET A 1 17.15 -5.54 -8.13
C MET A 1 17.72 -4.78 -6.92
N GLN A 2 18.34 -3.64 -7.22
CA GLN A 2 18.92 -2.82 -6.18
C GLN A 2 17.85 -1.96 -5.51
N PRO A 3 17.08 -1.25 -6.37
CA PRO A 3 16.02 -0.39 -5.88
C PRO A 3 14.82 -1.21 -5.42
N ASN A 4 13.82 -0.50 -4.89
CA ASN A 4 12.61 -1.15 -4.40
C ASN A 4 11.57 -1.18 -5.52
N ASP A 5 10.44 -1.80 -5.21
CA ASP A 5 9.36 -1.91 -6.19
C ASP A 5 8.22 -0.98 -5.78
N ILE A 6 7.93 -0.98 -4.48
CA ILE A 6 6.88 -0.14 -3.96
C ILE A 6 7.00 -0.06 -2.43
N THR A 7 6.79 1.14 -1.91
CA THR A 7 6.89 1.37 -0.48
C THR A 7 5.49 1.41 0.14
N PHE A 8 5.47 1.55 1.46
CA PHE A 8 4.22 1.60 2.19
C PHE A 8 4.40 2.26 3.56
N PHE A 9 3.57 3.25 3.83
CA PHE A 9 3.63 3.97 5.10
C PHE A 9 3.99 3.01 6.25
N GLN A 10 4.58 3.58 7.28
CA GLN A 10 4.97 2.80 8.44
C GLN A 10 3.81 1.94 8.91
N ARG A 11 2.64 2.57 9.02
CA ARG A 11 1.45 1.86 9.47
C ARG A 11 1.28 0.56 8.68
N PHE A 12 1.71 0.60 7.43
CA PHE A 12 1.61 -0.57 6.57
C PHE A 12 2.67 -1.60 6.93
N GLN A 13 3.82 -1.11 7.38
CA GLN A 13 4.92 -1.98 7.76
C GLN A 13 4.52 -2.81 8.99
N ASP A 14 3.89 -2.15 9.94
CA ASP A 14 3.47 -2.80 11.16
C ASP A 14 2.33 -3.78 10.84
N ASP A 15 1.31 -3.24 10.18
CA ASP A 15 0.16 -4.05 9.81
C ASP A 15 0.63 -5.27 9.01
N ILE A 16 1.48 -5.00 8.03
CA ILE A 16 2.01 -6.07 7.20
C ILE A 16 2.68 -7.12 8.08
N LEU A 17 3.48 -6.64 9.02
CA LEU A 17 4.18 -7.54 9.92
C LEU A 17 3.16 -8.39 10.68
N ALA A 18 1.95 -7.87 10.77
CA ALA A 18 0.88 -8.59 11.44
C ALA A 18 0.37 -9.72 10.54
N GLY A 19 0.95 -9.79 9.35
CA GLY A 19 0.56 -10.81 8.40
C GLY A 19 -0.93 -10.75 8.09
N ARG A 20 -1.34 -9.62 7.54
CA ARG A 20 -2.74 -9.43 7.20
C ARG A 20 -2.88 -9.01 5.73
N LYS A 21 -3.16 -9.99 4.89
CA LYS A 21 -3.32 -9.73 3.47
C LYS A 21 -4.00 -8.38 3.27
N THR A 22 -3.19 -7.42 2.84
CA THR A 22 -3.69 -6.07 2.59
C THR A 22 -3.52 -5.70 1.12
N ILE A 23 -4.41 -4.82 0.66
CA ILE A 23 -4.38 -4.37 -0.71
C ILE A 23 -3.62 -3.05 -0.80
N THR A 24 -3.13 -2.76 -1.99
CA THR A 24 -2.37 -1.53 -2.22
C THR A 24 -2.91 -0.81 -3.45
N ILE A 25 -2.55 0.46 -3.55
CA ILE A 25 -2.98 1.28 -4.66
C ILE A 25 -1.76 1.83 -5.39
N ARG A 26 -1.85 1.88 -6.71
CA ARG A 26 -0.77 2.37 -7.53
C ARG A 26 -1.32 3.16 -8.73
N ASP A 27 -0.41 3.80 -9.44
CA ASP A 27 -0.78 4.59 -10.61
C ASP A 27 -0.47 3.79 -11.88
N GLU A 28 -1.44 3.78 -12.78
CA GLU A 28 -1.27 3.06 -14.03
C GLU A 28 0.06 3.41 -14.68
N SER A 29 0.30 4.70 -14.83
CA SER A 29 1.54 5.18 -15.42
C SER A 29 2.73 4.64 -14.63
N GLU A 30 2.45 4.21 -13.42
CA GLU A 30 3.49 3.67 -12.55
C GLU A 30 3.07 2.31 -12.00
N SER A 31 2.33 1.57 -12.80
CA SER A 31 1.85 0.26 -12.40
C SER A 31 3.03 -0.61 -11.99
N HIS A 32 2.74 -1.89 -11.79
CA HIS A 32 3.77 -2.84 -11.39
C HIS A 32 4.00 -3.85 -12.51
N PHE A 33 4.32 -5.07 -12.11
CA PHE A 33 4.57 -6.13 -13.07
C PHE A 33 3.31 -6.95 -13.32
N LYS A 34 2.89 -7.67 -12.31
CA LYS A 34 1.71 -8.50 -12.41
C LYS A 34 1.43 -9.18 -11.06
N THR A 35 0.58 -10.19 -11.10
CA THR A 35 0.23 -10.91 -9.89
C THR A 35 1.08 -12.19 -9.77
N GLY A 36 1.24 -12.63 -8.54
CA GLY A 36 2.02 -13.83 -8.27
C GLY A 36 3.52 -13.50 -8.18
N ASP A 37 3.86 -12.31 -8.65
CA ASP A 37 5.23 -11.87 -8.63
C ASP A 37 5.59 -11.38 -7.22
N VAL A 38 6.79 -10.83 -7.11
CA VAL A 38 7.27 -10.33 -5.84
C VAL A 38 7.23 -8.80 -5.84
N LEU A 39 6.85 -8.25 -4.69
CA LEU A 39 6.76 -6.80 -4.56
C LEU A 39 7.64 -6.36 -3.40
N ARG A 40 8.79 -5.79 -3.74
CA ARG A 40 9.73 -5.32 -2.72
C ARG A 40 9.04 -4.30 -1.82
N VAL A 41 8.95 -4.66 -0.55
CA VAL A 41 8.33 -3.78 0.44
C VAL A 41 9.41 -2.96 1.14
N GLY A 42 9.06 -1.72 1.45
CA GLY A 42 9.99 -0.82 2.12
C GLY A 42 9.26 0.07 3.12
N ARG A 43 9.56 1.36 3.04
CA ARG A 43 8.94 2.33 3.93
C ARG A 43 8.82 3.69 3.23
N PHE A 44 7.60 4.22 3.25
CA PHE A 44 7.34 5.51 2.62
C PHE A 44 8.02 6.65 3.40
N GLU A 45 8.14 6.43 4.71
CA GLU A 45 8.76 7.42 5.56
C GLU A 45 10.11 7.86 4.98
N ASP A 46 10.91 6.88 4.62
CA ASP A 46 12.22 7.15 4.05
C ASP A 46 13.06 5.88 4.09
N ASP A 47 12.81 5.07 5.10
CA ASP A 47 13.54 3.82 5.26
C ASP A 47 13.71 3.16 3.89
N GLY A 48 12.59 2.96 3.22
CA GLY A 48 12.61 2.34 1.90
C GLY A 48 12.69 0.81 2.01
N TYR A 49 13.34 0.22 1.02
CA TYR A 49 13.49 -1.23 1.00
C TYR A 49 13.65 -1.79 2.41
N PHE A 50 12.94 -2.88 2.67
CA PHE A 50 13.01 -3.52 3.97
C PHE A 50 12.90 -5.04 3.84
N CYS A 51 11.90 -5.46 3.08
CA CYS A 51 11.68 -6.88 2.87
C CYS A 51 11.03 -7.08 1.50
N THR A 52 10.69 -8.32 1.20
CA THR A 52 10.06 -8.64 -0.06
C THR A 52 8.71 -9.33 0.17
N ILE A 53 7.75 -8.97 -0.68
CA ILE A 53 6.42 -9.54 -0.57
C ILE A 53 6.01 -10.12 -1.93
N GLU A 54 4.89 -10.82 -1.93
CA GLU A 54 4.38 -11.42 -3.15
C GLU A 54 2.93 -11.01 -3.38
N VAL A 55 2.63 -10.67 -4.63
CA VAL A 55 1.29 -10.25 -4.99
C VAL A 55 0.35 -11.46 -4.91
N THR A 56 -0.94 -11.16 -4.89
CA THR A 56 -1.96 -12.20 -4.81
C THR A 56 -3.11 -11.89 -5.76
N ALA A 57 -3.55 -10.64 -5.73
CA ALA A 57 -4.64 -10.21 -6.58
C ALA A 57 -4.41 -8.75 -7.00
N THR A 58 -5.22 -8.31 -7.95
CA THR A 58 -5.12 -6.95 -8.45
C THR A 58 -6.45 -6.50 -9.06
N SER A 59 -6.80 -5.25 -8.76
CA SER A 59 -8.04 -4.69 -9.27
C SER A 59 -7.97 -3.16 -9.26
N THR A 60 -8.93 -2.55 -9.94
CA THR A 60 -8.98 -1.11 -10.03
C THR A 60 -10.01 -0.55 -9.04
N VAL A 61 -9.53 0.26 -8.12
CA VAL A 61 -10.39 0.86 -7.12
C VAL A 61 -9.71 2.10 -6.53
N THR A 62 -10.45 2.79 -5.67
CA THR A 62 -9.93 3.99 -5.03
C THR A 62 -8.97 3.62 -3.91
N LEU A 63 -8.86 4.53 -2.95
CA LEU A 63 -7.99 4.30 -1.80
C LEU A 63 -8.81 3.79 -0.63
N ASP A 64 -9.68 4.66 -0.13
CA ASP A 64 -10.54 4.30 0.99
C ASP A 64 -11.43 3.14 0.60
N THR A 65 -11.38 2.79 -0.68
CA THR A 65 -12.18 1.70 -1.20
C THR A 65 -11.57 0.35 -0.79
N LEU A 66 -10.43 0.43 -0.12
CA LEU A 66 -9.75 -0.77 0.33
C LEU A 66 -8.57 -0.37 1.22
N THR A 67 -7.86 0.66 0.79
CA THR A 67 -6.72 1.15 1.55
C THR A 67 -7.03 1.18 3.04
N GLU A 68 -5.98 1.06 3.84
CA GLU A 68 -6.13 1.07 5.28
C GLU A 68 -6.98 2.27 5.72
N LYS A 69 -7.01 3.28 4.86
CA LYS A 69 -7.76 4.49 5.15
C LYS A 69 -9.18 4.09 5.59
N HIS A 70 -9.66 2.99 5.04
CA HIS A 70 -10.98 2.50 5.37
C HIS A 70 -11.00 2.00 6.82
N ALA A 71 -10.09 1.07 7.10
CA ALA A 71 -10.00 0.50 8.43
C ALA A 71 -9.77 1.63 9.45
N GLU A 72 -9.01 2.63 9.01
CA GLU A 72 -8.72 3.77 9.87
C GLU A 72 -9.97 4.64 10.05
N GLN A 73 -10.64 4.88 8.93
CA GLN A 73 -11.85 5.69 8.96
C GLN A 73 -12.81 5.19 10.04
N GLU A 74 -12.80 3.88 10.23
CA GLU A 74 -13.66 3.26 11.22
C GLU A 74 -12.87 2.94 12.49
N ASN A 75 -11.85 3.75 12.74
CA ASN A 75 -11.01 3.56 13.90
C ASN A 75 -10.44 4.93 14.34
N MET A 76 -9.71 5.55 13.43
CA MET A 76 -9.11 6.84 13.71
C MET A 76 -10.06 7.98 13.31
N THR A 77 -9.60 9.19 13.56
CA THR A 77 -10.39 10.37 13.23
C THR A 77 -10.06 10.85 11.82
N LEU A 78 -10.53 12.05 11.51
CA LEU A 78 -10.29 12.65 10.21
C LEU A 78 -8.82 13.05 10.10
N THR A 79 -8.30 13.59 11.20
CA THR A 79 -6.92 14.02 11.23
C THR A 79 -5.99 12.86 10.85
N GLU A 80 -6.13 11.77 11.58
CA GLU A 80 -5.31 10.59 11.33
C GLU A 80 -5.45 10.15 9.87
N LEU A 81 -6.69 10.15 9.41
CA LEU A 81 -6.98 9.74 8.04
C LEU A 81 -6.23 10.66 7.08
N LYS A 82 -6.13 11.92 7.48
CA LYS A 82 -5.44 12.92 6.66
C LYS A 82 -3.93 12.65 6.70
N LYS A 83 -3.49 12.12 7.84
CA LYS A 83 -2.08 11.82 8.02
C LYS A 83 -1.68 10.68 7.08
N VAL A 84 -2.43 9.60 7.16
CA VAL A 84 -2.17 8.43 6.32
C VAL A 84 -2.28 8.85 4.85
N ILE A 85 -3.28 9.65 4.57
CA ILE A 85 -3.51 10.12 3.21
C ILE A 85 -2.27 10.90 2.73
N ALA A 86 -1.74 11.70 3.64
CA ALA A 86 -0.57 12.50 3.33
C ALA A 86 0.66 11.59 3.24
N ASP A 87 0.56 10.44 3.90
CA ASP A 87 1.65 9.49 3.91
C ASP A 87 1.56 8.61 2.65
N ILE A 88 0.34 8.45 2.18
CA ILE A 88 0.10 7.65 0.99
C ILE A 88 0.32 8.50 -0.26
N TYR A 89 -0.43 9.59 -0.33
CA TYR A 89 -0.32 10.51 -1.46
C TYR A 89 -1.55 11.40 -1.55
N PRO A 90 -1.29 12.69 -1.96
CA PRO A 90 -2.37 13.65 -2.10
C PRO A 90 -3.20 13.37 -3.36
N GLY A 91 -4.48 13.70 -3.26
CA GLY A 91 -5.39 13.50 -4.38
C GLY A 91 -6.35 12.34 -4.10
N GLN A 92 -7.64 12.64 -4.21
CA GLN A 92 -8.66 11.65 -3.97
C GLN A 92 -9.24 11.15 -5.29
N THR A 93 -8.43 10.37 -6.01
CA THR A 93 -8.84 9.82 -7.28
C THR A 93 -8.65 8.30 -7.31
N GLN A 94 -9.47 7.65 -8.11
CA GLN A 94 -9.40 6.20 -8.23
C GLN A 94 -8.18 5.79 -9.05
N PHE A 95 -7.69 4.60 -8.78
CA PHE A 95 -6.53 4.08 -9.49
C PHE A 95 -6.40 2.56 -9.30
N TYR A 96 -5.35 2.02 -9.88
CA TYR A 96 -5.11 0.59 -9.80
C TYR A 96 -4.83 0.17 -8.36
N VAL A 97 -5.18 -1.08 -8.06
CA VAL A 97 -4.97 -1.62 -6.73
C VAL A 97 -4.42 -3.04 -6.84
N ILE A 98 -3.27 -3.25 -6.19
CA ILE A 98 -2.63 -4.55 -6.21
C ILE A 98 -2.65 -5.14 -4.80
N GLU A 99 -3.24 -6.32 -4.69
CA GLU A 99 -3.34 -6.99 -3.41
C GLU A 99 -2.20 -8.02 -3.26
N PHE A 100 -1.73 -8.17 -2.04
CA PHE A 100 -0.66 -9.11 -1.76
C PHE A 100 -0.82 -9.71 -0.36
N LYS A 101 -0.07 -10.78 -0.12
CA LYS A 101 -0.12 -11.46 1.16
C LYS A 101 1.31 -11.86 1.57
N CYS A 102 1.52 -11.92 2.87
CA CYS A 102 2.82 -12.29 3.40
C CYS A 102 2.84 -13.81 3.62
N LEU A 103 3.86 -14.44 3.05
CA LEU A 103 4.01 -15.87 3.17
C LEU A 103 5.36 -16.20 3.80
N MET A 1 14.29 -3.05 -12.62
CA MET A 1 14.54 -4.08 -11.62
C MET A 1 15.76 -3.73 -10.77
N GLN A 2 15.49 -3.14 -9.62
CA GLN A 2 16.55 -2.74 -8.71
C GLN A 2 16.00 -1.79 -7.64
N PRO A 3 15.35 -0.71 -8.11
CA PRO A 3 14.78 0.29 -7.21
C PRO A 3 13.50 -0.24 -6.56
N ASN A 4 13.00 0.54 -5.61
CA ASN A 4 11.78 0.16 -4.90
C ASN A 4 10.61 0.14 -5.89
N ASP A 5 9.56 -0.56 -5.49
CA ASP A 5 8.38 -0.67 -6.34
C ASP A 5 7.26 0.19 -5.74
N ILE A 6 7.09 0.06 -4.44
CA ILE A 6 6.07 0.82 -3.73
C ILE A 6 6.35 0.78 -2.23
N THR A 7 5.93 1.84 -1.55
CA THR A 7 6.13 1.95 -0.12
C THR A 7 4.78 1.91 0.62
N PHE A 8 4.86 1.70 1.92
CA PHE A 8 3.66 1.65 2.74
C PHE A 8 3.98 1.99 4.19
N PHE A 9 3.26 2.98 4.71
CA PHE A 9 3.46 3.41 6.08
C PHE A 9 3.55 2.20 7.03
N GLN A 10 3.87 2.50 8.28
CA GLN A 10 3.99 1.46 9.29
C GLN A 10 2.66 0.74 9.47
N ARG A 11 1.59 1.53 9.47
CA ARG A 11 0.26 0.98 9.64
C ARG A 11 0.03 -0.19 8.68
N PHE A 12 0.50 0.00 7.45
CA PHE A 12 0.36 -1.03 6.44
C PHE A 12 1.18 -2.28 6.80
N GLN A 13 2.34 -2.03 7.40
CA GLN A 13 3.21 -3.11 7.80
C GLN A 13 2.58 -3.92 8.93
N ASP A 14 2.05 -3.20 9.91
CA ASP A 14 1.41 -3.84 11.05
C ASP A 14 0.24 -4.69 10.56
N ASP A 15 -0.58 -4.09 9.71
CA ASP A 15 -1.73 -4.79 9.16
C ASP A 15 -1.26 -6.03 8.40
N ILE A 16 -0.14 -5.86 7.70
CA ILE A 16 0.42 -6.96 6.93
C ILE A 16 0.80 -8.10 7.88
N LEU A 17 1.45 -7.72 8.97
CA LEU A 17 1.88 -8.70 9.96
C LEU A 17 0.66 -9.45 10.49
N ALA A 18 -0.49 -8.80 10.39
CA ALA A 18 -1.73 -9.40 10.84
C ALA A 18 -2.34 -10.23 9.71
N GLY A 19 -1.52 -10.48 8.70
CA GLY A 19 -1.97 -11.26 7.55
C GLY A 19 -3.00 -10.47 6.73
N ARG A 20 -4.15 -11.09 6.54
CA ARG A 20 -5.21 -10.47 5.77
C ARG A 20 -4.65 -9.79 4.52
N LYS A 21 -4.67 -10.55 3.43
CA LYS A 21 -4.16 -10.04 2.16
C LYS A 21 -4.52 -8.55 2.03
N THR A 22 -3.52 -7.72 2.26
CA THR A 22 -3.72 -6.28 2.16
C THR A 22 -3.66 -5.82 0.71
N ILE A 23 -4.56 -4.91 0.37
CA ILE A 23 -4.62 -4.38 -0.98
C ILE A 23 -3.99 -2.99 -1.01
N THR A 24 -3.40 -2.67 -2.15
CA THR A 24 -2.75 -1.37 -2.33
C THR A 24 -3.31 -0.66 -3.56
N ILE A 25 -2.90 0.59 -3.72
CA ILE A 25 -3.35 1.39 -4.85
C ILE A 25 -2.13 1.87 -5.64
N ARG A 26 -2.28 1.86 -6.95
CA ARG A 26 -1.21 2.30 -7.83
C ARG A 26 -1.77 3.12 -8.99
N ASP A 27 -0.85 3.71 -9.75
CA ASP A 27 -1.25 4.52 -10.89
C ASP A 27 -1.04 3.72 -12.18
N GLU A 28 -2.06 3.75 -13.03
CA GLU A 28 -1.99 3.04 -14.29
C GLU A 28 -0.82 3.54 -15.13
N SER A 29 -0.59 4.84 -15.05
CA SER A 29 0.50 5.46 -15.79
C SER A 29 1.85 5.00 -15.22
N GLU A 30 1.77 4.30 -14.11
CA GLU A 30 2.97 3.79 -13.46
C GLU A 30 2.94 2.27 -13.39
N SER A 31 1.88 1.70 -13.95
CA SER A 31 1.72 0.27 -13.97
C SER A 31 3.08 -0.42 -14.18
N HIS A 32 3.49 -1.16 -13.17
CA HIS A 32 4.76 -1.87 -13.24
C HIS A 32 4.53 -3.37 -13.14
N PHE A 33 5.25 -4.00 -12.21
CA PHE A 33 5.13 -5.43 -12.01
C PHE A 33 3.66 -5.86 -12.03
N LYS A 34 3.46 -7.17 -12.09
CA LYS A 34 2.12 -7.73 -12.12
C LYS A 34 1.96 -8.72 -10.96
N THR A 35 0.85 -9.45 -11.01
CA THR A 35 0.57 -10.43 -9.97
C THR A 35 1.50 -11.64 -10.12
N GLY A 36 1.76 -12.28 -8.98
CA GLY A 36 2.62 -13.45 -8.97
C GLY A 36 4.10 -13.02 -8.87
N ASP A 37 4.33 -11.75 -9.10
CA ASP A 37 5.68 -11.20 -9.05
C ASP A 37 5.99 -10.75 -7.61
N VAL A 38 7.10 -10.05 -7.48
CA VAL A 38 7.51 -9.55 -6.17
C VAL A 38 7.31 -8.04 -6.12
N LEU A 39 6.97 -7.56 -4.94
CA LEU A 39 6.74 -6.14 -4.74
C LEU A 39 7.67 -5.63 -3.63
N ARG A 40 8.60 -4.78 -4.05
CA ARG A 40 9.56 -4.21 -3.10
C ARG A 40 8.85 -3.30 -2.10
N VAL A 41 9.21 -3.49 -0.84
CA VAL A 41 8.61 -2.70 0.23
C VAL A 41 9.72 -2.06 1.07
N GLY A 42 9.32 -1.09 1.88
CA GLY A 42 10.27 -0.41 2.74
C GLY A 42 9.58 0.73 3.52
N ARG A 43 9.15 0.40 4.72
CA ARG A 43 8.48 1.38 5.57
C ARG A 43 9.46 2.45 6.03
N PHE A 44 9.01 3.69 5.98
CA PHE A 44 9.85 4.81 6.38
C PHE A 44 10.04 4.81 7.91
N GLU A 45 9.03 4.33 8.61
CA GLU A 45 9.07 4.28 10.05
C GLU A 45 10.43 3.73 10.52
N ASP A 46 10.87 2.69 9.84
CA ASP A 46 12.14 2.06 10.17
C ASP A 46 13.26 2.73 9.36
N ASP A 47 12.92 3.09 8.14
CA ASP A 47 13.89 3.74 7.26
C ASP A 47 13.29 3.86 5.86
N GLY A 48 12.82 2.73 5.35
CA GLY A 48 12.23 2.69 4.02
C GLY A 48 12.65 1.44 3.27
N TYR A 49 13.00 1.63 2.00
CA TYR A 49 13.44 0.54 1.16
C TYR A 49 14.28 -0.46 1.96
N PHE A 50 13.63 -1.53 2.40
CA PHE A 50 14.30 -2.55 3.17
C PHE A 50 13.35 -3.71 3.49
N CYS A 51 12.46 -3.98 2.55
CA CYS A 51 11.49 -5.05 2.73
C CYS A 51 11.13 -5.60 1.35
N THR A 52 10.44 -6.73 1.36
CA THR A 52 10.03 -7.36 0.12
C THR A 52 8.75 -8.17 0.33
N ILE A 53 7.91 -8.17 -0.70
CA ILE A 53 6.65 -8.88 -0.64
C ILE A 53 6.34 -9.47 -2.01
N GLU A 54 5.32 -10.32 -2.05
CA GLU A 54 4.91 -10.96 -3.28
C GLU A 54 3.42 -10.70 -3.54
N VAL A 55 3.13 -10.31 -4.77
CA VAL A 55 1.75 -10.04 -5.17
C VAL A 55 0.92 -11.30 -5.00
N THR A 56 -0.39 -11.11 -4.96
CA THR A 56 -1.30 -12.22 -4.80
C THR A 56 -2.53 -12.04 -5.70
N ALA A 57 -3.07 -10.82 -5.67
CA ALA A 57 -4.24 -10.51 -6.47
C ALA A 57 -4.18 -9.04 -6.88
N THR A 58 -5.07 -8.67 -7.80
CA THR A 58 -5.12 -7.30 -8.28
C THR A 58 -6.54 -6.96 -8.74
N SER A 59 -6.92 -5.72 -8.52
CA SER A 59 -8.25 -5.25 -8.90
C SER A 59 -8.25 -3.73 -9.08
N THR A 60 -9.33 -3.22 -9.65
CA THR A 60 -9.45 -1.80 -9.88
C THR A 60 -10.39 -1.17 -8.84
N VAL A 61 -9.80 -0.35 -7.99
CA VAL A 61 -10.56 0.31 -6.94
C VAL A 61 -9.80 1.55 -6.46
N THR A 62 -10.44 2.30 -5.58
CA THR A 62 -9.83 3.50 -5.03
C THR A 62 -8.91 3.15 -3.87
N LEU A 63 -8.75 4.13 -2.98
CA LEU A 63 -7.89 3.94 -1.82
C LEU A 63 -8.76 3.56 -0.62
N ASP A 64 -9.52 4.55 -0.13
CA ASP A 64 -10.39 4.33 1.01
C ASP A 64 -11.35 3.18 0.70
N THR A 65 -11.33 2.77 -0.56
CA THR A 65 -12.18 1.67 -0.99
C THR A 65 -11.60 0.33 -0.56
N LEU A 66 -10.48 0.41 0.13
CA LEU A 66 -9.81 -0.80 0.60
C LEU A 66 -8.57 -0.40 1.41
N THR A 67 -7.86 0.60 0.90
CA THR A 67 -6.66 1.08 1.57
C THR A 67 -6.90 1.19 3.07
N GLU A 68 -5.81 1.04 3.82
CA GLU A 68 -5.87 1.13 5.27
C GLU A 68 -6.65 2.37 5.70
N LYS A 69 -6.69 3.35 4.81
CA LYS A 69 -7.39 4.59 5.09
C LYS A 69 -8.79 4.27 5.60
N HIS A 70 -9.30 3.14 5.15
CA HIS A 70 -10.63 2.72 5.57
C HIS A 70 -10.60 2.25 7.02
N ALA A 71 -9.70 1.30 7.28
CA ALA A 71 -9.56 0.76 8.62
C ALA A 71 -9.25 1.91 9.60
N GLU A 72 -8.44 2.85 9.13
CA GLU A 72 -8.08 3.99 9.94
C GLU A 72 -9.26 4.94 10.10
N GLN A 73 -9.95 5.17 8.98
CA GLN A 73 -11.11 6.05 8.98
C GLN A 73 -12.06 5.68 10.12
N GLU A 74 -12.16 4.39 10.38
CA GLU A 74 -13.02 3.90 11.43
C GLU A 74 -12.21 3.68 12.72
N ASN A 75 -11.12 4.43 12.83
CA ASN A 75 -10.27 4.33 14.00
C ASN A 75 -9.69 5.71 14.32
N MET A 76 -8.90 6.21 13.38
CA MET A 76 -8.27 7.52 13.55
C MET A 76 -9.17 8.62 12.98
N THR A 77 -8.69 9.85 13.12
CA THR A 77 -9.43 11.00 12.64
C THR A 77 -8.92 11.42 11.26
N LEU A 78 -9.62 12.38 10.67
CA LEU A 78 -9.24 12.87 9.35
C LEU A 78 -7.79 13.34 9.38
N THR A 79 -7.39 13.88 10.53
CA THR A 79 -6.04 14.37 10.69
C THR A 79 -5.03 13.25 10.42
N GLU A 80 -5.17 12.17 11.16
CA GLU A 80 -4.29 11.02 11.00
C GLU A 80 -4.44 10.43 9.59
N LEU A 81 -5.67 10.28 9.17
CA LEU A 81 -5.96 9.74 7.85
C LEU A 81 -5.20 10.55 6.80
N LYS A 82 -5.18 11.86 6.99
CA LYS A 82 -4.50 12.75 6.07
C LYS A 82 -2.99 12.56 6.21
N LYS A 83 -2.58 12.29 7.44
CA LYS A 83 -1.16 12.08 7.73
C LYS A 83 -0.67 10.85 6.96
N VAL A 84 -1.36 9.74 7.16
CA VAL A 84 -1.01 8.50 6.50
C VAL A 84 -1.18 8.67 5.00
N ILE A 85 -2.33 9.18 4.62
CA ILE A 85 -2.63 9.40 3.21
C ILE A 85 -1.49 10.19 2.56
N ALA A 86 -1.02 11.19 3.30
CA ALA A 86 0.07 12.03 2.82
C ALA A 86 1.38 11.24 2.87
N ASP A 87 1.40 10.24 3.74
CA ASP A 87 2.58 9.41 3.89
C ASP A 87 2.60 8.36 2.78
N ILE A 88 1.42 7.99 2.33
CA ILE A 88 1.30 7.00 1.27
C ILE A 88 1.30 7.71 -0.08
N TYR A 89 0.28 8.53 -0.29
CA TYR A 89 0.16 9.27 -1.53
C TYR A 89 -1.20 9.97 -1.62
N PRO A 90 -1.17 11.21 -2.21
CA PRO A 90 -2.38 11.99 -2.35
C PRO A 90 -3.27 11.43 -3.47
N GLY A 91 -4.27 12.22 -3.84
CA GLY A 91 -5.19 11.82 -4.89
C GLY A 91 -6.23 10.83 -4.35
N GLN A 92 -7.47 11.27 -4.35
CA GLN A 92 -8.56 10.44 -3.87
C GLN A 92 -9.53 10.11 -5.01
N THR A 93 -9.04 9.31 -5.94
CA THR A 93 -9.84 8.92 -7.10
C THR A 93 -9.55 7.47 -7.48
N GLN A 94 -10.55 6.83 -8.06
CA GLN A 94 -10.41 5.45 -8.49
C GLN A 94 -9.04 5.23 -9.13
N PHE A 95 -8.48 4.06 -8.89
CA PHE A 95 -7.18 3.71 -9.44
C PHE A 95 -6.96 2.20 -9.40
N TYR A 96 -5.78 1.80 -9.83
CA TYR A 96 -5.42 0.40 -9.85
C TYR A 96 -5.02 -0.09 -8.46
N VAL A 97 -5.58 -1.23 -8.08
CA VAL A 97 -5.29 -1.81 -6.78
C VAL A 97 -4.59 -3.16 -6.97
N ILE A 98 -3.58 -3.39 -6.15
CA ILE A 98 -2.82 -4.62 -6.21
C ILE A 98 -2.74 -5.24 -4.81
N GLU A 99 -3.29 -6.45 -4.71
CA GLU A 99 -3.30 -7.15 -3.44
C GLU A 99 -2.11 -8.12 -3.36
N PHE A 100 -1.52 -8.20 -2.19
CA PHE A 100 -0.38 -9.07 -1.97
C PHE A 100 -0.35 -9.59 -0.53
N LYS A 101 0.52 -10.56 -0.31
CA LYS A 101 0.67 -11.15 1.01
C LYS A 101 2.14 -11.13 1.43
N CYS A 102 2.35 -11.14 2.73
CA CYS A 102 3.72 -11.12 3.26
C CYS A 102 4.28 -12.54 3.17
N LEU A 103 5.17 -12.72 2.20
CA LEU A 103 5.80 -14.01 2.00
C LEU A 103 6.18 -14.61 3.35
N MET A 1 21.40 -0.85 -9.57
CA MET A 1 21.07 -2.22 -9.20
C MET A 1 19.58 -2.51 -9.40
N GLN A 2 18.81 -2.22 -8.35
CA GLN A 2 17.37 -2.45 -8.40
C GLN A 2 16.68 -1.61 -7.33
N PRO A 3 15.94 -0.57 -7.80
CA PRO A 3 15.21 0.31 -6.90
C PRO A 3 13.96 -0.38 -6.35
N ASN A 4 13.34 0.28 -5.39
CA ASN A 4 12.13 -0.25 -4.78
C ASN A 4 11.03 -0.36 -5.84
N ASP A 5 9.98 -1.07 -5.47
CA ASP A 5 8.85 -1.26 -6.38
C ASP A 5 7.66 -0.45 -5.88
N ILE A 6 7.48 -0.47 -4.56
CA ILE A 6 6.38 0.25 -3.95
C ILE A 6 6.63 0.36 -2.44
N THR A 7 6.31 1.53 -1.91
CA THR A 7 6.50 1.78 -0.49
C THR A 7 5.16 1.67 0.25
N PHE A 8 5.25 1.48 1.55
CA PHE A 8 4.07 1.37 2.38
C PHE A 8 4.29 2.00 3.76
N PHE A 9 3.47 2.99 4.06
CA PHE A 9 3.56 3.69 5.34
C PHE A 9 3.83 2.71 6.47
N GLN A 10 4.36 3.25 7.56
CA GLN A 10 4.68 2.43 8.72
C GLN A 10 3.48 1.56 9.10
N ARG A 11 2.35 2.22 9.30
CA ARG A 11 1.12 1.53 9.67
C ARG A 11 0.86 0.38 8.69
N PHE A 12 0.94 0.70 7.41
CA PHE A 12 0.71 -0.30 6.37
C PHE A 12 1.77 -1.40 6.43
N GLN A 13 2.97 -1.00 6.81
CA GLN A 13 4.07 -1.94 6.91
C GLN A 13 3.82 -2.95 8.05
N ASP A 14 3.42 -2.40 9.19
CA ASP A 14 3.14 -3.22 10.35
C ASP A 14 2.05 -4.23 10.01
N ASP A 15 0.97 -3.72 9.43
CA ASP A 15 -0.15 -4.56 9.05
C ASP A 15 0.36 -5.70 8.15
N ILE A 16 1.14 -5.30 7.15
CA ILE A 16 1.68 -6.28 6.21
C ILE A 16 2.53 -7.30 6.98
N LEU A 17 3.30 -6.79 7.93
CA LEU A 17 4.16 -7.65 8.74
C LEU A 17 3.29 -8.68 9.46
N ALA A 18 2.02 -8.34 9.63
CA ALA A 18 1.09 -9.23 10.29
C ALA A 18 0.71 -10.37 9.34
N GLY A 19 1.24 -10.29 8.13
CA GLY A 19 0.96 -11.29 7.12
C GLY A 19 -0.55 -11.42 6.87
N ARG A 20 -1.21 -10.28 6.89
CA ARG A 20 -2.65 -10.25 6.66
C ARG A 20 -2.95 -9.77 5.25
N LYS A 21 -3.26 -10.73 4.39
CA LYS A 21 -3.58 -10.42 3.01
C LYS A 21 -4.36 -9.11 2.94
N THR A 22 -3.66 -8.07 2.51
CA THR A 22 -4.28 -6.76 2.41
C THR A 22 -4.12 -6.21 0.99
N ILE A 23 -5.02 -5.32 0.62
CA ILE A 23 -5.00 -4.70 -0.70
C ILE A 23 -4.35 -3.33 -0.60
N THR A 24 -3.79 -2.89 -1.72
CA THR A 24 -3.15 -1.59 -1.78
C THR A 24 -3.49 -0.88 -3.08
N ILE A 25 -3.04 0.37 -3.19
CA ILE A 25 -3.31 1.17 -4.37
C ILE A 25 -1.98 1.67 -4.94
N ARG A 26 -1.90 1.68 -6.26
CA ARG A 26 -0.70 2.13 -6.94
C ARG A 26 -1.07 3.04 -8.12
N ASP A 27 -0.04 3.64 -8.69
CA ASP A 27 -0.24 4.55 -9.82
C ASP A 27 0.08 3.81 -11.12
N GLU A 28 -0.83 3.92 -12.06
CA GLU A 28 -0.66 3.27 -13.35
C GLU A 28 0.69 3.66 -13.97
N SER A 29 0.99 4.95 -13.88
CA SER A 29 2.23 5.47 -14.43
C SER A 29 3.42 4.80 -13.75
N GLU A 30 3.14 4.21 -12.59
CA GLU A 30 4.18 3.53 -11.83
C GLU A 30 3.82 2.06 -11.64
N SER A 31 2.87 1.60 -12.45
CA SER A 31 2.42 0.22 -12.38
C SER A 31 3.61 -0.70 -12.09
N HIS A 32 3.30 -1.85 -11.52
CA HIS A 32 4.32 -2.83 -11.18
C HIS A 32 4.47 -3.83 -12.33
N PHE A 33 4.70 -5.08 -11.94
CA PHE A 33 4.85 -6.14 -12.92
C PHE A 33 3.52 -6.86 -13.17
N LYS A 34 3.05 -7.55 -12.14
CA LYS A 34 1.80 -8.28 -12.22
C LYS A 34 1.63 -9.13 -10.96
N THR A 35 0.61 -9.98 -11.00
CA THR A 35 0.31 -10.85 -9.88
C THR A 35 1.22 -12.08 -9.91
N GLY A 36 1.44 -12.64 -8.73
CA GLY A 36 2.28 -13.83 -8.61
C GLY A 36 3.76 -13.45 -8.53
N ASP A 37 4.03 -12.19 -8.88
CA ASP A 37 5.39 -11.69 -8.86
C ASP A 37 5.73 -11.19 -7.45
N VAL A 38 6.86 -10.52 -7.35
CA VAL A 38 7.31 -9.99 -6.07
C VAL A 38 7.15 -8.46 -6.08
N LEU A 39 6.96 -7.91 -4.88
CA LEU A 39 6.80 -6.48 -4.74
C LEU A 39 7.67 -5.98 -3.58
N ARG A 40 8.72 -5.27 -3.94
CA ARG A 40 9.63 -4.73 -2.94
C ARG A 40 8.89 -3.77 -2.02
N VAL A 41 9.07 -3.99 -0.73
CA VAL A 41 8.42 -3.13 0.27
C VAL A 41 9.50 -2.31 1.00
N GLY A 42 9.19 -1.03 1.18
CA GLY A 42 10.12 -0.14 1.85
C GLY A 42 9.49 0.44 3.12
N ARG A 43 9.65 1.74 3.28
CA ARG A 43 9.11 2.43 4.44
C ARG A 43 9.56 3.89 4.46
N PHE A 44 8.58 4.77 4.57
CA PHE A 44 8.87 6.20 4.59
C PHE A 44 9.41 6.62 5.96
N GLU A 45 9.03 5.86 6.98
CA GLU A 45 9.47 6.15 8.33
C GLU A 45 10.95 6.55 8.33
N ASP A 46 11.69 5.96 7.41
CA ASP A 46 13.11 6.24 7.29
C ASP A 46 13.46 6.50 5.82
N ASP A 47 13.04 5.58 4.98
CA ASP A 47 13.30 5.69 3.55
C ASP A 47 13.06 4.34 2.88
N GLY A 48 13.13 3.29 3.70
CA GLY A 48 12.92 1.94 3.19
C GLY A 48 13.37 0.91 4.22
N TYR A 49 12.55 -0.13 4.37
CA TYR A 49 12.85 -1.19 5.31
C TYR A 49 13.72 -2.27 4.66
N PHE A 50 13.75 -2.23 3.33
CA PHE A 50 14.54 -3.20 2.58
C PHE A 50 13.96 -4.62 2.74
N CYS A 51 12.70 -4.75 2.32
CA CYS A 51 12.03 -6.04 2.41
C CYS A 51 11.39 -6.34 1.05
N THR A 52 10.63 -7.42 1.01
CA THR A 52 9.96 -7.82 -0.21
C THR A 52 8.66 -8.58 0.11
N ILE A 53 7.75 -8.54 -0.84
CA ILE A 53 6.47 -9.21 -0.68
C ILE A 53 6.07 -9.86 -2.00
N GLU A 54 5.04 -10.71 -1.92
CA GLU A 54 4.54 -11.40 -3.09
C GLU A 54 3.09 -11.02 -3.36
N VAL A 55 2.79 -10.80 -4.64
CA VAL A 55 1.44 -10.43 -5.04
C VAL A 55 0.54 -11.66 -4.98
N THR A 56 -0.75 -11.40 -4.92
CA THR A 56 -1.73 -12.48 -4.86
C THR A 56 -2.91 -12.18 -5.78
N ALA A 57 -3.37 -10.94 -5.73
CA ALA A 57 -4.49 -10.53 -6.56
C ALA A 57 -4.34 -9.04 -6.89
N THR A 58 -5.17 -8.59 -7.82
CA THR A 58 -5.13 -7.20 -8.23
C THR A 58 -6.53 -6.75 -8.68
N SER A 59 -6.78 -5.45 -8.51
CA SER A 59 -8.05 -4.88 -8.88
C SER A 59 -7.91 -3.38 -9.11
N THR A 60 -8.96 -2.79 -9.67
CA THR A 60 -8.96 -1.37 -9.97
C THR A 60 -10.03 -0.66 -9.13
N VAL A 61 -9.58 0.07 -8.12
CA VAL A 61 -10.47 0.79 -7.25
C VAL A 61 -9.72 1.96 -6.59
N THR A 62 -10.48 2.78 -5.89
CA THR A 62 -9.91 3.92 -5.21
C THR A 62 -9.03 3.47 -4.03
N LEU A 63 -8.89 4.36 -3.06
CA LEU A 63 -8.08 4.06 -1.90
C LEU A 63 -9.01 3.67 -0.73
N ASP A 64 -9.69 4.68 -0.21
CA ASP A 64 -10.61 4.46 0.90
C ASP A 64 -11.64 3.39 0.49
N THR A 65 -11.61 3.04 -0.78
CA THR A 65 -12.53 2.04 -1.29
C THR A 65 -12.10 0.64 -0.84
N LEU A 66 -10.97 0.60 -0.17
CA LEU A 66 -10.44 -0.66 0.32
C LEU A 66 -9.19 -0.40 1.16
N THR A 67 -8.40 0.55 0.71
CA THR A 67 -7.18 0.91 1.41
C THR A 67 -7.42 0.95 2.92
N GLU A 68 -6.37 0.68 3.67
CA GLU A 68 -6.46 0.69 5.12
C GLU A 68 -7.07 1.99 5.61
N LYS A 69 -6.96 3.02 4.78
CA LYS A 69 -7.49 4.32 5.12
C LYS A 69 -8.93 4.16 5.61
N HIS A 70 -9.66 3.27 4.95
CA HIS A 70 -11.05 3.01 5.32
C HIS A 70 -11.10 2.44 6.74
N ALA A 71 -10.33 1.38 6.96
CA ALA A 71 -10.28 0.74 8.26
C ALA A 71 -10.01 1.79 9.34
N GLU A 72 -9.07 2.67 9.03
CA GLU A 72 -8.70 3.73 9.95
C GLU A 72 -9.85 4.72 10.11
N GLN A 73 -10.46 5.07 8.99
CA GLN A 73 -11.57 6.00 8.99
C GLN A 73 -12.61 5.58 10.03
N GLU A 74 -12.75 4.28 10.19
CA GLU A 74 -13.71 3.73 11.15
C GLU A 74 -13.02 3.49 12.49
N ASN A 75 -11.90 4.18 12.68
CA ASN A 75 -11.15 4.04 13.91
C ASN A 75 -10.57 5.41 14.31
N MET A 76 -9.71 5.92 13.44
CA MET A 76 -9.09 7.22 13.66
C MET A 76 -9.92 8.35 13.08
N THR A 77 -9.45 9.56 13.28
CA THR A 77 -10.14 10.74 12.77
C THR A 77 -9.71 11.04 11.33
N LEU A 78 -10.30 12.09 10.78
CA LEU A 78 -9.98 12.48 9.42
C LEU A 78 -8.55 13.02 9.38
N THR A 79 -8.18 13.74 10.43
CA THR A 79 -6.85 14.31 10.51
C THR A 79 -5.79 13.21 10.39
N GLU A 80 -5.90 12.22 11.27
CA GLU A 80 -4.96 11.11 11.28
C GLU A 80 -4.91 10.46 9.89
N LEU A 81 -6.10 10.24 9.33
CA LEU A 81 -6.20 9.63 8.02
C LEU A 81 -5.48 10.50 6.99
N LYS A 82 -5.50 11.81 7.25
CA LYS A 82 -4.86 12.75 6.36
C LYS A 82 -3.33 12.62 6.48
N LYS A 83 -2.90 12.34 7.70
CA LYS A 83 -1.48 12.17 7.96
C LYS A 83 -0.97 10.92 7.24
N VAL A 84 -1.64 9.81 7.51
CA VAL A 84 -1.26 8.55 6.90
C VAL A 84 -1.44 8.65 5.37
N ILE A 85 -2.55 9.24 4.97
CA ILE A 85 -2.84 9.41 3.56
C ILE A 85 -1.70 10.17 2.89
N ALA A 86 -1.21 11.19 3.60
CA ALA A 86 -0.12 12.01 3.10
C ALA A 86 1.17 11.19 3.13
N ASP A 87 1.21 10.24 4.05
CA ASP A 87 2.38 9.40 4.19
C ASP A 87 2.35 8.30 3.12
N ILE A 88 1.14 7.96 2.70
CA ILE A 88 0.96 6.94 1.68
C ILE A 88 1.01 7.60 0.30
N TYR A 89 0.12 8.56 0.10
CA TYR A 89 0.04 9.27 -1.17
C TYR A 89 -1.27 10.04 -1.29
N PRO A 90 -1.18 11.20 -1.98
CA PRO A 90 -2.35 12.05 -2.17
C PRO A 90 -3.29 11.46 -3.23
N GLY A 91 -4.19 12.30 -3.71
CA GLY A 91 -5.14 11.87 -4.73
C GLY A 91 -6.18 10.92 -4.12
N GLN A 92 -7.43 11.39 -4.13
CA GLN A 92 -8.51 10.59 -3.60
C GLN A 92 -9.50 10.22 -4.71
N THR A 93 -8.95 9.64 -5.77
CA THR A 93 -9.76 9.24 -6.91
C THR A 93 -9.41 7.82 -7.34
N GLN A 94 -10.39 7.15 -7.93
CA GLN A 94 -10.19 5.78 -8.39
C GLN A 94 -8.75 5.60 -8.89
N PHE A 95 -8.23 4.41 -8.64
CA PHE A 95 -6.87 4.09 -9.05
C PHE A 95 -6.64 2.58 -9.06
N TYR A 96 -5.42 2.19 -9.39
CA TYR A 96 -5.06 0.79 -9.44
C TYR A 96 -4.86 0.23 -8.03
N VAL A 97 -5.30 -1.01 -7.86
CA VAL A 97 -5.17 -1.68 -6.57
C VAL A 97 -4.56 -3.06 -6.78
N ILE A 98 -3.59 -3.37 -5.92
CA ILE A 98 -2.91 -4.66 -6.00
C ILE A 98 -2.95 -5.32 -4.63
N GLU A 99 -3.53 -6.52 -4.60
CA GLU A 99 -3.63 -7.27 -3.35
C GLU A 99 -2.47 -8.26 -3.23
N PHE A 100 -1.87 -8.28 -2.06
CA PHE A 100 -0.75 -9.18 -1.81
C PHE A 100 -0.71 -9.61 -0.33
N LYS A 101 0.13 -10.59 -0.06
CA LYS A 101 0.28 -11.09 1.30
C LYS A 101 1.75 -11.28 1.61
N CYS A 102 2.06 -11.29 2.90
CA CYS A 102 3.43 -11.46 3.35
C CYS A 102 3.68 -12.96 3.56
N LEU A 103 4.71 -13.45 2.91
CA LEU A 103 5.07 -14.86 3.02
C LEU A 103 5.83 -15.09 4.34
N MET A 1 20.59 -1.53 -9.20
CA MET A 1 20.22 -0.31 -9.89
C MET A 1 18.71 -0.24 -10.13
N GLN A 2 17.97 -0.73 -9.15
CA GLN A 2 16.52 -0.74 -9.24
C GLN A 2 15.90 -0.27 -7.92
N PRO A 3 15.07 0.81 -8.03
CA PRO A 3 14.41 1.37 -6.86
C PRO A 3 13.26 0.47 -6.40
N ASN A 4 12.66 0.85 -5.29
CA ASN A 4 11.55 0.10 -4.73
C ASN A 4 10.44 -0.02 -5.78
N ASP A 5 9.43 -0.80 -5.44
CA ASP A 5 8.31 -1.00 -6.35
C ASP A 5 7.03 -0.45 -5.71
N ILE A 6 6.94 -0.64 -4.40
CA ILE A 6 5.79 -0.16 -3.66
C ILE A 6 6.18 0.06 -2.20
N THR A 7 5.73 1.19 -1.66
CA THR A 7 6.03 1.54 -0.28
C THR A 7 4.82 1.28 0.60
N PHE A 8 5.08 1.20 1.90
CA PHE A 8 4.02 0.95 2.86
C PHE A 8 4.30 1.67 4.19
N PHE A 9 3.44 2.64 4.49
CA PHE A 9 3.59 3.41 5.72
C PHE A 9 3.80 2.48 6.92
N GLN A 10 4.21 3.09 8.03
CA GLN A 10 4.45 2.34 9.25
C GLN A 10 3.22 1.53 9.62
N ARG A 11 2.07 2.19 9.54
CA ARG A 11 0.81 1.53 9.86
C ARG A 11 0.55 0.37 8.91
N PHE A 12 0.73 0.63 7.63
CA PHE A 12 0.52 -0.38 6.61
C PHE A 12 1.54 -1.51 6.76
N GLN A 13 2.76 -1.13 7.07
CA GLN A 13 3.83 -2.10 7.24
C GLN A 13 3.54 -3.01 8.44
N ASP A 14 3.15 -2.38 9.53
CA ASP A 14 2.84 -3.10 10.75
C ASP A 14 1.74 -4.13 10.47
N ASP A 15 0.71 -3.66 9.77
CA ASP A 15 -0.41 -4.51 9.42
C ASP A 15 0.11 -5.74 8.66
N ILE A 16 0.96 -5.46 7.68
CA ILE A 16 1.54 -6.53 6.87
C ILE A 16 2.23 -7.53 7.78
N LEU A 17 2.95 -7.01 8.76
CA LEU A 17 3.67 -7.85 9.71
C LEU A 17 2.68 -8.77 10.42
N ALA A 18 1.43 -8.31 10.46
CA ALA A 18 0.38 -9.08 11.11
C ALA A 18 -0.02 -10.25 10.21
N GLY A 19 0.54 -10.26 9.01
CA GLY A 19 0.26 -11.31 8.06
C GLY A 19 -1.03 -11.01 7.28
N ARG A 20 -2.05 -10.62 8.03
CA ARG A 20 -3.34 -10.30 7.43
C ARG A 20 -3.14 -9.59 6.09
N LYS A 21 -3.27 -10.35 5.02
CA LYS A 21 -3.11 -9.80 3.68
C LYS A 21 -3.80 -8.44 3.61
N THR A 22 -3.35 -7.63 2.66
CA THR A 22 -3.92 -6.31 2.48
C THR A 22 -3.75 -5.85 1.02
N ILE A 23 -4.68 -5.02 0.59
CA ILE A 23 -4.65 -4.51 -0.77
C ILE A 23 -4.00 -3.12 -0.77
N THR A 24 -3.43 -2.78 -1.92
CA THR A 24 -2.76 -1.49 -2.08
C THR A 24 -3.34 -0.73 -3.26
N ILE A 25 -2.90 0.51 -3.40
CA ILE A 25 -3.37 1.35 -4.49
C ILE A 25 -2.17 2.02 -5.16
N ARG A 26 -2.19 2.00 -6.49
CA ARG A 26 -1.11 2.60 -7.26
C ARG A 26 -1.69 3.41 -8.43
N ASP A 27 -0.80 4.14 -9.08
CA ASP A 27 -1.20 4.96 -10.21
C ASP A 27 -0.89 4.21 -11.52
N GLU A 28 -1.90 4.16 -12.38
CA GLU A 28 -1.75 3.48 -13.66
C GLU A 28 -0.44 3.91 -14.34
N SER A 29 -0.22 5.21 -14.36
CA SER A 29 0.98 5.75 -14.98
C SER A 29 2.22 5.14 -14.32
N GLU A 30 2.02 4.63 -13.11
CA GLU A 30 3.11 4.02 -12.38
C GLU A 30 2.70 2.64 -11.87
N SER A 31 1.78 2.03 -12.60
CA SER A 31 1.29 0.70 -12.23
C SER A 31 1.38 -0.24 -13.44
N HIS A 32 2.46 -1.00 -13.48
CA HIS A 32 2.67 -1.93 -14.57
C HIS A 32 3.46 -3.15 -14.06
N PHE A 33 2.80 -4.29 -14.08
CA PHE A 33 3.42 -5.52 -13.62
C PHE A 33 2.48 -6.71 -13.78
N LYS A 34 2.73 -7.74 -12.97
CA LYS A 34 1.91 -8.94 -13.01
C LYS A 34 1.69 -9.45 -11.59
N THR A 35 0.72 -10.35 -11.44
CA THR A 35 0.41 -10.92 -10.15
C THR A 35 1.32 -12.12 -9.88
N GLY A 36 1.30 -12.55 -8.62
CA GLY A 36 2.10 -13.69 -8.21
C GLY A 36 3.60 -13.37 -8.30
N ASP A 37 3.88 -12.08 -8.45
CA ASP A 37 5.25 -11.62 -8.55
C ASP A 37 5.70 -11.07 -7.19
N VAL A 38 6.88 -10.46 -7.20
CA VAL A 38 7.43 -9.88 -5.99
C VAL A 38 7.19 -8.37 -5.99
N LEU A 39 7.04 -7.82 -4.80
CA LEU A 39 6.81 -6.40 -4.64
C LEU A 39 7.69 -5.85 -3.53
N ARG A 40 8.65 -5.02 -3.93
CA ARG A 40 9.57 -4.43 -2.98
C ARG A 40 8.79 -3.62 -1.93
N VAL A 41 9.12 -3.87 -0.67
CA VAL A 41 8.47 -3.17 0.42
C VAL A 41 9.51 -2.31 1.16
N GLY A 42 9.11 -1.07 1.44
CA GLY A 42 9.98 -0.14 2.14
C GLY A 42 9.17 0.89 2.91
N ARG A 43 9.59 1.11 4.15
CA ARG A 43 8.91 2.08 5.01
C ARG A 43 9.55 3.46 4.86
N PHE A 44 8.70 4.43 4.56
CA PHE A 44 9.16 5.80 4.39
C PHE A 44 9.53 6.43 5.75
N GLU A 45 8.90 5.91 6.79
CA GLU A 45 9.15 6.41 8.13
C GLU A 45 10.65 6.66 8.33
N ASP A 46 11.44 5.74 7.81
CA ASP A 46 12.89 5.85 7.93
C ASP A 46 13.49 6.09 6.54
N ASP A 47 13.09 5.25 5.60
CA ASP A 47 13.58 5.36 4.23
C ASP A 47 13.26 4.08 3.47
N GLY A 48 13.14 2.99 4.23
CA GLY A 48 12.84 1.70 3.63
C GLY A 48 13.46 0.57 4.45
N TYR A 49 12.66 -0.47 4.65
CA TYR A 49 13.10 -1.63 5.42
C TYR A 49 13.89 -2.59 4.52
N PHE A 50 13.90 -2.29 3.24
CA PHE A 50 14.61 -3.11 2.28
C PHE A 50 14.13 -4.56 2.35
N CYS A 51 12.83 -4.73 2.25
CA CYS A 51 12.22 -6.05 2.30
C CYS A 51 11.58 -6.35 0.94
N THR A 52 10.86 -7.45 0.89
CA THR A 52 10.19 -7.85 -0.33
C THR A 52 8.93 -8.66 -0.01
N ILE A 53 7.97 -8.58 -0.92
CA ILE A 53 6.71 -9.29 -0.75
C ILE A 53 6.29 -9.89 -2.10
N GLU A 54 5.24 -10.69 -2.04
CA GLU A 54 4.72 -11.33 -3.24
C GLU A 54 3.26 -10.95 -3.45
N VAL A 55 2.94 -10.66 -4.71
CA VAL A 55 1.59 -10.28 -5.07
C VAL A 55 0.67 -11.50 -4.95
N THR A 56 -0.61 -11.21 -4.76
CA THR A 56 -1.60 -12.28 -4.64
C THR A 56 -2.77 -12.03 -5.60
N ALA A 57 -3.21 -10.77 -5.64
CA ALA A 57 -4.31 -10.40 -6.51
C ALA A 57 -4.21 -8.91 -6.83
N THR A 58 -5.03 -8.48 -7.78
CA THR A 58 -5.05 -7.09 -8.19
C THR A 58 -6.45 -6.69 -8.68
N SER A 59 -6.76 -5.42 -8.49
CA SER A 59 -8.05 -4.90 -8.90
C SER A 59 -7.97 -3.39 -9.12
N THR A 60 -9.02 -2.85 -9.70
CA THR A 60 -9.08 -1.42 -9.98
C THR A 60 -10.14 -0.75 -9.11
N VAL A 61 -9.66 0.02 -8.15
CA VAL A 61 -10.56 0.72 -7.24
C VAL A 61 -9.84 1.94 -6.64
N THR A 62 -10.60 2.73 -5.91
CA THR A 62 -10.03 3.91 -5.28
C THR A 62 -9.11 3.52 -4.12
N LEU A 63 -8.99 4.43 -3.16
CA LEU A 63 -8.15 4.18 -2.00
C LEU A 63 -9.03 3.78 -0.81
N ASP A 64 -9.76 4.76 -0.29
CA ASP A 64 -10.64 4.53 0.83
C ASP A 64 -11.66 3.45 0.47
N THR A 65 -11.66 3.09 -0.81
CA THR A 65 -12.58 2.08 -1.31
C THR A 65 -12.17 0.70 -0.79
N LEU A 66 -11.00 0.66 -0.17
CA LEU A 66 -10.49 -0.59 0.37
C LEU A 66 -9.25 -0.30 1.22
N THR A 67 -8.42 0.61 0.73
CA THR A 67 -7.22 0.99 1.43
C THR A 67 -7.49 1.12 2.93
N GLU A 68 -6.44 0.92 3.71
CA GLU A 68 -6.55 1.02 5.15
C GLU A 68 -7.31 2.29 5.55
N LYS A 69 -7.29 3.26 4.65
CA LYS A 69 -7.97 4.52 4.89
C LYS A 69 -9.39 4.24 5.38
N HIS A 70 -9.93 3.12 4.93
CA HIS A 70 -11.27 2.73 5.31
C HIS A 70 -11.26 2.18 6.74
N ALA A 71 -10.35 1.24 6.97
CA ALA A 71 -10.24 0.64 8.28
C ALA A 71 -10.02 1.73 9.33
N GLU A 72 -9.03 2.57 9.06
CA GLU A 72 -8.71 3.65 9.97
C GLU A 72 -9.88 4.64 10.04
N GLN A 73 -10.45 4.92 8.88
CA GLN A 73 -11.57 5.84 8.80
C GLN A 73 -12.62 5.49 9.85
N GLU A 74 -12.77 4.19 10.09
CA GLU A 74 -13.73 3.72 11.07
C GLU A 74 -13.04 3.46 12.41
N ASN A 75 -11.95 4.16 12.63
CA ASN A 75 -11.19 4.01 13.86
C ASN A 75 -10.55 5.36 14.23
N MET A 76 -9.69 5.84 13.34
CA MET A 76 -9.02 7.10 13.56
C MET A 76 -9.81 8.26 12.97
N THR A 77 -9.29 9.46 13.16
CA THR A 77 -9.94 10.65 12.65
C THR A 77 -9.53 10.91 11.20
N LEU A 78 -10.08 11.98 10.64
CA LEU A 78 -9.77 12.34 9.26
C LEU A 78 -8.34 12.86 9.19
N THR A 79 -7.96 13.61 10.21
CA THR A 79 -6.62 14.17 10.26
C THR A 79 -5.56 13.06 10.15
N GLU A 80 -5.67 12.09 11.05
CA GLU A 80 -4.75 10.98 11.06
C GLU A 80 -4.70 10.31 9.68
N LEU A 81 -5.88 10.06 9.14
CA LEU A 81 -5.99 9.43 7.83
C LEU A 81 -5.25 10.28 6.80
N LYS A 82 -5.28 11.58 7.02
CA LYS A 82 -4.63 12.52 6.12
C LYS A 82 -3.12 12.38 6.27
N LYS A 83 -2.69 12.11 7.50
CA LYS A 83 -1.28 11.96 7.78
C LYS A 83 -0.75 10.72 7.07
N VAL A 84 -1.41 9.60 7.32
CA VAL A 84 -1.03 8.34 6.72
C VAL A 84 -1.18 8.45 5.20
N ILE A 85 -2.31 8.98 4.78
CA ILE A 85 -2.58 9.15 3.35
C ILE A 85 -1.45 9.95 2.72
N ALA A 86 -1.00 10.96 3.45
CA ALA A 86 0.08 11.81 2.96
C ALA A 86 1.39 11.03 2.99
N ASP A 87 1.45 10.05 3.89
CA ASP A 87 2.64 9.23 4.04
C ASP A 87 2.62 8.14 2.96
N ILE A 88 1.42 7.78 2.55
CA ILE A 88 1.27 6.75 1.53
C ILE A 88 1.36 7.39 0.14
N TYR A 89 0.49 8.36 -0.09
CA TYR A 89 0.46 9.05 -1.36
C TYR A 89 -0.86 9.80 -1.55
N PRO A 90 -0.80 10.89 -2.36
CA PRO A 90 -1.99 11.69 -2.64
C PRO A 90 -2.92 10.98 -3.61
N GLY A 91 -3.81 11.75 -4.20
CA GLY A 91 -4.77 11.21 -5.15
C GLY A 91 -5.99 10.63 -4.44
N GLN A 92 -7.12 11.29 -4.63
CA GLN A 92 -8.36 10.87 -4.01
C GLN A 92 -9.37 10.46 -5.08
N THR A 93 -8.87 9.78 -6.10
CA THR A 93 -9.72 9.33 -7.19
C THR A 93 -9.37 7.88 -7.57
N GLN A 94 -10.38 7.19 -8.09
CA GLN A 94 -10.19 5.80 -8.50
C GLN A 94 -8.77 5.59 -9.02
N PHE A 95 -8.25 4.40 -8.76
CA PHE A 95 -6.91 4.05 -9.20
C PHE A 95 -6.70 2.54 -9.18
N TYR A 96 -5.48 2.14 -9.53
CA TYR A 96 -5.15 0.72 -9.57
C TYR A 96 -4.85 0.20 -8.16
N VAL A 97 -5.42 -0.95 -7.86
CA VAL A 97 -5.23 -1.58 -6.56
C VAL A 97 -4.57 -2.94 -6.74
N ILE A 98 -3.51 -3.15 -5.98
CA ILE A 98 -2.78 -4.42 -6.05
C ILE A 98 -2.80 -5.09 -4.68
N GLU A 99 -3.31 -6.32 -4.66
CA GLU A 99 -3.39 -7.07 -3.42
C GLU A 99 -2.19 -8.02 -3.30
N PHE A 100 -1.73 -8.19 -2.07
CA PHE A 100 -0.60 -9.06 -1.81
C PHE A 100 -0.72 -9.70 -0.42
N LYS A 101 0.20 -10.63 -0.16
CA LYS A 101 0.21 -11.32 1.12
C LYS A 101 1.65 -11.66 1.49
N CYS A 102 1.90 -11.72 2.79
CA CYS A 102 3.23 -12.03 3.29
C CYS A 102 3.29 -13.55 3.54
N LEU A 103 4.30 -14.16 2.93
CA LEU A 103 4.49 -15.60 3.07
C LEU A 103 5.08 -15.89 4.46
#